data_1WIL
#
_entry.id   1WIL
#
_cell.length_a   1.000
_cell.length_b   1.000
_cell.length_c   1.000
_cell.angle_alpha   90.00
_cell.angle_beta   90.00
_cell.angle_gamma   90.00
#
_symmetry.space_group_name_H-M   'P 1'
#
loop_
_entity.id
_entity.type
_entity.pdbx_description
1 polymer 'KIAA1045 protein'
2 non-polymer 'ZINC ION'
#
_entity_poly.entity_id   1
_entity_poly.type   'polypeptide(L)'
_entity_poly.pdbx_seq_one_letter_code
;GSSGSSGPREPVVNDEMCDVCEVWTAESLFPCRVCTRVFHDGCLRRMGYIQGDSAAEVTEMAHTETGWSCHYCDNINLLL
TEESGPSSG
;
_entity_poly.pdbx_strand_id   A
#
loop_
_chem_comp.id
_chem_comp.type
_chem_comp.name
_chem_comp.formula
ZN non-polymer 'ZINC ION' 'Zn 2'
#
# COMPACT_ATOMS: atom_id res chain seq x y z
N GLY A 1 -9.71 0.96 32.77
CA GLY A 1 -9.60 0.35 31.45
C GLY A 1 -9.66 -1.16 31.50
N SER A 2 -8.68 -1.81 30.90
CA SER A 2 -8.63 -3.27 30.88
C SER A 2 -7.25 -3.76 30.48
N SER A 3 -6.80 -4.84 31.12
CA SER A 3 -5.49 -5.41 30.84
C SER A 3 -5.56 -6.94 30.80
N GLY A 4 -4.73 -7.54 29.95
CA GLY A 4 -4.71 -8.98 29.84
C GLY A 4 -3.96 -9.46 28.62
N SER A 5 -2.66 -9.70 28.78
CA SER A 5 -1.83 -10.16 27.67
C SER A 5 -0.51 -10.71 28.19
N SER A 6 -0.19 -11.94 27.78
CA SER A 6 1.05 -12.59 28.21
C SER A 6 1.74 -13.25 27.02
N GLY A 7 2.92 -13.81 27.27
CA GLY A 7 3.68 -14.47 26.22
C GLY A 7 5.05 -13.85 26.02
N PRO A 8 6.05 -14.40 26.72
CA PRO A 8 7.44 -13.91 26.63
C PRO A 8 8.08 -14.21 25.27
N ARG A 9 7.30 -14.84 24.40
CA ARG A 9 7.79 -15.19 23.07
C ARG A 9 7.18 -14.28 22.00
N GLU A 10 7.94 -13.27 21.59
CA GLU A 10 7.46 -12.33 20.58
C GLU A 10 7.66 -12.89 19.18
N PRO A 11 6.67 -12.64 18.29
CA PRO A 11 6.71 -13.11 16.91
C PRO A 11 7.78 -12.40 16.09
N VAL A 12 8.22 -13.04 15.02
CA VAL A 12 9.24 -12.46 14.14
C VAL A 12 8.85 -11.06 13.70
N VAL A 13 9.84 -10.18 13.58
CA VAL A 13 9.60 -8.81 13.17
C VAL A 13 10.00 -8.59 11.70
N ASN A 14 9.04 -8.24 10.87
CA ASN A 14 9.29 -8.00 9.45
C ASN A 14 9.09 -6.54 9.10
N ASP A 15 10.01 -5.98 8.34
CA ASP A 15 9.94 -4.58 7.92
C ASP A 15 8.77 -4.36 6.98
N GLU A 16 8.19 -5.45 6.48
CA GLU A 16 7.06 -5.38 5.57
C GLU A 16 5.74 -5.46 6.32
N MET A 17 5.57 -4.58 7.30
CA MET A 17 4.36 -4.54 8.11
C MET A 17 3.58 -3.25 7.87
N CYS A 18 2.35 -3.38 7.39
CA CYS A 18 1.51 -2.23 7.12
C CYS A 18 1.76 -1.12 8.14
N ASP A 19 1.77 0.13 7.66
CA ASP A 19 2.01 1.27 8.52
C ASP A 19 0.72 1.69 9.23
N VAL A 20 -0.37 1.02 8.89
CA VAL A 20 -1.67 1.31 9.50
C VAL A 20 -2.21 0.11 10.26
N CYS A 21 -1.64 -1.06 9.99
CA CYS A 21 -2.06 -2.29 10.66
C CYS A 21 -0.87 -3.00 11.31
N GLU A 22 0.32 -2.76 10.77
CA GLU A 22 1.53 -3.37 11.31
C GLU A 22 1.42 -4.89 11.29
N VAL A 23 0.81 -5.43 10.23
CA VAL A 23 0.64 -6.87 10.10
C VAL A 23 0.85 -7.31 8.66
N TRP A 24 1.36 -8.53 8.49
CA TRP A 24 1.60 -9.07 7.16
C TRP A 24 0.77 -10.33 6.92
N THR A 25 0.97 -10.97 5.77
CA THR A 25 0.25 -12.18 5.43
C THR A 25 1.00 -13.00 4.39
N ALA A 26 0.86 -14.31 4.46
CA ALA A 26 1.52 -15.21 3.52
C ALA A 26 1.50 -14.63 2.10
N GLU A 27 0.30 -14.43 1.57
CA GLU A 27 0.15 -13.88 0.23
C GLU A 27 0.91 -12.57 0.08
N SER A 28 0.90 -12.02 -1.13
CA SER A 28 1.60 -10.77 -1.41
C SER A 28 0.93 -9.61 -0.67
N LEU A 29 1.74 -8.72 -0.12
CA LEU A 29 1.24 -7.56 0.61
C LEU A 29 1.15 -6.33 -0.31
N PHE A 30 0.13 -5.53 -0.10
CA PHE A 30 -0.07 -4.32 -0.90
C PHE A 30 0.62 -3.12 -0.26
N PRO A 31 0.98 -2.13 -1.10
CA PRO A 31 0.75 -2.19 -2.54
C PRO A 31 1.62 -3.23 -3.23
N CYS A 32 2.92 -3.20 -2.94
CA CYS A 32 3.85 -4.15 -3.53
C CYS A 32 4.53 -4.99 -2.45
N ARG A 33 5.35 -5.93 -2.88
CA ARG A 33 6.06 -6.82 -1.95
C ARG A 33 7.46 -6.28 -1.66
N VAL A 34 8.22 -6.00 -2.71
CA VAL A 34 9.57 -5.48 -2.57
C VAL A 34 9.57 -4.15 -1.85
N CYS A 35 8.76 -3.21 -2.34
CA CYS A 35 8.66 -1.88 -1.74
C CYS A 35 8.54 -1.98 -0.22
N THR A 36 9.68 -1.87 0.46
CA THR A 36 9.69 -1.94 1.92
C THR A 36 8.42 -1.35 2.52
N ARG A 37 8.16 -0.09 2.20
CA ARG A 37 6.97 0.59 2.71
C ARG A 37 5.70 -0.08 2.20
N VAL A 38 5.04 -0.84 3.07
CA VAL A 38 3.82 -1.53 2.71
C VAL A 38 2.61 -0.90 3.38
N PHE A 39 1.55 -0.69 2.61
CA PHE A 39 0.32 -0.08 3.13
C PHE A 39 -0.89 -0.58 2.36
N HIS A 40 -1.87 -1.11 3.09
CA HIS A 40 -3.09 -1.63 2.47
C HIS A 40 -3.84 -0.51 1.75
N ASP A 41 -4.19 -0.76 0.49
CA ASP A 41 -4.91 0.22 -0.31
C ASP A 41 -6.11 0.77 0.46
N GLY A 42 -6.79 -0.11 1.18
CA GLY A 42 -7.96 0.31 1.94
C GLY A 42 -7.59 1.20 3.11
N CYS A 43 -6.46 0.89 3.75
CA CYS A 43 -6.00 1.67 4.90
C CYS A 43 -5.81 3.13 4.52
N LEU A 44 -5.52 3.38 3.25
CA LEU A 44 -5.31 4.73 2.76
C LEU A 44 -6.63 5.45 2.53
N ARG A 45 -7.46 4.88 1.65
CA ARG A 45 -8.76 5.45 1.34
C ARG A 45 -9.59 5.64 2.61
N ARG A 46 -9.55 4.66 3.49
CA ARG A 46 -10.29 4.71 4.75
C ARG A 46 -9.79 5.86 5.62
N MET A 47 -8.59 5.69 6.17
CA MET A 47 -7.99 6.71 7.03
C MET A 47 -8.25 8.11 6.47
N GLY A 48 -7.85 8.33 5.22
CA GLY A 48 -8.04 9.61 4.59
C GLY A 48 -6.82 10.08 3.82
N TYR A 49 -6.25 9.17 3.03
CA TYR A 49 -5.06 9.49 2.23
C TYR A 49 -5.43 9.65 0.75
N ILE A 50 -6.34 8.81 0.28
CA ILE A 50 -6.76 8.86 -1.11
C ILE A 50 -8.10 9.59 -1.25
N GLN A 51 -9.17 8.95 -0.77
CA GLN A 51 -10.50 9.54 -0.84
C GLN A 51 -10.70 10.27 -2.16
N GLY A 52 -10.26 9.65 -3.26
CA GLY A 52 -10.40 10.26 -4.57
C GLY A 52 -11.20 9.39 -5.52
N ASP A 53 -12.06 10.02 -6.32
CA ASP A 53 -12.89 9.31 -7.28
C ASP A 53 -12.04 8.74 -8.41
N SER A 54 -11.57 7.51 -8.23
CA SER A 54 -10.74 6.85 -9.23
C SER A 54 -11.44 5.62 -9.79
N ALA A 55 -12.74 5.74 -10.02
CA ALA A 55 -13.53 4.65 -10.56
C ALA A 55 -12.78 3.92 -11.69
N ALA A 56 -12.52 2.64 -11.48
CA ALA A 56 -11.82 1.84 -12.47
C ALA A 56 -12.44 0.46 -12.61
N GLU A 57 -12.12 -0.23 -13.70
CA GLU A 57 -12.65 -1.56 -13.95
C GLU A 57 -11.68 -2.64 -13.46
N VAL A 58 -11.07 -2.39 -12.31
CA VAL A 58 -10.12 -3.33 -11.72
C VAL A 58 -10.22 -3.34 -10.21
N THR A 59 -10.22 -4.54 -9.62
CA THR A 59 -10.31 -4.69 -8.18
C THR A 59 -8.93 -4.63 -7.54
N GLU A 60 -8.15 -5.69 -7.70
CA GLU A 60 -6.81 -5.76 -7.13
C GLU A 60 -5.87 -6.52 -8.07
N MET A 61 -4.92 -5.80 -8.64
CA MET A 61 -3.94 -6.40 -9.55
C MET A 61 -2.52 -6.02 -9.15
N ALA A 62 -2.22 -6.12 -7.85
CA ALA A 62 -0.90 -5.79 -7.35
C ALA A 62 -0.08 -7.05 -7.10
N HIS A 63 -0.68 -8.02 -6.43
CA HIS A 63 -0.01 -9.28 -6.13
C HIS A 63 0.88 -9.70 -7.29
N THR A 64 0.29 -9.82 -8.47
CA THR A 64 1.03 -10.23 -9.66
C THR A 64 2.38 -9.52 -9.74
N GLU A 65 3.36 -10.18 -10.36
CA GLU A 65 4.68 -9.60 -10.50
C GLU A 65 4.63 -8.25 -11.20
N THR A 66 4.01 -8.23 -12.38
CA THR A 66 3.89 -7.00 -13.16
C THR A 66 2.47 -6.47 -13.12
N GLY A 67 2.15 -5.71 -12.08
CA GLY A 67 0.82 -5.15 -11.94
C GLY A 67 0.85 -3.66 -11.65
N TRP A 68 0.40 -3.28 -10.47
CA TRP A 68 0.37 -1.87 -10.08
C TRP A 68 1.59 -1.50 -9.24
N SER A 69 2.21 -0.38 -9.56
CA SER A 69 3.40 0.07 -8.83
C SER A 69 3.06 1.28 -7.96
N CYS A 70 3.24 1.12 -6.65
CA CYS A 70 2.97 2.20 -5.71
C CYS A 70 3.65 3.49 -6.13
N HIS A 71 3.36 4.58 -5.42
CA HIS A 71 3.96 5.87 -5.73
C HIS A 71 5.47 5.85 -5.47
N TYR A 72 5.86 5.37 -4.30
CA TYR A 72 7.27 5.30 -3.94
C TYR A 72 8.11 4.80 -5.11
N CYS A 73 7.79 3.60 -5.58
CA CYS A 73 8.52 3.00 -6.69
C CYS A 73 8.30 3.81 -7.97
N ASP A 74 7.04 4.09 -8.28
CA ASP A 74 6.71 4.86 -9.48
C ASP A 74 7.50 4.36 -10.68
N ASN A 75 7.60 3.04 -10.80
CA ASN A 75 8.33 2.43 -11.92
C ASN A 75 7.48 2.42 -13.18
N ILE A 76 8.14 2.58 -14.33
CA ILE A 76 7.45 2.60 -15.61
C ILE A 76 7.42 1.21 -16.23
N ASN A 77 7.19 0.20 -15.39
CA ASN A 77 7.14 -1.18 -15.87
C ASN A 77 5.97 -1.39 -16.83
N LEU A 78 4.76 -1.16 -16.34
CA LEU A 78 3.57 -1.32 -17.15
C LEU A 78 3.81 -0.84 -18.58
N LEU A 79 3.30 -1.59 -19.55
CA LEU A 79 3.46 -1.24 -20.96
C LEU A 79 2.35 -0.31 -21.42
N LEU A 80 2.62 0.99 -21.35
CA LEU A 80 1.63 1.99 -21.76
C LEU A 80 2.25 3.38 -21.81
N THR A 81 1.68 4.26 -22.63
CA THR A 81 2.18 5.62 -22.78
C THR A 81 2.17 6.34 -21.43
N GLU A 82 3.35 6.78 -20.99
CA GLU A 82 3.48 7.49 -19.73
C GLU A 82 4.07 8.88 -19.94
N GLU A 83 3.61 9.55 -20.99
CA GLU A 83 4.10 10.89 -21.30
C GLU A 83 4.37 11.69 -20.03
N SER A 84 5.63 12.00 -19.79
CA SER A 84 6.04 12.75 -18.60
C SER A 84 6.31 14.21 -18.96
N GLY A 85 6.37 15.05 -17.93
CA GLY A 85 6.62 16.47 -18.14
C GLY A 85 7.62 17.03 -17.16
N PRO A 86 8.90 16.66 -17.34
CA PRO A 86 9.98 17.12 -16.46
C PRO A 86 10.29 18.60 -16.66
N SER A 87 10.90 19.21 -15.64
CA SER A 87 11.24 20.63 -15.71
C SER A 87 12.11 20.93 -16.93
N SER A 88 11.58 21.74 -17.84
CA SER A 88 12.31 22.09 -19.05
C SER A 88 13.78 22.35 -18.76
N GLY A 89 14.65 21.56 -19.37
CA GLY A 89 16.07 21.70 -19.16
C GLY A 89 16.89 20.92 -20.17
ZN ZN B . -3.36 -1.89 6.71
ZN ZN C . 5.85 -0.14 -5.27
N GLY A 1 -0.70 -29.60 35.57
CA GLY A 1 -0.64 -28.83 36.79
C GLY A 1 0.60 -27.97 36.88
N SER A 2 1.73 -28.60 37.17
CA SER A 2 3.00 -27.89 37.29
C SER A 2 3.37 -27.22 35.97
N SER A 3 4.34 -26.31 36.02
CA SER A 3 4.79 -25.60 34.84
C SER A 3 6.25 -25.18 34.98
N GLY A 4 6.95 -25.09 33.84
CA GLY A 4 8.34 -24.69 33.86
C GLY A 4 8.84 -24.27 32.49
N SER A 5 10.11 -23.85 32.43
CA SER A 5 10.70 -23.42 31.17
C SER A 5 9.88 -22.29 30.55
N SER A 6 9.48 -21.33 31.37
CA SER A 6 8.69 -20.19 30.90
C SER A 6 9.38 -19.50 29.74
N GLY A 7 8.64 -19.29 28.66
CA GLY A 7 9.19 -18.63 27.49
C GLY A 7 8.33 -17.49 26.99
N PRO A 8 8.32 -16.38 27.74
CA PRO A 8 7.52 -15.19 27.39
C PRO A 8 8.06 -14.48 26.16
N ARG A 9 9.18 -14.98 25.64
CA ARG A 9 9.80 -14.38 24.45
C ARG A 9 9.92 -15.40 23.33
N GLU A 10 10.04 -14.92 22.10
CA GLU A 10 10.17 -15.79 20.95
C GLU A 10 10.92 -15.10 19.82
N PRO A 11 11.82 -15.85 19.15
CA PRO A 11 12.62 -15.33 18.05
C PRO A 11 11.78 -15.05 16.80
N VAL A 12 11.75 -13.78 16.39
CA VAL A 12 10.99 -13.38 15.22
C VAL A 12 11.23 -11.91 14.88
N VAL A 13 11.40 -11.63 13.59
CA VAL A 13 11.63 -10.26 13.13
C VAL A 13 10.52 -9.80 12.19
N ASN A 14 10.40 -8.49 12.04
CA ASN A 14 9.38 -7.91 11.17
C ASN A 14 10.01 -7.16 10.01
N ASP A 15 9.83 -7.69 8.80
CA ASP A 15 10.38 -7.08 7.60
C ASP A 15 9.51 -5.92 7.13
N GLU A 16 8.31 -6.24 6.67
CA GLU A 16 7.38 -5.22 6.19
C GLU A 16 5.97 -5.46 6.75
N MET A 17 5.41 -4.44 7.37
CA MET A 17 4.07 -4.54 7.95
C MET A 17 3.29 -3.24 7.74
N CYS A 18 2.00 -3.37 7.47
CA CYS A 18 1.15 -2.20 7.25
C CYS A 18 1.48 -1.09 8.23
N ASP A 19 1.61 0.13 7.72
CA ASP A 19 1.93 1.28 8.55
C ASP A 19 0.71 1.75 9.32
N VAL A 20 -0.39 1.00 9.20
CA VAL A 20 -1.63 1.34 9.90
C VAL A 20 -2.13 0.17 10.75
N CYS A 21 -1.65 -1.02 10.42
CA CYS A 21 -2.05 -2.22 11.16
C CYS A 21 -0.82 -2.94 11.72
N GLU A 22 0.32 -2.79 11.05
CA GLU A 22 1.55 -3.42 11.49
C GLU A 22 1.43 -4.94 11.44
N VAL A 23 0.88 -5.44 10.34
CA VAL A 23 0.71 -6.89 10.16
C VAL A 23 0.87 -7.28 8.69
N TRP A 24 1.71 -8.27 8.43
CA TRP A 24 1.94 -8.74 7.08
C TRP A 24 1.23 -10.06 6.82
N THR A 25 1.22 -10.49 5.57
CA THR A 25 0.56 -11.74 5.19
C THR A 25 1.26 -12.39 4.00
N ALA A 26 1.27 -13.72 4.00
CA ALA A 26 1.91 -14.46 2.91
C ALA A 26 1.79 -13.73 1.59
N GLU A 27 0.56 -13.37 1.23
CA GLU A 27 0.30 -12.66 -0.02
C GLU A 27 -0.84 -11.64 0.16
N SER A 28 -1.10 -10.88 -0.90
CA SER A 28 -2.15 -9.87 -0.86
C SER A 28 -1.72 -8.66 -0.04
N LEU A 29 -0.42 -8.41 -0.02
CA LEU A 29 0.13 -7.28 0.72
C LEU A 29 0.47 -6.13 -0.22
N PHE A 30 -0.50 -5.24 -0.43
CA PHE A 30 -0.30 -4.10 -1.31
C PHE A 30 0.31 -2.93 -0.54
N PRO A 31 1.02 -2.04 -1.27
CA PRO A 31 1.19 -2.18 -2.71
C PRO A 31 2.10 -3.35 -3.09
N CYS A 32 3.27 -3.41 -2.48
CA CYS A 32 4.23 -4.46 -2.74
C CYS A 32 5.34 -4.48 -1.70
N ARG A 33 5.98 -5.63 -1.52
CA ARG A 33 7.05 -5.77 -0.55
C ARG A 33 8.40 -5.36 -1.16
N VAL A 34 8.46 -5.39 -2.49
CA VAL A 34 9.69 -5.02 -3.20
C VAL A 34 10.04 -3.56 -2.95
N CYS A 35 9.05 -2.77 -2.53
CA CYS A 35 9.25 -1.35 -2.26
C CYS A 35 9.61 -1.13 -0.80
N THR A 36 10.31 -2.10 -0.21
CA THR A 36 10.72 -2.00 1.19
C THR A 36 9.67 -1.28 2.02
N ARG A 37 8.40 -1.50 1.69
CA ARG A 37 7.30 -0.85 2.40
C ARG A 37 5.95 -1.36 1.90
N VAL A 38 5.04 -1.65 2.83
CA VAL A 38 3.72 -2.14 2.49
C VAL A 38 2.65 -1.48 3.34
N PHE A 39 1.52 -1.15 2.70
CA PHE A 39 0.41 -0.51 3.40
C PHE A 39 -0.92 -0.88 2.76
N HIS A 40 -1.73 -1.65 3.49
CA HIS A 40 -3.02 -2.08 3.00
C HIS A 40 -3.72 -0.95 2.23
N ASP A 41 -3.90 -1.16 0.93
CA ASP A 41 -4.55 -0.16 0.09
C ASP A 41 -5.87 0.29 0.70
N GLY A 42 -6.57 -0.64 1.33
CA GLY A 42 -7.85 -0.31 1.95
C GLY A 42 -7.70 0.60 3.14
N CYS A 43 -6.60 0.45 3.87
CA CYS A 43 -6.35 1.28 5.05
C CYS A 43 -6.18 2.74 4.66
N LEU A 44 -5.53 2.97 3.53
CA LEU A 44 -5.30 4.34 3.05
C LEU A 44 -6.61 4.98 2.60
N ARG A 45 -7.28 4.35 1.65
CA ARG A 45 -8.55 4.87 1.14
C ARG A 45 -9.53 5.11 2.28
N ARG A 46 -9.54 4.22 3.26
CA ARG A 46 -10.42 4.34 4.41
C ARG A 46 -10.11 5.59 5.22
N MET A 47 -8.85 5.71 5.64
CA MET A 47 -8.43 6.87 6.41
C MET A 47 -8.45 8.14 5.56
N GLY A 48 -7.60 8.16 4.53
CA GLY A 48 -7.53 9.32 3.65
C GLY A 48 -6.11 9.72 3.33
N TYR A 49 -5.30 8.75 2.94
CA TYR A 49 -3.90 9.01 2.60
C TYR A 49 -3.74 9.30 1.11
N ILE A 50 -4.29 8.42 0.29
CA ILE A 50 -4.22 8.58 -1.16
C ILE A 50 -4.25 10.05 -1.55
N GLN A 51 -5.37 10.71 -1.26
CA GLN A 51 -5.52 12.13 -1.59
C GLN A 51 -6.77 12.70 -0.93
N GLY A 52 -6.69 13.95 -0.49
CA GLY A 52 -7.82 14.60 0.15
C GLY A 52 -9.13 14.21 -0.50
N ASP A 53 -9.41 14.77 -1.66
CA ASP A 53 -10.65 14.49 -2.38
C ASP A 53 -10.43 14.52 -3.89
N SER A 54 -11.45 14.14 -4.64
CA SER A 54 -11.37 14.13 -6.10
C SER A 54 -12.46 15.02 -6.71
N ALA A 55 -12.41 15.16 -8.03
CA ALA A 55 -13.39 15.96 -8.75
C ALA A 55 -14.61 15.14 -9.14
N ALA A 56 -14.64 13.89 -8.69
CA ALA A 56 -15.75 13.00 -8.99
C ALA A 56 -15.68 11.73 -8.16
N GLU A 57 -16.81 11.05 -8.02
CA GLU A 57 -16.88 9.82 -7.24
C GLU A 57 -16.35 8.63 -8.05
N VAL A 58 -15.09 8.30 -7.82
CA VAL A 58 -14.46 7.19 -8.53
C VAL A 58 -13.90 6.16 -7.55
N THR A 59 -13.52 4.99 -8.08
CA THR A 59 -12.96 3.93 -7.25
C THR A 59 -11.86 3.18 -7.98
N GLU A 60 -10.71 3.02 -7.32
CA GLU A 60 -9.58 2.32 -7.91
C GLU A 60 -9.63 0.84 -7.57
N MET A 61 -8.93 0.03 -8.38
CA MET A 61 -8.89 -1.40 -8.17
C MET A 61 -7.46 -1.91 -8.15
N ALA A 62 -7.09 -2.59 -7.06
CA ALA A 62 -5.74 -3.13 -6.91
C ALA A 62 -5.70 -4.62 -7.25
N HIS A 63 -6.62 -5.38 -6.66
CA HIS A 63 -6.69 -6.82 -6.91
C HIS A 63 -7.25 -7.10 -8.30
N THR A 64 -6.41 -6.93 -9.31
CA THR A 64 -6.81 -7.17 -10.69
C THR A 64 -5.66 -7.72 -11.52
N GLU A 65 -5.97 -8.22 -12.71
CA GLU A 65 -4.96 -8.77 -13.59
C GLU A 65 -3.90 -7.73 -13.93
N THR A 66 -4.33 -6.47 -14.08
CA THR A 66 -3.42 -5.39 -14.40
C THR A 66 -2.68 -4.90 -13.16
N GLY A 67 -3.27 -5.15 -11.99
CA GLY A 67 -2.65 -4.73 -10.74
C GLY A 67 -2.50 -3.22 -10.65
N TRP A 68 -1.96 -2.76 -9.53
CA TRP A 68 -1.76 -1.33 -9.31
C TRP A 68 -0.28 -1.00 -9.13
N SER A 69 0.19 0.01 -9.84
CA SER A 69 1.59 0.41 -9.75
C SER A 69 1.84 1.23 -8.49
N CYS A 70 2.67 0.69 -7.59
CA CYS A 70 2.99 1.36 -6.34
C CYS A 70 3.26 2.85 -6.58
N HIS A 71 2.93 3.67 -5.59
CA HIS A 71 3.13 5.10 -5.68
C HIS A 71 4.48 5.42 -6.35
N TYR A 72 5.48 4.58 -6.07
CA TYR A 72 6.81 4.77 -6.64
C TYR A 72 6.98 3.93 -7.90
N CYS A 73 6.66 2.64 -7.80
CA CYS A 73 6.79 1.74 -8.93
C CYS A 73 6.00 2.25 -10.13
N ASP A 74 6.64 2.26 -11.30
CA ASP A 74 6.00 2.73 -12.52
C ASP A 74 6.54 1.97 -13.73
N ASN A 75 5.72 1.88 -14.77
CA ASN A 75 6.10 1.19 -15.99
C ASN A 75 5.94 2.09 -17.21
N ILE A 76 6.96 2.11 -18.06
CA ILE A 76 6.92 2.93 -19.27
C ILE A 76 6.88 2.06 -20.53
N ASN A 77 6.11 2.51 -21.52
CA ASN A 77 5.98 1.78 -22.77
C ASN A 77 5.32 2.65 -23.84
N LEU A 78 5.43 2.22 -25.09
CA LEU A 78 4.84 2.95 -26.21
C LEU A 78 3.33 3.13 -26.00
N LEU A 79 2.63 2.02 -25.82
CA LEU A 79 1.19 2.06 -25.61
C LEU A 79 0.81 3.12 -24.58
N LEU A 80 -0.16 3.95 -24.93
CA LEU A 80 -0.62 5.01 -24.04
C LEU A 80 -2.13 5.19 -24.14
N THR A 81 -2.74 5.68 -23.06
CA THR A 81 -4.17 5.90 -23.03
C THR A 81 -4.69 6.38 -24.38
N GLU A 82 -5.75 5.73 -24.86
CA GLU A 82 -6.34 6.08 -26.15
C GLU A 82 -7.66 6.84 -25.95
N GLU A 83 -7.91 7.81 -26.81
CA GLU A 83 -9.12 8.61 -26.73
C GLU A 83 -9.37 9.35 -28.03
N SER A 84 -10.65 9.59 -28.35
CA SER A 84 -11.02 10.29 -29.56
C SER A 84 -10.02 11.39 -29.89
N GLY A 85 -9.63 11.47 -31.16
CA GLY A 85 -8.67 12.48 -31.57
C GLY A 85 -9.02 13.09 -32.92
N PRO A 86 -9.94 14.06 -32.92
CA PRO A 86 -10.37 14.73 -34.14
C PRO A 86 -9.29 15.62 -34.74
N SER A 87 -8.43 15.03 -35.55
CA SER A 87 -7.33 15.77 -36.18
C SER A 87 -7.43 15.69 -37.69
N SER A 88 -6.86 16.69 -38.37
CA SER A 88 -6.88 16.73 -39.83
C SER A 88 -6.78 15.33 -40.42
N GLY A 89 -7.82 14.91 -41.14
CA GLY A 89 -7.82 13.60 -41.74
C GLY A 89 -9.22 13.07 -41.98
ZN ZN B . -3.67 -1.99 7.34
ZN ZN C . 6.52 -1.60 -5.63
N GLY A 1 10.89 8.12 23.63
CA GLY A 1 9.83 7.15 23.85
C GLY A 1 9.87 6.57 25.25
N SER A 2 8.81 5.87 25.64
CA SER A 2 8.72 5.26 26.96
C SER A 2 7.62 4.20 27.00
N SER A 3 7.62 3.40 28.06
CA SER A 3 6.63 2.34 28.22
C SER A 3 6.27 2.15 29.69
N GLY A 4 5.14 1.50 29.93
CA GLY A 4 4.69 1.26 31.30
C GLY A 4 3.55 0.27 31.38
N SER A 5 2.41 0.63 30.78
CA SER A 5 1.25 -0.24 30.79
C SER A 5 1.62 -1.66 30.38
N SER A 6 2.37 -1.78 29.30
CA SER A 6 2.79 -3.08 28.80
C SER A 6 4.31 -3.14 28.67
N GLY A 7 4.84 -4.36 28.57
CA GLY A 7 6.28 -4.54 28.43
C GLY A 7 6.67 -5.21 27.12
N PRO A 8 6.64 -4.43 26.04
CA PRO A 8 6.99 -4.94 24.70
C PRO A 8 8.48 -5.26 24.57
N ARG A 9 9.20 -5.16 25.68
CA ARG A 9 10.63 -5.44 25.69
C ARG A 9 10.93 -6.79 25.07
N GLU A 10 11.23 -6.79 23.77
CA GLU A 10 11.52 -8.03 23.05
C GLU A 10 11.99 -7.73 21.63
N PRO A 11 13.02 -8.47 21.18
CA PRO A 11 13.57 -8.30 19.84
C PRO A 11 12.63 -8.78 18.74
N VAL A 12 12.61 -8.07 17.62
CA VAL A 12 11.74 -8.43 16.50
C VAL A 12 12.01 -7.53 15.30
N VAL A 13 11.98 -8.12 14.11
CA VAL A 13 12.21 -7.37 12.89
C VAL A 13 10.95 -7.30 12.03
N ASN A 14 10.55 -6.09 11.66
CA ASN A 14 9.36 -5.89 10.84
C ASN A 14 9.70 -5.16 9.55
N ASP A 15 10.04 -5.94 8.52
CA ASP A 15 10.40 -5.37 7.22
C ASP A 15 9.14 -4.90 6.49
N GLU A 16 8.16 -5.77 6.38
CA GLU A 16 6.91 -5.43 5.69
C GLU A 16 5.73 -5.46 6.67
N MET A 17 5.36 -4.28 7.17
CA MET A 17 4.25 -4.17 8.11
C MET A 17 3.46 -2.89 7.87
N CYS A 18 2.16 -3.03 7.64
CA CYS A 18 1.29 -1.88 7.40
C CYS A 18 1.49 -0.81 8.46
N ASP A 19 1.46 0.45 8.04
CA ASP A 19 1.63 1.57 8.95
C ASP A 19 0.36 1.82 9.76
N VAL A 20 -0.70 1.11 9.42
CA VAL A 20 -1.98 1.25 10.10
C VAL A 20 -2.37 -0.03 10.81
N CYS A 21 -1.92 -1.16 10.27
CA CYS A 21 -2.22 -2.47 10.86
C CYS A 21 -0.95 -3.12 11.41
N GLU A 22 0.19 -2.77 10.83
CA GLU A 22 1.46 -3.32 11.26
C GLU A 22 1.42 -4.86 11.27
N VAL A 23 0.91 -5.43 10.19
CA VAL A 23 0.80 -6.87 10.06
C VAL A 23 0.98 -7.31 8.61
N TRP A 24 1.75 -8.39 8.42
CA TRP A 24 2.00 -8.91 7.08
C TRP A 24 1.29 -10.25 6.89
N THR A 25 1.30 -10.74 5.65
CA THR A 25 0.66 -12.01 5.33
C THR A 25 1.44 -12.77 4.26
N ALA A 26 1.48 -14.09 4.40
CA ALA A 26 2.20 -14.93 3.46
C ALA A 26 1.90 -14.52 2.01
N GLU A 27 0.65 -14.15 1.77
CA GLU A 27 0.23 -13.74 0.43
C GLU A 27 0.86 -12.41 0.05
N SER A 28 0.68 -12.01 -1.20
CA SER A 28 1.24 -10.76 -1.70
C SER A 28 0.53 -9.56 -1.06
N LEU A 29 1.30 -8.75 -0.34
CA LEU A 29 0.75 -7.57 0.32
C LEU A 29 0.58 -6.42 -0.67
N PHE A 30 -0.39 -5.55 -0.40
CA PHE A 30 -0.66 -4.40 -1.26
C PHE A 30 -0.08 -3.12 -0.66
N PRO A 31 0.25 -2.16 -1.52
CA PRO A 31 0.08 -2.30 -2.97
C PRO A 31 1.05 -3.31 -3.57
N CYS A 32 2.21 -3.44 -2.95
CA CYS A 32 3.24 -4.37 -3.42
C CYS A 32 4.32 -4.59 -2.36
N ARG A 33 4.85 -5.79 -2.31
CA ARG A 33 5.89 -6.13 -1.33
C ARG A 33 7.25 -5.61 -1.79
N VAL A 34 7.48 -5.63 -3.10
CA VAL A 34 8.74 -5.16 -3.66
C VAL A 34 9.32 -4.02 -2.84
N CYS A 35 8.47 -3.07 -2.48
CA CYS A 35 8.89 -1.92 -1.68
C CYS A 35 8.96 -2.28 -0.20
N THR A 36 10.14 -2.13 0.38
CA THR A 36 10.34 -2.44 1.80
C THR A 36 9.10 -2.11 2.61
N ARG A 37 8.68 -0.84 2.57
CA ARG A 37 7.51 -0.40 3.30
C ARG A 37 6.23 -0.93 2.66
N VAL A 38 5.26 -1.29 3.49
CA VAL A 38 4.00 -1.82 3.01
C VAL A 38 2.82 -1.07 3.64
N PHE A 39 1.78 -0.83 2.84
CA PHE A 39 0.60 -0.12 3.32
C PHE A 39 -0.64 -0.57 2.55
N HIS A 40 -1.60 -1.16 3.27
CA HIS A 40 -2.83 -1.62 2.65
C HIS A 40 -3.58 -0.47 1.99
N ASP A 41 -3.56 -0.44 0.67
CA ASP A 41 -4.24 0.61 -0.09
C ASP A 41 -5.58 0.97 0.55
N GLY A 42 -6.26 -0.05 1.09
CA GLY A 42 -7.54 0.18 1.72
C GLY A 42 -7.43 1.04 2.96
N CYS A 43 -6.46 0.71 3.82
CA CYS A 43 -6.25 1.46 5.05
C CYS A 43 -6.08 2.96 4.77
N LEU A 44 -5.27 3.27 3.76
CA LEU A 44 -5.03 4.66 3.38
C LEU A 44 -6.31 5.32 2.87
N ARG A 45 -6.83 4.81 1.76
CA ARG A 45 -8.06 5.34 1.18
C ARG A 45 -9.15 5.46 2.23
N ARG A 46 -9.20 4.50 3.14
CA ARG A 46 -10.21 4.50 4.20
C ARG A 46 -10.07 5.74 5.08
N MET A 47 -8.95 5.84 5.79
CA MET A 47 -8.70 6.98 6.67
C MET A 47 -8.78 8.28 5.89
N GLY A 48 -8.07 8.35 4.77
CA GLY A 48 -8.08 9.55 3.95
C GLY A 48 -6.67 10.01 3.60
N TYR A 49 -5.78 9.07 3.35
CA TYR A 49 -4.40 9.37 3.00
C TYR A 49 -4.24 9.55 1.49
N ILE A 50 -4.91 8.69 0.73
CA ILE A 50 -4.84 8.75 -0.73
C ILE A 50 -5.10 10.16 -1.23
N GLN A 51 -6.32 10.65 -1.00
CA GLN A 51 -6.69 11.99 -1.42
C GLN A 51 -7.45 12.73 -0.33
N GLY A 52 -7.85 13.96 -0.61
CA GLY A 52 -8.58 14.75 0.36
C GLY A 52 -9.85 15.35 -0.21
N ASP A 53 -10.93 15.28 0.56
CA ASP A 53 -12.21 15.82 0.12
C ASP A 53 -12.52 15.41 -1.31
N SER A 54 -12.29 14.13 -1.61
CA SER A 54 -12.54 13.60 -2.94
C SER A 54 -12.78 12.09 -2.90
N ALA A 55 -13.30 11.54 -4.00
CA ALA A 55 -13.57 10.12 -4.08
C ALA A 55 -13.21 9.57 -5.46
N ALA A 56 -13.35 8.26 -5.62
CA ALA A 56 -13.04 7.61 -6.89
C ALA A 56 -13.57 6.18 -6.93
N GLU A 57 -14.22 5.82 -8.04
CA GLU A 57 -14.77 4.48 -8.19
C GLU A 57 -14.15 3.77 -9.38
N VAL A 58 -12.97 3.21 -9.18
CA VAL A 58 -12.26 2.50 -10.24
C VAL A 58 -12.05 1.04 -9.88
N THR A 59 -11.73 0.23 -10.88
CA THR A 59 -11.50 -1.20 -10.67
C THR A 59 -10.29 -1.44 -9.78
N GLU A 60 -10.28 -2.58 -9.09
CA GLU A 60 -9.18 -2.92 -8.20
C GLU A 60 -8.08 -3.65 -8.96
N MET A 61 -6.99 -2.94 -9.25
CA MET A 61 -5.86 -3.51 -9.97
C MET A 61 -4.56 -2.82 -9.59
N ALA A 62 -3.73 -3.52 -8.82
CA ALA A 62 -2.44 -2.98 -8.39
C ALA A 62 -1.29 -3.64 -9.13
N HIS A 63 -1.15 -4.95 -8.95
CA HIS A 63 -0.08 -5.70 -9.61
C HIS A 63 -0.39 -5.91 -11.09
N THR A 64 -1.64 -6.24 -11.39
CA THR A 64 -2.06 -6.47 -12.76
C THR A 64 -1.81 -5.24 -13.62
N GLU A 65 -1.25 -5.46 -14.82
CA GLU A 65 -0.96 -4.37 -15.73
C GLU A 65 -0.40 -3.16 -14.98
N THR A 66 0.48 -3.42 -14.03
CA THR A 66 1.09 -2.36 -13.24
C THR A 66 0.09 -1.24 -12.98
N GLY A 67 -1.13 -1.61 -12.63
CA GLY A 67 -2.15 -0.62 -12.36
C GLY A 67 -1.60 0.61 -11.66
N TRP A 68 -1.13 0.43 -10.43
CA TRP A 68 -0.58 1.53 -9.65
C TRP A 68 0.81 1.19 -9.14
N SER A 69 1.67 2.20 -9.08
CA SER A 69 3.04 2.00 -8.60
C SER A 69 3.40 3.02 -7.52
N CYS A 70 3.79 2.52 -6.35
CA CYS A 70 4.15 3.39 -5.24
C CYS A 70 5.07 4.51 -5.70
N HIS A 71 4.83 5.71 -5.19
CA HIS A 71 5.64 6.87 -5.55
C HIS A 71 7.12 6.50 -5.63
N TYR A 72 7.53 5.54 -4.81
CA TYR A 72 8.92 5.09 -4.79
C TYR A 72 9.00 3.58 -4.99
N CYS A 73 8.23 3.07 -5.93
CA CYS A 73 8.22 1.64 -6.23
C CYS A 73 9.28 1.29 -7.27
N ASP A 74 9.80 0.07 -7.18
CA ASP A 74 10.82 -0.38 -8.12
C ASP A 74 10.32 -0.29 -9.56
N ASN A 75 10.78 0.73 -10.28
CA ASN A 75 10.38 0.92 -11.66
C ASN A 75 11.57 1.37 -12.52
N ILE A 76 11.60 0.90 -13.77
CA ILE A 76 12.67 1.24 -14.68
C ILE A 76 12.31 2.45 -15.53
N ASN A 77 13.29 2.96 -16.28
CA ASN A 77 13.07 4.13 -17.14
C ASN A 77 12.31 3.73 -18.40
N LEU A 78 11.01 4.01 -18.41
CA LEU A 78 10.17 3.68 -19.56
C LEU A 78 9.90 4.92 -20.41
N LEU A 79 9.25 4.72 -21.55
CA LEU A 79 8.94 5.82 -22.45
C LEU A 79 7.96 6.79 -21.81
N LEU A 80 8.38 8.05 -21.67
CA LEU A 80 7.53 9.08 -21.06
C LEU A 80 7.57 10.36 -21.88
N THR A 81 6.48 11.12 -21.84
CA THR A 81 6.39 12.37 -22.57
C THR A 81 6.68 13.56 -21.66
N GLU A 82 7.23 14.62 -22.25
CA GLU A 82 7.56 15.83 -21.50
C GLU A 82 6.33 16.69 -21.28
N GLU A 83 5.65 16.48 -20.16
CA GLU A 83 4.45 17.24 -19.84
C GLU A 83 4.41 17.59 -18.35
N SER A 84 3.48 18.46 -17.99
CA SER A 84 3.34 18.89 -16.60
C SER A 84 3.58 17.72 -15.64
N GLY A 85 4.26 18.00 -14.53
CA GLY A 85 4.55 16.98 -13.55
C GLY A 85 5.90 17.17 -12.90
N PRO A 86 5.92 17.89 -11.77
CA PRO A 86 7.16 18.16 -11.02
C PRO A 86 7.71 16.91 -10.35
N SER A 87 9.02 16.91 -10.09
CA SER A 87 9.67 15.77 -9.46
C SER A 87 9.64 15.90 -7.93
N SER A 88 10.11 14.87 -7.24
CA SER A 88 10.13 14.86 -5.78
C SER A 88 11.57 14.87 -5.26
N GLY A 89 11.91 15.92 -4.52
CA GLY A 89 13.25 16.03 -3.97
C GLY A 89 13.55 14.93 -2.96
ZN ZN B . -3.45 -2.00 6.90
ZN ZN C . 5.57 -0.81 -4.11
N GLY A 1 -9.12 4.27 20.02
CA GLY A 1 -8.87 2.85 19.86
C GLY A 1 -7.47 2.46 20.31
N SER A 2 -7.26 1.16 20.50
CA SER A 2 -5.97 0.65 20.93
C SER A 2 -4.84 1.23 20.08
N SER A 3 -4.11 2.18 20.65
CA SER A 3 -3.00 2.82 19.94
C SER A 3 -1.69 2.64 20.69
N GLY A 4 -1.00 1.54 20.40
CA GLY A 4 0.27 1.26 21.06
C GLY A 4 1.34 0.83 20.10
N SER A 5 1.64 1.67 19.12
CA SER A 5 2.66 1.35 18.12
C SER A 5 4.00 1.06 18.78
N SER A 6 4.14 1.47 20.04
CA SER A 6 5.37 1.25 20.79
C SER A 6 5.28 -0.02 21.62
N GLY A 7 6.25 -0.92 21.43
CA GLY A 7 6.27 -2.17 22.17
C GLY A 7 7.54 -2.96 21.95
N PRO A 8 8.65 -2.48 22.53
CA PRO A 8 9.95 -3.12 22.41
C PRO A 8 10.02 -4.44 23.17
N ARG A 9 8.88 -4.87 23.69
CA ARG A 9 8.81 -6.12 24.44
C ARG A 9 8.59 -7.31 23.51
N GLU A 10 9.34 -8.38 23.74
CA GLU A 10 9.23 -9.58 22.92
C GLU A 10 8.97 -9.21 21.46
N PRO A 11 9.81 -8.32 20.92
CA PRO A 11 9.69 -7.87 19.52
C PRO A 11 10.04 -8.96 18.52
N VAL A 12 9.15 -9.20 17.56
CA VAL A 12 9.38 -10.22 16.55
C VAL A 12 9.81 -9.59 15.22
N VAL A 13 10.84 -10.17 14.61
CA VAL A 13 11.35 -9.67 13.34
C VAL A 13 10.22 -9.11 12.48
N ASN A 14 10.50 -8.04 11.74
CA ASN A 14 9.51 -7.41 10.88
C ASN A 14 10.17 -6.83 9.63
N ASP A 15 9.52 -7.03 8.49
CA ASP A 15 10.04 -6.52 7.23
C ASP A 15 8.99 -5.68 6.50
N GLU A 16 7.85 -6.30 6.21
CA GLU A 16 6.76 -5.60 5.52
C GLU A 16 5.51 -5.55 6.39
N MET A 17 5.29 -4.40 7.03
CA MET A 17 4.13 -4.22 7.88
C MET A 17 3.35 -2.97 7.50
N CYS A 18 2.04 -3.11 7.31
CA CYS A 18 1.18 -2.00 6.95
C CYS A 18 1.45 -0.79 7.83
N ASP A 19 1.47 0.39 7.22
CA ASP A 19 1.71 1.63 7.97
C ASP A 19 0.46 2.05 8.73
N VAL A 20 -0.59 1.25 8.64
CA VAL A 20 -1.84 1.55 9.32
C VAL A 20 -2.29 0.38 10.18
N CYS A 21 -1.81 -0.82 9.84
CA CYS A 21 -2.16 -2.02 10.59
C CYS A 21 -0.90 -2.68 11.16
N GLU A 22 0.24 -2.37 10.57
CA GLU A 22 1.51 -2.94 11.02
C GLU A 22 1.43 -4.46 11.10
N VAL A 23 0.85 -5.08 10.07
CA VAL A 23 0.71 -6.53 10.02
C VAL A 23 0.98 -7.05 8.61
N TRP A 24 1.38 -8.31 8.53
CA TRP A 24 1.67 -8.95 7.25
C TRP A 24 0.82 -10.20 7.05
N THR A 25 0.90 -10.77 5.85
CA THR A 25 0.14 -11.97 5.53
C THR A 25 0.91 -12.87 4.58
N ALA A 26 0.69 -14.18 4.71
CA ALA A 26 1.37 -15.16 3.86
C ALA A 26 1.18 -14.83 2.38
N GLU A 27 -0.02 -14.37 2.03
CA GLU A 27 -0.33 -14.02 0.66
C GLU A 27 0.36 -12.72 0.25
N SER A 28 0.17 -12.32 -1.01
CA SER A 28 0.78 -11.11 -1.52
C SER A 28 0.15 -9.88 -0.87
N LEU A 29 0.99 -8.89 -0.56
CA LEU A 29 0.50 -7.65 0.06
C LEU A 29 0.56 -6.50 -0.92
N PHE A 30 -0.23 -5.46 -0.65
CA PHE A 30 -0.26 -4.28 -1.52
C PHE A 30 0.25 -3.05 -0.77
N PRO A 31 0.74 -2.06 -1.54
CA PRO A 31 0.79 -2.15 -3.01
C PRO A 31 1.80 -3.16 -3.50
N CYS A 32 3.03 -3.05 -3.01
CA CYS A 32 4.10 -3.97 -3.39
C CYS A 32 4.76 -4.58 -2.17
N ARG A 33 5.62 -5.57 -2.40
CA ARG A 33 6.32 -6.25 -1.31
C ARG A 33 7.82 -5.98 -1.38
N VAL A 34 8.30 -5.64 -2.57
CA VAL A 34 9.72 -5.35 -2.76
C VAL A 34 10.12 -4.06 -2.05
N CYS A 35 9.25 -3.06 -2.12
CA CYS A 35 9.51 -1.77 -1.49
C CYS A 35 9.70 -1.94 0.02
N THR A 36 10.51 -1.06 0.62
CA THR A 36 10.78 -1.11 2.05
C THR A 36 9.66 -0.43 2.83
N ARG A 37 8.43 -0.60 2.38
CA ARG A 37 7.28 -0.01 3.03
C ARG A 37 5.97 -0.49 2.40
N VAL A 38 5.21 -1.27 3.15
CA VAL A 38 3.94 -1.79 2.66
C VAL A 38 2.77 -1.09 3.33
N PHE A 39 1.72 -0.83 2.54
CA PHE A 39 0.53 -0.17 3.05
C PHE A 39 -0.72 -0.61 2.28
N HIS A 40 -1.62 -1.30 2.97
CA HIS A 40 -2.85 -1.79 2.35
C HIS A 40 -3.54 -0.66 1.59
N ASP A 41 -4.24 -1.04 0.51
CA ASP A 41 -4.95 -0.06 -0.31
C ASP A 41 -6.25 0.36 0.35
N GLY A 42 -6.90 -0.59 1.02
CA GLY A 42 -8.16 -0.29 1.69
C GLY A 42 -7.97 0.53 2.96
N CYS A 43 -6.71 0.66 3.39
CA CYS A 43 -6.40 1.41 4.59
C CYS A 43 -6.25 2.90 4.28
N LEU A 44 -5.46 3.20 3.25
CA LEU A 44 -5.24 4.59 2.85
C LEU A 44 -6.57 5.31 2.59
N ARG A 45 -7.51 4.59 1.99
CA ARG A 45 -8.82 5.14 1.68
C ARG A 45 -9.61 5.40 2.96
N ARG A 46 -9.46 4.51 3.93
CA ARG A 46 -10.17 4.64 5.20
C ARG A 46 -9.49 5.67 6.10
N MET A 47 -8.29 5.34 6.56
CA MET A 47 -7.53 6.24 7.43
C MET A 47 -7.75 7.69 7.04
N GLY A 48 -7.46 8.00 5.77
CA GLY A 48 -7.63 9.36 5.29
C GLY A 48 -6.50 9.80 4.39
N TYR A 49 -6.29 9.09 3.29
CA TYR A 49 -5.23 9.42 2.35
C TYR A 49 -5.79 9.65 0.96
N ILE A 50 -6.24 8.58 0.32
CA ILE A 50 -6.80 8.66 -1.02
C ILE A 50 -8.11 9.46 -1.03
N GLN A 51 -9.07 9.02 -0.22
CA GLN A 51 -10.36 9.70 -0.13
C GLN A 51 -10.24 10.98 0.69
N GLY A 52 -10.40 12.11 0.03
CA GLY A 52 -10.31 13.39 0.71
C GLY A 52 -10.01 14.54 -0.23
N ASP A 53 -9.08 15.40 0.15
CA ASP A 53 -8.70 16.55 -0.66
C ASP A 53 -7.27 16.41 -1.15
N SER A 54 -6.89 15.20 -1.55
CA SER A 54 -5.54 14.94 -2.04
C SER A 54 -5.48 15.01 -3.55
N ALA A 55 -6.24 14.13 -4.20
CA ALA A 55 -6.28 14.09 -5.66
C ALA A 55 -7.72 14.07 -6.17
N ALA A 56 -7.87 14.05 -7.49
CA ALA A 56 -9.19 14.03 -8.10
C ALA A 56 -9.70 12.60 -8.25
N GLU A 57 -10.92 12.46 -8.77
CA GLU A 57 -11.52 11.13 -8.97
C GLU A 57 -10.72 10.32 -9.96
N VAL A 58 -10.08 9.25 -9.47
CA VAL A 58 -9.28 8.38 -10.32
C VAL A 58 -9.37 6.93 -9.88
N THR A 59 -10.10 6.12 -10.63
CA THR A 59 -10.27 4.72 -10.31
C THR A 59 -8.98 4.10 -9.79
N GLU A 60 -9.10 2.98 -9.09
CA GLU A 60 -7.93 2.30 -8.54
C GLU A 60 -7.91 0.83 -8.95
N MET A 61 -7.02 0.50 -9.89
CA MET A 61 -6.90 -0.88 -10.36
C MET A 61 -5.77 -1.60 -9.64
N ALA A 62 -6.06 -2.12 -8.46
CA ALA A 62 -5.07 -2.84 -7.67
C ALA A 62 -5.13 -4.35 -7.95
N HIS A 63 -6.30 -4.94 -7.70
CA HIS A 63 -6.49 -6.36 -7.91
C HIS A 63 -6.67 -6.67 -9.40
N THR A 64 -5.56 -6.85 -10.10
CA THR A 64 -5.59 -7.15 -11.52
C THR A 64 -4.51 -8.15 -11.90
N GLU A 65 -4.69 -8.82 -13.03
CA GLU A 65 -3.74 -9.80 -13.51
C GLU A 65 -2.31 -9.38 -13.19
N THR A 66 -1.93 -8.19 -13.68
CA THR A 66 -0.60 -7.67 -13.44
C THR A 66 -0.52 -6.93 -12.12
N GLY A 67 -1.47 -6.04 -11.88
CA GLY A 67 -1.50 -5.29 -10.64
C GLY A 67 -1.06 -3.85 -10.83
N TRP A 68 -0.88 -3.13 -9.73
CA TRP A 68 -0.46 -1.73 -9.78
C TRP A 68 0.80 -1.51 -8.96
N SER A 69 1.86 -1.07 -9.62
CA SER A 69 3.14 -0.81 -8.96
C SER A 69 3.11 0.51 -8.21
N CYS A 70 3.44 0.46 -6.92
CA CYS A 70 3.46 1.66 -6.09
C CYS A 70 4.25 2.77 -6.75
N HIS A 71 4.35 3.91 -6.07
CA HIS A 71 5.08 5.06 -6.60
C HIS A 71 6.58 4.85 -6.46
N TYR A 72 7.01 4.47 -5.26
CA TYR A 72 8.43 4.25 -5.00
C TYR A 72 9.01 3.23 -5.97
N CYS A 73 8.13 2.48 -6.64
CA CYS A 73 8.55 1.47 -7.59
C CYS A 73 9.46 2.08 -8.66
N ASP A 74 10.39 1.27 -9.16
CA ASP A 74 11.33 1.72 -10.18
C ASP A 74 10.78 1.47 -11.58
N ASN A 75 9.47 1.67 -11.74
CA ASN A 75 8.82 1.46 -13.02
C ASN A 75 8.06 2.71 -13.45
N ILE A 76 8.30 3.15 -14.69
CA ILE A 76 7.66 4.34 -15.22
C ILE A 76 6.66 3.97 -16.32
N ASN A 77 5.60 3.28 -15.94
CA ASN A 77 4.57 2.87 -16.88
C ASN A 77 3.20 3.39 -16.47
N LEU A 78 2.93 4.64 -16.83
CA LEU A 78 1.65 5.27 -16.51
C LEU A 78 1.27 6.32 -17.55
N LEU A 79 0.29 5.98 -18.39
CA LEU A 79 -0.17 6.90 -19.43
C LEU A 79 -1.69 6.86 -19.54
N LEU A 80 -2.25 7.91 -20.14
CA LEU A 80 -3.70 8.00 -20.32
C LEU A 80 -4.22 6.84 -21.16
N THR A 81 -5.25 6.16 -20.66
CA THR A 81 -5.84 5.03 -21.37
C THR A 81 -7.35 5.17 -21.45
N GLU A 82 -7.96 5.65 -20.36
CA GLU A 82 -9.41 5.83 -20.31
C GLU A 82 -9.78 6.89 -19.29
N GLU A 83 -11.01 7.39 -19.40
CA GLU A 83 -11.50 8.42 -18.48
C GLU A 83 -13.02 8.36 -18.35
N SER A 84 -13.49 7.97 -17.18
CA SER A 84 -14.93 7.86 -16.93
C SER A 84 -15.30 8.58 -15.64
N GLY A 85 -16.55 9.08 -15.59
CA GLY A 85 -17.00 9.78 -14.40
C GLY A 85 -18.43 9.41 -14.04
N PRO A 86 -18.64 8.14 -13.66
CA PRO A 86 -19.97 7.64 -13.27
C PRO A 86 -20.45 8.22 -11.94
N SER A 87 -21.57 7.72 -11.45
CA SER A 87 -22.14 8.20 -10.20
C SER A 87 -22.60 9.64 -10.32
N SER A 88 -23.21 9.97 -11.45
CA SER A 88 -23.68 11.33 -11.70
C SER A 88 -25.17 11.45 -11.34
N GLY A 89 -25.50 12.51 -10.61
CA GLY A 89 -26.89 12.72 -10.22
C GLY A 89 -27.49 11.52 -9.51
ZN ZN B . -3.62 -1.95 6.67
ZN ZN C . 7.08 -0.41 -5.00
N GLY A 1 -2.18 -8.48 30.50
CA GLY A 1 -2.67 -9.46 29.53
C GLY A 1 -2.90 -8.85 28.17
N SER A 2 -3.22 -9.70 27.20
CA SER A 2 -3.48 -9.24 25.83
C SER A 2 -4.00 -10.39 24.96
N SER A 3 -4.87 -10.04 24.02
CA SER A 3 -5.45 -11.04 23.12
C SER A 3 -4.38 -11.69 22.26
N GLY A 4 -3.47 -10.87 21.74
CA GLY A 4 -2.40 -11.38 20.90
C GLY A 4 -2.92 -12.19 19.73
N SER A 5 -2.93 -13.51 19.89
CA SER A 5 -3.40 -14.41 18.83
C SER A 5 -2.88 -13.97 17.48
N SER A 6 -1.61 -13.56 17.43
CA SER A 6 -0.99 -13.11 16.19
C SER A 6 0.46 -13.58 16.11
N GLY A 7 0.82 -14.17 14.97
CA GLY A 7 2.16 -14.66 14.77
C GLY A 7 2.47 -15.87 15.63
N PRO A 8 3.35 -16.75 15.14
CA PRO A 8 3.74 -17.97 15.84
C PRO A 8 4.60 -17.68 17.07
N ARG A 9 4.98 -16.41 17.23
CA ARG A 9 5.79 -16.00 18.37
C ARG A 9 5.29 -14.68 18.95
N GLU A 10 5.32 -14.58 20.27
CA GLU A 10 4.87 -13.38 20.96
C GLU A 10 5.44 -12.13 20.30
N PRO A 11 6.77 -12.01 20.32
CA PRO A 11 7.48 -10.87 19.73
C PRO A 11 7.40 -10.87 18.21
N VAL A 12 7.42 -9.68 17.63
CA VAL A 12 7.36 -9.52 16.18
C VAL A 12 8.68 -9.00 15.62
N VAL A 13 9.20 -9.70 14.60
CA VAL A 13 10.45 -9.30 13.98
C VAL A 13 10.33 -9.31 12.46
N ASN A 14 9.28 -8.67 11.95
CA ASN A 14 9.04 -8.60 10.51
C ASN A 14 9.52 -7.26 9.95
N ASP A 15 9.30 -7.06 8.65
CA ASP A 15 9.71 -5.82 8.00
C ASP A 15 8.52 -5.17 7.31
N GLU A 16 7.71 -5.97 6.63
CA GLU A 16 6.54 -5.46 5.93
C GLU A 16 5.35 -5.33 6.87
N MET A 17 5.30 -4.21 7.60
CA MET A 17 4.21 -3.97 8.54
C MET A 17 3.40 -2.75 8.12
N CYS A 18 2.13 -2.97 7.82
CA CYS A 18 1.24 -1.89 7.40
C CYS A 18 1.37 -0.69 8.34
N ASP A 19 1.29 0.50 7.77
CA ASP A 19 1.40 1.73 8.55
C ASP A 19 0.14 1.96 9.37
N VAL A 20 -0.85 1.08 9.19
CA VAL A 20 -2.11 1.20 9.90
C VAL A 20 -2.41 -0.07 10.69
N CYS A 21 -1.95 -1.21 10.18
CA CYS A 21 -2.17 -2.49 10.82
C CYS A 21 -0.85 -3.06 11.36
N GLU A 22 0.26 -2.59 10.81
CA GLU A 22 1.57 -3.05 11.23
C GLU A 22 1.66 -4.58 11.22
N VAL A 23 1.12 -5.17 10.16
CA VAL A 23 1.13 -6.63 10.01
C VAL A 23 1.41 -7.04 8.57
N TRP A 24 1.74 -8.31 8.37
CA TRP A 24 2.02 -8.83 7.04
C TRP A 24 1.23 -10.11 6.77
N THR A 25 1.31 -10.59 5.53
CA THR A 25 0.60 -11.80 5.15
C THR A 25 1.43 -12.64 4.19
N ALA A 26 1.27 -13.96 4.27
CA ALA A 26 2.01 -14.87 3.41
C ALA A 26 1.83 -14.51 1.95
N GLU A 27 0.60 -14.14 1.57
CA GLU A 27 0.30 -13.78 0.19
C GLU A 27 0.86 -12.39 -0.13
N SER A 28 0.76 -11.99 -1.40
CA SER A 28 1.26 -10.70 -1.84
C SER A 28 0.58 -9.57 -1.06
N LEU A 29 1.40 -8.69 -0.49
CA LEU A 29 0.88 -7.56 0.28
C LEU A 29 0.81 -6.31 -0.58
N PHE A 30 -0.22 -5.49 -0.36
CA PHE A 30 -0.40 -4.26 -1.11
C PHE A 30 0.30 -3.09 -0.43
N PRO A 31 0.69 -2.08 -1.22
CA PRO A 31 0.47 -2.09 -2.67
C PRO A 31 1.34 -3.12 -3.38
N CYS A 32 2.62 -3.14 -3.04
CA CYS A 32 3.55 -4.09 -3.65
C CYS A 32 4.23 -4.95 -2.59
N ARG A 33 5.15 -5.80 -3.03
CA ARG A 33 5.87 -6.68 -2.12
C ARG A 33 7.37 -6.36 -2.12
N VAL A 34 7.84 -5.78 -3.22
CA VAL A 34 9.25 -5.42 -3.35
C VAL A 34 9.61 -4.27 -2.41
N CYS A 35 8.80 -3.21 -2.44
CA CYS A 35 9.04 -2.05 -1.60
C CYS A 35 8.86 -2.39 -0.13
N THR A 36 9.95 -2.37 0.63
CA THR A 36 9.91 -2.69 2.05
C THR A 36 8.64 -2.13 2.69
N ARG A 37 8.47 -0.82 2.62
CA ARG A 37 7.30 -0.17 3.19
C ARG A 37 6.02 -0.72 2.58
N VAL A 38 5.14 -1.26 3.42
CA VAL A 38 3.87 -1.81 2.96
C VAL A 38 2.70 -1.08 3.58
N PHE A 39 1.67 -0.84 2.77
CA PHE A 39 0.47 -0.14 3.24
C PHE A 39 -0.76 -0.60 2.48
N HIS A 40 -1.66 -1.28 3.18
CA HIS A 40 -2.89 -1.78 2.57
C HIS A 40 -3.65 -0.65 1.87
N ASP A 41 -3.71 -0.72 0.55
CA ASP A 41 -4.40 0.29 -0.23
C ASP A 41 -5.71 0.69 0.44
N GLY A 42 -6.33 -0.26 1.13
CA GLY A 42 -7.59 0.01 1.80
C GLY A 42 -7.42 0.95 2.99
N CYS A 43 -6.58 0.55 3.94
CA CYS A 43 -6.33 1.37 5.13
C CYS A 43 -6.16 2.82 4.75
N LEU A 44 -5.46 3.08 3.66
CA LEU A 44 -5.23 4.44 3.19
C LEU A 44 -6.53 5.15 2.88
N ARG A 45 -7.31 4.58 1.97
CA ARG A 45 -8.59 5.15 1.58
C ARG A 45 -9.52 5.29 2.79
N ARG A 46 -9.30 4.44 3.79
CA ARG A 46 -10.11 4.47 5.00
C ARG A 46 -10.02 5.83 5.68
N MET A 47 -8.82 6.22 6.08
CA MET A 47 -8.61 7.50 6.74
C MET A 47 -8.58 8.64 5.73
N GLY A 48 -7.70 8.51 4.74
CA GLY A 48 -7.57 9.54 3.72
C GLY A 48 -6.14 9.90 3.42
N TYR A 49 -5.33 8.89 3.12
CA TYR A 49 -3.92 9.11 2.82
C TYR A 49 -3.70 9.26 1.32
N ILE A 50 -4.33 8.39 0.55
CA ILE A 50 -4.20 8.42 -0.90
C ILE A 50 -5.56 8.66 -1.56
N GLN A 51 -6.62 8.16 -0.94
CA GLN A 51 -7.96 8.32 -1.47
C GLN A 51 -8.82 9.19 -0.54
N GLY A 52 -9.16 10.37 -1.03
CA GLY A 52 -9.97 11.29 -0.23
C GLY A 52 -9.92 12.70 -0.76
N ASP A 53 -10.02 12.85 -2.07
CA ASP A 53 -9.98 14.17 -2.70
C ASP A 53 -11.08 14.30 -3.76
N SER A 54 -11.47 15.54 -4.05
CA SER A 54 -12.52 15.79 -5.03
C SER A 54 -12.01 15.52 -6.45
N ALA A 55 -10.76 15.91 -6.70
CA ALA A 55 -10.16 15.71 -8.01
C ALA A 55 -9.69 14.27 -8.19
N ALA A 56 -10.03 13.43 -7.21
CA ALA A 56 -9.65 12.02 -7.26
C ALA A 56 -10.87 11.14 -7.52
N GLU A 57 -10.77 10.29 -8.54
CA GLU A 57 -11.86 9.39 -8.89
C GLU A 57 -11.36 7.95 -9.05
N VAL A 58 -10.98 7.35 -7.93
CA VAL A 58 -10.49 5.97 -7.95
C VAL A 58 -11.35 5.06 -7.08
N THR A 59 -11.59 3.84 -7.56
CA THR A 59 -12.41 2.89 -6.83
C THR A 59 -12.14 1.47 -7.32
N GLU A 60 -11.96 0.55 -6.38
CA GLU A 60 -11.70 -0.85 -6.71
C GLU A 60 -10.53 -0.97 -7.68
N MET A 61 -9.47 -0.19 -7.42
CA MET A 61 -8.29 -0.21 -8.27
C MET A 61 -7.38 -1.39 -7.90
N ALA A 62 -7.22 -1.63 -6.61
CA ALA A 62 -6.38 -2.71 -6.13
C ALA A 62 -6.79 -4.04 -6.77
N HIS A 63 -8.09 -4.35 -6.70
CA HIS A 63 -8.61 -5.58 -7.28
C HIS A 63 -8.39 -5.62 -8.79
N THR A 64 -8.65 -4.50 -9.45
CA THR A 64 -8.48 -4.40 -10.88
C THR A 64 -7.27 -5.20 -11.36
N GLU A 65 -6.08 -4.75 -10.96
CA GLU A 65 -4.85 -5.42 -11.34
C GLU A 65 -4.20 -6.10 -10.14
N THR A 66 -3.84 -7.37 -10.31
CA THR A 66 -3.21 -8.14 -9.24
C THR A 66 -2.16 -7.31 -8.51
N GLY A 67 -2.57 -6.62 -7.46
CA GLY A 67 -1.66 -5.80 -6.69
C GLY A 67 -1.18 -4.58 -7.46
N TRP A 68 -1.54 -3.40 -6.97
CA TRP A 68 -1.16 -2.16 -7.62
C TRP A 68 0.31 -1.84 -7.36
N SER A 69 1.04 -1.50 -8.43
CA SER A 69 2.46 -1.17 -8.30
C SER A 69 2.65 0.29 -7.94
N CYS A 70 3.16 0.53 -6.73
CA CYS A 70 3.40 1.89 -6.25
C CYS A 70 4.08 2.73 -7.32
N HIS A 71 4.01 4.05 -7.17
CA HIS A 71 4.62 4.97 -8.13
C HIS A 71 6.14 4.93 -8.01
N TYR A 72 6.63 4.46 -6.87
CA TYR A 72 8.07 4.37 -6.63
C TYR A 72 8.55 2.93 -6.71
N CYS A 73 7.97 2.16 -7.61
CA CYS A 73 8.33 0.76 -7.80
C CYS A 73 9.63 0.64 -8.58
N ASP A 74 10.63 1.42 -8.18
CA ASP A 74 11.94 1.40 -8.85
C ASP A 74 13.01 2.01 -7.97
N ASN A 75 14.21 1.43 -8.02
CA ASN A 75 15.32 1.92 -7.21
C ASN A 75 16.40 2.54 -8.10
N ILE A 76 15.97 3.25 -9.15
CA ILE A 76 16.89 3.89 -10.07
C ILE A 76 17.57 5.09 -9.42
N ASN A 77 18.88 5.17 -9.54
CA ASN A 77 19.65 6.28 -8.97
C ASN A 77 19.33 7.59 -9.69
N LEU A 78 18.30 8.28 -9.21
CA LEU A 78 17.89 9.54 -9.80
C LEU A 78 18.25 10.72 -8.88
N LEU A 79 18.91 11.72 -9.45
CA LEU A 79 19.32 12.90 -8.70
C LEU A 79 18.23 13.97 -8.72
N LEU A 80 18.06 14.65 -7.59
CA LEU A 80 17.04 15.70 -7.49
C LEU A 80 17.53 16.83 -6.59
N THR A 81 17.08 18.04 -6.88
CA THR A 81 17.46 19.22 -6.09
C THR A 81 16.95 19.10 -4.66
N GLU A 82 17.85 18.76 -3.74
CA GLU A 82 17.50 18.62 -2.33
C GLU A 82 17.87 19.87 -1.55
N GLU A 83 16.97 20.83 -1.49
CA GLU A 83 17.21 22.08 -0.77
C GLU A 83 16.36 22.16 0.50
N SER A 84 16.28 21.03 1.22
CA SER A 84 15.50 20.98 2.45
C SER A 84 15.88 19.75 3.27
N GLY A 85 15.56 19.79 4.56
CA GLY A 85 15.87 18.68 5.43
C GLY A 85 15.75 19.04 6.91
N PRO A 86 14.50 19.27 7.35
CA PRO A 86 14.22 19.63 8.74
C PRO A 86 14.47 18.47 9.71
N SER A 87 14.29 17.25 9.21
CA SER A 87 14.49 16.06 10.03
C SER A 87 15.29 15.01 9.28
N SER A 88 16.14 14.29 9.99
CA SER A 88 16.98 13.25 9.39
C SER A 88 16.12 12.26 8.62
N GLY A 89 16.73 11.59 7.65
CA GLY A 89 16.01 10.61 6.85
C GLY A 89 16.59 10.45 5.46
ZN ZN B . -3.50 -2.12 6.84
ZN ZN C . 6.59 -0.59 -5.14
N GLY A 1 2.29 2.45 26.82
CA GLY A 1 1.78 1.13 27.15
C GLY A 1 2.50 0.03 26.40
N SER A 2 3.72 -0.29 26.83
CA SER A 2 4.51 -1.33 26.18
C SER A 2 4.60 -2.57 27.07
N SER A 3 4.64 -3.74 26.43
CA SER A 3 4.72 -5.00 27.16
C SER A 3 5.58 -6.01 26.40
N GLY A 4 5.80 -7.17 27.02
CA GLY A 4 6.61 -8.19 26.39
C GLY A 4 5.99 -9.57 26.49
N SER A 5 5.82 -10.23 25.35
CA SER A 5 5.22 -11.56 25.31
C SER A 5 6.12 -12.54 24.55
N SER A 6 6.80 -13.41 25.29
CA SER A 6 7.69 -14.38 24.69
C SER A 6 7.70 -15.68 25.50
N GLY A 7 7.44 -16.79 24.83
CA GLY A 7 7.41 -18.08 25.50
C GLY A 7 8.68 -18.88 25.26
N PRO A 8 8.65 -20.16 25.63
CA PRO A 8 9.80 -21.06 25.47
C PRO A 8 10.08 -21.38 24.00
N ARG A 9 9.23 -20.88 23.13
CA ARG A 9 9.38 -21.12 21.69
C ARG A 9 10.11 -19.96 21.02
N GLU A 10 10.96 -20.28 20.05
CA GLU A 10 11.71 -19.27 19.33
C GLU A 10 10.78 -18.21 18.74
N PRO A 11 11.00 -16.95 19.13
CA PRO A 11 10.20 -15.82 18.66
C PRO A 11 10.44 -15.52 17.18
N VAL A 12 9.36 -15.41 16.42
CA VAL A 12 9.46 -15.12 14.99
C VAL A 12 9.46 -13.61 14.74
N VAL A 13 10.29 -13.18 13.79
CA VAL A 13 10.39 -11.77 13.44
C VAL A 13 9.77 -11.49 12.08
N ASN A 14 9.11 -10.34 11.97
CA ASN A 14 8.47 -9.95 10.71
C ASN A 14 9.42 -9.12 9.85
N ASP A 15 8.99 -8.81 8.63
CA ASP A 15 9.80 -8.01 7.72
C ASP A 15 9.05 -6.74 7.30
N GLU A 16 7.82 -6.91 6.82
CA GLU A 16 7.02 -5.78 6.39
C GLU A 16 5.61 -5.86 6.97
N MET A 17 5.15 -4.77 7.58
CA MET A 17 3.83 -4.72 8.18
C MET A 17 3.10 -3.43 7.78
N CYS A 18 1.79 -3.53 7.64
CA CYS A 18 0.97 -2.38 7.25
C CYS A 18 1.25 -1.19 8.17
N ASP A 19 1.11 0.01 7.64
CA ASP A 19 1.34 1.23 8.40
C ASP A 19 0.10 1.62 9.20
N VAL A 20 -0.95 0.83 9.07
CA VAL A 20 -2.21 1.10 9.77
C VAL A 20 -2.67 -0.12 10.57
N CYS A 21 -2.26 -1.31 10.11
CA CYS A 21 -2.63 -2.55 10.78
C CYS A 21 -1.40 -3.20 11.43
N GLU A 22 -0.22 -2.87 10.92
CA GLU A 22 1.02 -3.42 11.45
C GLU A 22 0.99 -4.95 11.43
N VAL A 23 0.47 -5.51 10.34
CA VAL A 23 0.39 -6.96 10.19
C VAL A 23 0.80 -7.40 8.79
N TRP A 24 1.38 -8.58 8.70
CA TRP A 24 1.83 -9.12 7.42
C TRP A 24 1.14 -10.45 7.11
N THR A 25 1.41 -10.98 5.93
CA THR A 25 0.82 -12.25 5.51
C THR A 25 1.74 -13.01 4.58
N ALA A 26 1.62 -14.34 4.58
CA ALA A 26 2.45 -15.18 3.74
C ALA A 26 2.28 -14.81 2.27
N GLU A 27 1.05 -14.46 1.88
CA GLU A 27 0.76 -14.09 0.51
C GLU A 27 1.31 -12.70 0.20
N SER A 28 1.15 -12.27 -1.05
CA SER A 28 1.62 -10.96 -1.48
C SER A 28 0.86 -9.84 -0.78
N LEU A 29 1.59 -8.95 -0.13
CA LEU A 29 0.98 -7.83 0.59
C LEU A 29 0.89 -6.59 -0.31
N PHE A 30 -0.23 -5.88 -0.21
CA PHE A 30 -0.44 -4.68 -1.01
C PHE A 30 0.24 -3.47 -0.37
N PRO A 31 0.62 -2.50 -1.21
CA PRO A 31 0.42 -2.57 -2.65
C PRO A 31 1.29 -3.61 -3.31
N CYS A 32 2.59 -3.57 -3.02
CA CYS A 32 3.55 -4.51 -3.59
C CYS A 32 4.59 -4.93 -2.55
N ARG A 33 5.56 -5.73 -2.98
CA ARG A 33 6.61 -6.20 -2.08
C ARG A 33 7.92 -5.45 -2.35
N VAL A 34 8.15 -5.10 -3.61
CA VAL A 34 9.35 -4.38 -3.99
C VAL A 34 9.64 -3.23 -3.03
N CYS A 35 8.80 -2.21 -3.07
CA CYS A 35 8.96 -1.05 -2.20
C CYS A 35 9.40 -1.48 -0.80
N THR A 36 10.01 -0.54 -0.08
CA THR A 36 10.49 -0.82 1.27
C THR A 36 9.42 -0.49 2.32
N ARG A 37 8.18 -0.89 2.03
CA ARG A 37 7.07 -0.63 2.94
C ARG A 37 5.80 -1.30 2.44
N VAL A 38 4.83 -1.48 3.35
CA VAL A 38 3.57 -2.10 3.00
C VAL A 38 2.39 -1.34 3.59
N PHE A 39 1.38 -1.08 2.77
CA PHE A 39 0.20 -0.35 3.22
C PHE A 39 -1.02 -0.77 2.42
N HIS A 40 -2.05 -1.23 3.12
CA HIS A 40 -3.29 -1.67 2.47
C HIS A 40 -4.08 -0.48 1.95
N ASP A 41 -4.35 -0.49 0.65
CA ASP A 41 -5.09 0.60 0.01
C ASP A 41 -6.32 0.96 0.83
N GLY A 42 -7.07 -0.06 1.25
CA GLY A 42 -8.26 0.18 2.03
C GLY A 42 -7.98 0.93 3.32
N CYS A 43 -6.74 0.81 3.81
CA CYS A 43 -6.34 1.47 5.04
C CYS A 43 -6.01 2.94 4.78
N LEU A 44 -5.46 3.21 3.61
CA LEU A 44 -5.09 4.58 3.23
C LEU A 44 -6.32 5.37 2.81
N ARG A 45 -7.18 4.75 2.01
CA ARG A 45 -8.39 5.40 1.54
C ARG A 45 -9.26 5.85 2.71
N ARG A 46 -9.19 5.11 3.81
CA ARG A 46 -9.97 5.43 5.00
C ARG A 46 -9.50 6.76 5.62
N MET A 47 -8.26 6.78 6.08
CA MET A 47 -7.70 7.97 6.70
C MET A 47 -7.66 9.12 5.70
N GLY A 48 -7.03 8.88 4.55
CA GLY A 48 -6.93 9.90 3.52
C GLY A 48 -5.49 10.18 3.12
N TYR A 49 -4.75 9.11 2.84
CA TYR A 49 -3.36 9.24 2.44
C TYR A 49 -3.22 9.28 0.92
N ILE A 50 -4.04 8.48 0.24
CA ILE A 50 -4.02 8.40 -1.21
C ILE A 50 -5.23 9.10 -1.82
N GLN A 51 -6.34 9.09 -1.07
CA GLN A 51 -7.56 9.72 -1.53
C GLN A 51 -8.63 9.71 -0.44
N GLY A 52 -9.73 10.41 -0.68
CA GLY A 52 -10.80 10.47 0.30
C GLY A 52 -11.87 11.49 -0.07
N ASP A 53 -11.44 12.67 -0.51
CA ASP A 53 -12.37 13.73 -0.89
C ASP A 53 -13.59 13.15 -1.60
N SER A 54 -13.34 12.25 -2.56
CA SER A 54 -14.42 11.64 -3.31
C SER A 54 -14.03 10.21 -3.75
N ALA A 55 -15.03 9.37 -3.93
CA ALA A 55 -14.81 7.99 -4.35
C ALA A 55 -15.36 7.74 -5.74
N ALA A 56 -14.65 6.92 -6.52
CA ALA A 56 -15.07 6.60 -7.88
C ALA A 56 -15.29 5.10 -8.04
N GLU A 57 -16.37 4.73 -8.71
CA GLU A 57 -16.69 3.32 -8.94
C GLU A 57 -15.91 2.77 -10.11
N VAL A 58 -14.62 3.07 -10.16
CA VAL A 58 -13.76 2.60 -11.24
C VAL A 58 -12.95 1.39 -10.81
N THR A 59 -13.03 0.32 -11.60
CA THR A 59 -12.30 -0.91 -11.30
C THR A 59 -10.90 -0.60 -10.78
N GLU A 60 -10.46 -1.39 -9.81
CA GLU A 60 -9.12 -1.21 -9.23
C GLU A 60 -8.31 -2.50 -9.31
N MET A 61 -7.09 -2.40 -9.81
CA MET A 61 -6.22 -3.56 -9.93
C MET A 61 -4.81 -3.23 -9.43
N ALA A 62 -4.27 -4.12 -8.60
CA ALA A 62 -2.92 -3.93 -8.05
C ALA A 62 -2.00 -5.07 -8.44
N HIS A 63 -2.53 -6.30 -8.38
CA HIS A 63 -1.75 -7.48 -8.72
C HIS A 63 -1.73 -7.70 -10.23
N THR A 64 -1.50 -6.61 -10.98
CA THR A 64 -1.46 -6.69 -12.44
C THR A 64 -0.36 -5.80 -12.99
N GLU A 65 0.23 -6.22 -14.09
CA GLU A 65 1.30 -5.46 -14.73
C GLU A 65 0.91 -3.99 -14.87
N THR A 66 1.88 -3.11 -14.65
CA THR A 66 1.64 -1.67 -14.76
C THR A 66 0.32 -1.29 -14.09
N GLY A 67 0.02 -1.95 -12.96
CA GLY A 67 -1.21 -1.66 -12.24
C GLY A 67 -1.13 -0.36 -11.47
N TRP A 68 -1.25 -0.45 -10.15
CA TRP A 68 -1.20 0.73 -9.29
C TRP A 68 0.24 1.16 -9.05
N SER A 69 0.45 2.47 -8.92
CA SER A 69 1.78 3.00 -8.67
C SER A 69 1.95 3.43 -7.22
N CYS A 70 2.53 2.54 -6.41
CA CYS A 70 2.74 2.83 -5.00
C CYS A 70 3.27 4.24 -4.80
N HIS A 71 3.07 4.77 -3.60
CA HIS A 71 3.53 6.13 -3.28
C HIS A 71 4.85 6.44 -3.98
N TYR A 72 5.74 5.46 -4.01
CA TYR A 72 7.04 5.62 -4.66
C TYR A 72 7.03 5.05 -6.07
N CYS A 73 6.48 3.85 -6.20
CA CYS A 73 6.40 3.18 -7.50
C CYS A 73 5.75 4.09 -8.54
N ASP A 74 6.21 3.97 -9.79
CA ASP A 74 5.68 4.78 -10.88
C ASP A 74 6.20 4.29 -12.22
N ASN A 75 5.46 4.60 -13.28
CA ASN A 75 5.84 4.20 -14.63
C ASN A 75 5.76 5.37 -15.60
N ILE A 76 6.55 5.30 -16.67
CA ILE A 76 6.57 6.35 -17.67
C ILE A 76 5.15 6.65 -18.18
N ASN A 77 4.30 5.63 -18.17
CA ASN A 77 2.93 5.79 -18.63
C ASN A 77 2.13 6.70 -17.69
N LEU A 78 2.05 7.98 -18.04
CA LEU A 78 1.33 8.95 -17.24
C LEU A 78 -0.10 9.11 -17.72
N LEU A 79 -1.00 9.45 -16.80
CA LEU A 79 -2.41 9.63 -17.15
C LEU A 79 -2.79 11.12 -17.15
N LEU A 80 -4.05 11.40 -17.44
CA LEU A 80 -4.52 12.78 -17.48
C LEU A 80 -5.88 12.90 -16.80
N THR A 81 -6.28 14.13 -16.50
CA THR A 81 -7.57 14.38 -15.84
C THR A 81 -8.14 15.73 -16.27
N GLU A 82 -9.43 15.74 -16.58
CA GLU A 82 -10.10 16.96 -17.00
C GLU A 82 -10.97 17.51 -15.88
N GLU A 83 -10.52 18.59 -15.24
CA GLU A 83 -11.25 19.21 -14.16
C GLU A 83 -11.33 20.72 -14.34
N SER A 84 -12.37 21.33 -13.78
CA SER A 84 -12.56 22.77 -13.89
C SER A 84 -11.77 23.51 -12.81
N GLY A 85 -11.81 24.85 -12.87
CA GLY A 85 -11.09 25.65 -11.89
C GLY A 85 -11.21 27.14 -12.17
N PRO A 86 -11.91 27.85 -11.28
CA PRO A 86 -12.12 29.29 -11.42
C PRO A 86 -10.84 30.08 -11.18
N SER A 87 -10.79 31.30 -11.70
CA SER A 87 -9.62 32.16 -11.55
C SER A 87 -9.08 32.09 -10.12
N SER A 88 -7.83 31.65 -9.99
CA SER A 88 -7.19 31.53 -8.69
C SER A 88 -6.88 32.90 -8.11
N GLY A 89 -6.97 33.01 -6.79
CA GLY A 89 -6.69 34.28 -6.12
C GLY A 89 -5.43 34.23 -5.27
ZN ZN B . -3.78 -2.29 6.72
ZN ZN C . 5.69 -0.70 -5.00
N GLY A 1 -0.06 -15.25 35.12
CA GLY A 1 -0.96 -14.36 34.40
C GLY A 1 -0.36 -12.98 34.22
N SER A 2 0.80 -12.91 33.57
CA SER A 2 1.48 -11.65 33.33
C SER A 2 1.27 -11.19 31.89
N SER A 3 1.12 -9.88 31.71
CA SER A 3 0.90 -9.31 30.38
C SER A 3 2.11 -9.57 29.49
N GLY A 4 1.87 -9.68 28.19
CA GLY A 4 2.94 -9.92 27.25
C GLY A 4 2.43 -10.30 25.87
N SER A 5 2.47 -11.59 25.56
CA SER A 5 2.02 -12.08 24.26
C SER A 5 2.04 -13.61 24.23
N SER A 6 1.62 -14.17 23.10
CA SER A 6 1.58 -15.62 22.93
C SER A 6 2.93 -16.14 22.44
N GLY A 7 3.68 -16.75 23.35
CA GLY A 7 4.98 -17.29 23.00
C GLY A 7 6.01 -16.20 22.74
N PRO A 8 6.36 -15.45 23.80
CA PRO A 8 7.33 -14.36 23.70
C PRO A 8 8.75 -14.87 23.48
N ARG A 9 8.89 -16.18 23.34
CA ARG A 9 10.19 -16.79 23.12
C ARG A 9 10.36 -17.20 21.66
N GLU A 10 9.62 -16.54 20.78
CA GLU A 10 9.69 -16.83 19.35
C GLU A 10 9.78 -15.55 18.53
N PRO A 11 10.91 -15.35 17.87
CA PRO A 11 11.15 -14.16 17.03
C PRO A 11 10.30 -14.16 15.77
N VAL A 12 9.79 -12.98 15.42
CA VAL A 12 8.95 -12.83 14.23
C VAL A 12 9.51 -11.77 13.29
N VAL A 13 10.47 -12.18 12.47
CA VAL A 13 11.09 -11.27 11.51
C VAL A 13 10.08 -10.29 10.95
N ASN A 14 10.49 -9.03 10.80
CA ASN A 14 9.62 -7.99 10.26
C ASN A 14 10.10 -7.51 8.90
N ASP A 15 9.57 -8.10 7.84
CA ASP A 15 9.95 -7.72 6.49
C ASP A 15 8.97 -6.71 5.90
N GLU A 16 7.68 -6.99 6.07
CA GLU A 16 6.64 -6.10 5.55
C GLU A 16 5.53 -5.91 6.58
N MET A 17 5.40 -4.69 7.09
CA MET A 17 4.39 -4.37 8.08
C MET A 17 3.64 -3.10 7.71
N CYS A 18 2.33 -3.22 7.50
CA CYS A 18 1.51 -2.08 7.14
C CYS A 18 1.73 -0.92 8.11
N ASP A 19 1.68 0.30 7.59
CA ASP A 19 1.88 1.49 8.41
C ASP A 19 0.62 1.81 9.20
N VAL A 20 -0.44 1.05 8.96
CA VAL A 20 -1.71 1.25 9.66
C VAL A 20 -2.12 0.00 10.44
N CYS A 21 -1.64 -1.15 9.97
CA CYS A 21 -1.95 -2.42 10.63
C CYS A 21 -0.69 -3.06 11.20
N GLU A 22 0.45 -2.76 10.59
CA GLU A 22 1.72 -3.30 11.04
C GLU A 22 1.65 -4.82 11.16
N VAL A 23 1.14 -5.47 10.11
CA VAL A 23 1.01 -6.91 10.10
C VAL A 23 1.10 -7.46 8.67
N TRP A 24 1.87 -8.53 8.50
CA TRP A 24 2.04 -9.15 7.19
C TRP A 24 1.14 -10.38 7.05
N THR A 25 1.01 -10.87 5.83
CA THR A 25 0.19 -12.03 5.55
C THR A 25 0.87 -12.96 4.55
N ALA A 26 0.60 -14.27 4.70
CA ALA A 26 1.18 -15.26 3.79
C ALA A 26 1.02 -14.85 2.34
N GLU A 27 -0.14 -14.27 2.02
CA GLU A 27 -0.42 -13.83 0.65
C GLU A 27 0.38 -12.58 0.31
N SER A 28 0.21 -12.08 -0.91
CA SER A 28 0.91 -10.89 -1.36
C SER A 28 0.25 -9.63 -0.81
N LEU A 29 1.07 -8.75 -0.23
CA LEU A 29 0.56 -7.50 0.34
C LEU A 29 0.41 -6.43 -0.73
N PHE A 30 -0.38 -5.41 -0.43
CA PHE A 30 -0.61 -4.32 -1.37
C PHE A 30 -0.15 -2.99 -0.78
N PRO A 31 0.21 -2.05 -1.67
CA PRO A 31 0.16 -2.26 -3.12
C PRO A 31 1.22 -3.25 -3.59
N CYS A 32 2.41 -3.17 -3.00
CA CYS A 32 3.51 -4.05 -3.37
C CYS A 32 4.52 -4.15 -2.22
N ARG A 33 5.04 -5.35 -2.01
CA ARG A 33 6.02 -5.58 -0.96
C ARG A 33 7.40 -5.10 -1.38
N VAL A 34 7.68 -5.17 -2.68
CA VAL A 34 8.96 -4.74 -3.22
C VAL A 34 9.49 -3.53 -2.46
N CYS A 35 8.59 -2.62 -2.11
CA CYS A 35 8.98 -1.41 -1.38
C CYS A 35 8.99 -1.66 0.12
N THR A 36 10.13 -1.42 0.75
CA THR A 36 10.26 -1.61 2.18
C THR A 36 8.98 -1.25 2.91
N ARG A 37 8.59 0.01 2.83
CA ARG A 37 7.38 0.49 3.48
C ARG A 37 6.14 -0.01 2.76
N VAL A 38 5.31 -0.76 3.48
CA VAL A 38 4.08 -1.31 2.91
C VAL A 38 2.85 -0.64 3.50
N PHE A 39 1.82 -0.47 2.69
CA PHE A 39 0.58 0.16 3.13
C PHE A 39 -0.61 -0.38 2.35
N HIS A 40 -1.47 -1.12 3.03
CA HIS A 40 -2.66 -1.69 2.40
C HIS A 40 -3.44 -0.63 1.64
N ASP A 41 -3.91 -0.98 0.46
CA ASP A 41 -4.68 -0.06 -0.37
C ASP A 41 -5.98 0.35 0.33
N GLY A 42 -6.56 -0.59 1.07
CA GLY A 42 -7.80 -0.31 1.77
C GLY A 42 -7.61 0.62 2.95
N CYS A 43 -6.46 0.50 3.61
CA CYS A 43 -6.14 1.34 4.76
C CYS A 43 -6.03 2.81 4.35
N LEU A 44 -5.25 3.07 3.31
CA LEU A 44 -5.07 4.43 2.82
C LEU A 44 -6.40 5.08 2.50
N ARG A 45 -7.17 4.45 1.61
CA ARG A 45 -8.47 4.97 1.21
C ARG A 45 -9.34 5.24 2.43
N ARG A 46 -9.20 4.40 3.45
CA ARG A 46 -9.98 4.54 4.67
C ARG A 46 -9.50 5.75 5.48
N MET A 47 -8.31 5.63 6.06
CA MET A 47 -7.73 6.72 6.86
C MET A 47 -7.84 8.05 6.12
N GLY A 48 -7.62 8.01 4.80
CA GLY A 48 -7.69 9.22 4.01
C GLY A 48 -6.33 9.75 3.63
N TYR A 49 -5.64 9.01 2.76
CA TYR A 49 -4.31 9.42 2.31
C TYR A 49 -4.26 9.56 0.80
N ILE A 50 -4.80 8.57 0.10
CA ILE A 50 -4.82 8.59 -1.36
C ILE A 50 -6.13 9.15 -1.89
N GLN A 51 -7.21 8.94 -1.12
CA GLN A 51 -8.53 9.43 -1.51
C GLN A 51 -8.98 10.55 -0.59
N GLY A 52 -9.15 11.75 -1.15
CA GLY A 52 -9.59 12.88 -0.36
C GLY A 52 -9.61 14.17 -1.16
N ASP A 53 -8.43 14.70 -1.45
CA ASP A 53 -8.31 15.94 -2.21
C ASP A 53 -8.65 15.71 -3.68
N SER A 54 -8.00 14.72 -4.28
CA SER A 54 -8.23 14.39 -5.68
C SER A 54 -8.90 13.02 -5.82
N ALA A 55 -10.13 13.02 -6.33
CA ALA A 55 -10.87 11.79 -6.51
C ALA A 55 -10.29 10.96 -7.65
N ALA A 56 -9.77 9.79 -7.32
CA ALA A 56 -9.18 8.90 -8.32
C ALA A 56 -10.04 7.66 -8.53
N GLU A 57 -10.66 7.57 -9.70
CA GLU A 57 -11.51 6.43 -10.03
C GLU A 57 -10.78 5.44 -10.92
N VAL A 58 -10.24 4.39 -10.32
CA VAL A 58 -9.51 3.37 -11.06
C VAL A 58 -9.97 1.97 -10.67
N THR A 59 -10.14 1.10 -11.66
CA THR A 59 -10.58 -0.27 -11.42
C THR A 59 -9.89 -0.85 -10.18
N GLU A 60 -10.54 -1.82 -9.56
CA GLU A 60 -10.00 -2.46 -8.37
C GLU A 60 -8.76 -3.27 -8.71
N MET A 61 -7.60 -2.61 -8.69
CA MET A 61 -6.34 -3.27 -9.00
C MET A 61 -5.16 -2.33 -8.75
N ALA A 62 -4.13 -2.85 -8.08
CA ALA A 62 -2.94 -2.07 -7.78
C ALA A 62 -1.67 -2.82 -8.13
N HIS A 63 -1.63 -4.11 -7.77
CA HIS A 63 -0.47 -4.95 -8.05
C HIS A 63 -0.53 -5.49 -9.47
N THR A 64 -1.62 -6.18 -9.80
CA THR A 64 -1.80 -6.76 -11.12
C THR A 64 -1.97 -5.66 -12.18
N GLU A 65 -1.59 -5.99 -13.41
CA GLU A 65 -1.71 -5.03 -14.51
C GLU A 65 -1.07 -3.69 -14.14
N THR A 66 0.08 -3.75 -13.49
CA THR A 66 0.78 -2.54 -13.07
C THR A 66 -0.19 -1.44 -12.68
N GLY A 67 -1.24 -1.82 -11.95
CA GLY A 67 -2.23 -0.85 -11.52
C GLY A 67 -1.61 0.46 -11.11
N TRP A 68 -1.32 0.60 -9.82
CA TRP A 68 -0.72 1.82 -9.30
C TRP A 68 0.58 1.52 -8.57
N SER A 69 1.68 2.09 -9.06
CA SER A 69 2.99 1.88 -8.47
C SER A 69 3.32 2.99 -7.47
N CYS A 70 3.74 2.60 -6.28
CA CYS A 70 4.07 3.56 -5.23
C CYS A 70 4.94 4.69 -5.80
N HIS A 71 4.77 5.89 -5.26
CA HIS A 71 5.53 7.05 -5.70
C HIS A 71 7.01 6.69 -5.88
N TYR A 72 7.55 5.94 -4.93
CA TYR A 72 8.94 5.54 -4.97
C TYR A 72 9.07 4.04 -5.22
N CYS A 73 8.17 3.50 -6.03
CA CYS A 73 8.17 2.08 -6.36
C CYS A 73 9.14 1.78 -7.50
N ASP A 74 9.78 0.62 -7.44
CA ASP A 74 10.73 0.21 -8.47
C ASP A 74 10.15 0.43 -9.86
N ASN A 75 11.00 0.31 -10.88
CA ASN A 75 10.57 0.50 -12.26
C ASN A 75 10.06 1.91 -12.49
N ILE A 76 10.77 2.89 -11.93
CA ILE A 76 10.39 4.29 -12.07
C ILE A 76 10.36 4.71 -13.53
N ASN A 77 9.16 4.78 -14.10
CA ASN A 77 8.99 5.17 -15.50
C ASN A 77 8.33 6.53 -15.60
N LEU A 78 9.14 7.57 -15.69
CA LEU A 78 8.63 8.94 -15.81
C LEU A 78 8.44 9.33 -17.26
N LEU A 79 7.26 9.85 -17.58
CA LEU A 79 6.95 10.27 -18.94
C LEU A 79 6.55 11.74 -18.97
N LEU A 80 6.94 12.42 -20.05
CA LEU A 80 6.62 13.84 -20.21
C LEU A 80 5.25 14.02 -20.87
N THR A 81 4.44 14.90 -20.30
CA THR A 81 3.11 15.17 -20.83
C THR A 81 2.91 16.65 -21.10
N GLU A 82 1.88 16.98 -21.86
CA GLU A 82 1.58 18.37 -22.20
C GLU A 82 0.72 19.02 -21.12
N GLU A 83 0.80 20.33 -21.02
CA GLU A 83 0.04 21.07 -20.02
C GLU A 83 0.49 20.74 -18.61
N SER A 84 1.82 20.63 -18.44
CA SER A 84 2.38 20.30 -17.13
C SER A 84 3.81 20.81 -17.02
N GLY A 85 4.14 21.38 -15.87
CA GLY A 85 5.48 21.91 -15.65
C GLY A 85 6.05 21.51 -14.31
N PRO A 86 6.27 20.20 -14.13
CA PRO A 86 6.82 19.64 -12.89
C PRO A 86 8.29 20.01 -12.70
N SER A 87 8.80 19.77 -11.49
CA SER A 87 10.19 20.07 -11.19
C SER A 87 10.98 18.80 -10.93
N SER A 88 11.45 18.17 -12.00
CA SER A 88 12.22 16.94 -11.90
C SER A 88 11.56 15.97 -10.93
N GLY A 89 10.24 15.86 -11.01
CA GLY A 89 9.50 14.97 -10.13
C GLY A 89 8.73 13.91 -10.90
ZN ZN B . -3.25 -2.00 6.64
ZN ZN C . 5.77 -0.46 -4.07
N GLY A 1 6.98 -23.24 35.39
CA GLY A 1 8.19 -23.85 35.90
C GLY A 1 9.21 -24.13 34.80
N SER A 2 8.87 -25.04 33.90
CA SER A 2 9.75 -25.38 32.80
C SER A 2 9.35 -24.66 31.52
N SER A 3 8.13 -24.91 31.07
CA SER A 3 7.63 -24.28 29.84
C SER A 3 6.16 -23.90 30.00
N GLY A 4 5.61 -23.25 28.98
CA GLY A 4 4.22 -22.85 29.02
C GLY A 4 3.49 -23.15 27.72
N SER A 5 2.37 -22.47 27.51
CA SER A 5 1.57 -22.66 26.31
C SER A 5 1.75 -21.49 25.35
N SER A 6 1.83 -21.80 24.05
CA SER A 6 2.01 -20.79 23.03
C SER A 6 0.91 -19.72 23.13
N GLY A 7 1.31 -18.45 23.00
CA GLY A 7 0.36 -17.36 23.08
C GLY A 7 0.97 -16.11 23.66
N PRO A 8 1.21 -16.12 24.98
CA PRO A 8 1.79 -14.97 25.69
C PRO A 8 3.26 -14.74 25.33
N ARG A 9 3.75 -15.54 24.39
CA ARG A 9 5.13 -15.42 23.94
C ARG A 9 5.34 -14.16 23.12
N GLU A 10 6.61 -13.83 22.86
CA GLU A 10 6.93 -12.64 22.08
C GLU A 10 7.62 -13.02 20.77
N PRO A 11 6.93 -12.77 19.64
CA PRO A 11 7.45 -13.08 18.31
C PRO A 11 8.61 -12.17 17.91
N VAL A 12 9.16 -12.39 16.73
CA VAL A 12 10.26 -11.59 16.23
C VAL A 12 9.77 -10.40 15.41
N VAL A 13 10.40 -9.25 15.60
CA VAL A 13 10.03 -8.03 14.89
C VAL A 13 9.98 -8.28 13.38
N ASN A 14 9.01 -7.65 12.72
CA ASN A 14 8.86 -7.81 11.28
C ASN A 14 9.10 -6.48 10.56
N ASP A 15 9.33 -6.55 9.26
CA ASP A 15 9.57 -5.36 8.46
C ASP A 15 8.42 -5.11 7.50
N GLU A 16 7.92 -6.17 6.88
CA GLU A 16 6.82 -6.07 5.93
C GLU A 16 5.48 -5.95 6.66
N MET A 17 5.42 -5.04 7.63
CA MET A 17 4.20 -4.83 8.41
C MET A 17 3.52 -3.52 8.01
N CYS A 18 2.24 -3.60 7.67
CA CYS A 18 1.48 -2.41 7.28
C CYS A 18 1.82 -1.23 8.18
N ASP A 19 1.73 -0.02 7.62
CA ASP A 19 2.04 1.19 8.37
C ASP A 19 0.80 1.68 9.12
N VAL A 20 -0.30 0.96 8.97
CA VAL A 20 -1.55 1.31 9.64
C VAL A 20 -2.08 0.14 10.45
N CYS A 21 -1.57 -1.05 10.18
CA CYS A 21 -2.01 -2.25 10.89
C CYS A 21 -0.82 -2.95 11.55
N GLU A 22 0.36 -2.80 10.95
CA GLU A 22 1.56 -3.42 11.47
C GLU A 22 1.45 -4.94 11.45
N VAL A 23 0.91 -5.47 10.36
CA VAL A 23 0.75 -6.91 10.21
C VAL A 23 0.91 -7.33 8.75
N TRP A 24 1.54 -8.49 8.55
CA TRP A 24 1.75 -9.01 7.20
C TRP A 24 0.95 -10.29 6.97
N THR A 25 1.02 -10.82 5.75
CA THR A 25 0.29 -12.03 5.41
C THR A 25 1.05 -12.84 4.35
N ALA A 26 0.89 -14.16 4.39
CA ALA A 26 1.55 -15.04 3.44
C ALA A 26 1.33 -14.56 2.01
N GLU A 27 0.11 -14.10 1.72
CA GLU A 27 -0.22 -13.62 0.39
C GLU A 27 0.48 -12.29 0.10
N SER A 28 0.31 -11.79 -1.12
CA SER A 28 0.93 -10.53 -1.52
C SER A 28 0.34 -9.37 -0.74
N LEU A 29 1.21 -8.49 -0.24
CA LEU A 29 0.77 -7.33 0.52
C LEU A 29 0.75 -6.08 -0.36
N PHE A 30 -0.34 -5.33 -0.29
CA PHE A 30 -0.48 -4.11 -1.07
C PHE A 30 0.20 -2.93 -0.37
N PRO A 31 0.65 -1.96 -1.16
CA PRO A 31 0.52 -1.99 -2.63
C PRO A 31 1.41 -3.06 -3.26
N CYS A 32 2.70 -3.04 -2.89
CA CYS A 32 3.65 -4.01 -3.42
C CYS A 32 4.52 -4.58 -2.30
N ARG A 33 5.46 -5.44 -2.68
CA ARG A 33 6.35 -6.06 -1.71
C ARG A 33 7.79 -5.59 -1.91
N VAL A 34 8.11 -5.19 -3.13
CA VAL A 34 9.44 -4.70 -3.46
C VAL A 34 9.79 -3.45 -2.66
N CYS A 35 8.79 -2.62 -2.41
CA CYS A 35 8.97 -1.39 -1.66
C CYS A 35 8.82 -1.64 -0.16
N THR A 36 9.95 -1.64 0.55
CA THR A 36 9.94 -1.86 1.99
C THR A 36 8.67 -1.32 2.63
N ARG A 37 8.27 -0.12 2.23
CA ARG A 37 7.07 0.52 2.76
C ARG A 37 5.82 -0.23 2.31
N VAL A 38 5.27 -1.05 3.20
CA VAL A 38 4.07 -1.82 2.89
C VAL A 38 2.84 -1.24 3.59
N PHE A 39 1.79 -1.01 2.82
CA PHE A 39 0.56 -0.46 3.37
C PHE A 39 -0.65 -0.93 2.58
N HIS A 40 -1.61 -1.55 3.26
CA HIS A 40 -2.82 -2.05 2.61
C HIS A 40 -3.46 -0.96 1.74
N ASP A 41 -4.17 -1.38 0.71
CA ASP A 41 -4.84 -0.44 -0.19
C ASP A 41 -6.02 0.23 0.50
N GLY A 42 -6.74 -0.54 1.31
CA GLY A 42 -7.89 -0.01 2.01
C GLY A 42 -7.51 0.99 3.09
N CYS A 43 -6.56 0.60 3.93
CA CYS A 43 -6.10 1.47 5.01
C CYS A 43 -5.99 2.91 4.53
N LEU A 44 -5.45 3.09 3.33
CA LEU A 44 -5.28 4.43 2.75
C LEU A 44 -6.62 5.13 2.60
N ARG A 45 -7.48 4.57 1.76
CA ARG A 45 -8.80 5.15 1.52
C ARG A 45 -9.55 5.35 2.84
N ARG A 46 -9.35 4.43 3.77
CA ARG A 46 -10.00 4.51 5.07
C ARG A 46 -9.74 5.84 5.74
N MET A 47 -8.47 6.25 5.76
CA MET A 47 -8.08 7.52 6.37
C MET A 47 -8.26 8.66 5.39
N GLY A 48 -7.62 8.53 4.23
CA GLY A 48 -7.71 9.57 3.21
C GLY A 48 -6.36 9.97 2.67
N TYR A 49 -5.63 9.01 2.12
CA TYR A 49 -4.30 9.27 1.58
C TYR A 49 -4.30 9.13 0.05
N ILE A 50 -5.04 8.15 -0.45
CA ILE A 50 -5.14 7.92 -1.88
C ILE A 50 -5.72 9.13 -2.60
N GLN A 51 -6.94 9.50 -2.24
CA GLN A 51 -7.60 10.65 -2.84
C GLN A 51 -7.16 11.95 -2.18
N GLY A 52 -6.91 12.97 -3.00
CA GLY A 52 -6.48 14.26 -2.47
C GLY A 52 -6.26 15.28 -3.56
N ASP A 53 -7.32 16.02 -3.90
CA ASP A 53 -7.22 17.04 -4.94
C ASP A 53 -6.90 16.42 -6.29
N SER A 54 -7.37 15.19 -6.50
CA SER A 54 -7.12 14.48 -7.75
C SER A 54 -8.02 13.26 -7.87
N ALA A 55 -8.83 13.21 -8.93
CA ALA A 55 -9.73 12.10 -9.15
C ALA A 55 -9.65 11.60 -10.60
N ALA A 56 -8.71 12.17 -11.35
CA ALA A 56 -8.52 11.78 -12.75
C ALA A 56 -7.14 11.19 -12.97
N GLU A 57 -6.36 11.08 -11.90
CA GLU A 57 -5.01 10.53 -11.98
C GLU A 57 -4.77 9.52 -10.87
N VAL A 58 -5.74 8.65 -10.64
CA VAL A 58 -5.63 7.64 -9.60
C VAL A 58 -5.52 6.24 -10.21
N THR A 59 -4.67 5.41 -9.62
CA THR A 59 -4.47 4.04 -10.10
C THR A 59 -4.53 3.05 -8.96
N GLU A 60 -5.72 2.53 -8.69
CA GLU A 60 -5.91 1.56 -7.61
C GLU A 60 -6.53 0.27 -8.15
N MET A 61 -5.68 -0.72 -8.40
CA MET A 61 -6.13 -2.00 -8.91
C MET A 61 -5.17 -3.12 -8.52
N ALA A 62 -5.73 -4.23 -8.02
CA ALA A 62 -4.92 -5.36 -7.61
C ALA A 62 -5.50 -6.67 -8.13
N HIS A 63 -4.68 -7.71 -8.19
CA HIS A 63 -5.12 -9.02 -8.67
C HIS A 63 -5.94 -8.88 -9.95
N THR A 64 -5.52 -7.96 -10.82
CA THR A 64 -6.22 -7.73 -12.08
C THR A 64 -5.34 -8.12 -13.27
N GLU A 65 -5.91 -8.00 -14.47
CA GLU A 65 -5.19 -8.35 -15.68
C GLU A 65 -3.70 -8.01 -15.55
N THR A 66 -3.41 -6.89 -14.89
CA THR A 66 -2.04 -6.46 -14.70
C THR A 66 -1.47 -6.99 -13.39
N GLY A 67 -2.11 -6.62 -12.28
CA GLY A 67 -1.66 -7.07 -10.97
C GLY A 67 -1.64 -5.95 -9.95
N TRP A 68 -0.56 -5.87 -9.19
CA TRP A 68 -0.43 -4.84 -8.15
C TRP A 68 0.86 -4.04 -8.36
N SER A 69 0.72 -2.73 -8.44
CA SER A 69 1.85 -1.84 -8.65
C SER A 69 1.75 -0.59 -7.77
N CYS A 70 2.65 -0.48 -6.80
CA CYS A 70 2.65 0.67 -5.90
C CYS A 70 3.06 1.94 -6.63
N HIS A 71 3.11 3.04 -5.89
CA HIS A 71 3.49 4.33 -6.46
C HIS A 71 4.99 4.38 -6.75
N TYR A 72 5.78 3.82 -5.84
CA TYR A 72 7.23 3.80 -5.99
C TYR A 72 7.69 2.54 -6.71
N CYS A 73 6.91 2.11 -7.70
CA CYS A 73 7.23 0.92 -8.47
C CYS A 73 7.85 1.29 -9.82
N ASP A 74 8.99 0.67 -10.13
CA ASP A 74 9.68 0.93 -11.39
C ASP A 74 10.56 -0.25 -11.78
N ASN A 75 10.26 -0.83 -12.93
CA ASN A 75 11.02 -1.98 -13.43
C ASN A 75 12.00 -1.56 -14.52
N ILE A 76 11.49 -0.84 -15.51
CA ILE A 76 12.31 -0.36 -16.61
C ILE A 76 12.33 1.17 -16.66
N ASN A 77 13.36 1.70 -17.32
CA ASN A 77 13.51 3.16 -17.45
C ASN A 77 12.65 3.69 -18.59
N LEU A 78 11.63 4.47 -18.25
CA LEU A 78 10.74 5.05 -19.24
C LEU A 78 10.50 6.53 -18.97
N LEU A 79 11.23 7.38 -19.70
CA LEU A 79 11.10 8.83 -19.53
C LEU A 79 9.68 9.29 -19.87
N LEU A 80 8.96 9.75 -18.86
CA LEU A 80 7.60 10.23 -19.06
C LEU A 80 7.56 11.75 -19.17
N THR A 81 6.55 12.26 -19.88
CA THR A 81 6.40 13.69 -20.07
C THR A 81 6.19 14.41 -18.74
N GLU A 82 5.53 13.72 -17.81
CA GLU A 82 5.26 14.29 -16.50
C GLU A 82 5.09 15.81 -16.57
N GLU A 83 4.37 16.26 -17.60
CA GLU A 83 4.12 17.68 -17.79
C GLU A 83 2.95 18.16 -16.94
N SER A 84 2.93 17.73 -15.68
CA SER A 84 1.85 18.12 -14.76
C SER A 84 2.02 19.57 -14.31
N GLY A 85 3.27 20.01 -14.20
CA GLY A 85 3.54 21.37 -13.77
C GLY A 85 4.92 21.52 -13.18
N PRO A 86 5.94 21.60 -14.04
CA PRO A 86 7.34 21.75 -13.63
C PRO A 86 7.62 23.13 -13.04
N SER A 87 8.84 23.33 -12.57
CA SER A 87 9.24 24.61 -11.99
C SER A 87 10.74 24.84 -12.17
N SER A 88 11.19 26.02 -11.74
CA SER A 88 12.60 26.38 -11.85
C SER A 88 13.49 25.15 -11.64
N GLY A 89 14.31 24.84 -12.64
CA GLY A 89 15.20 23.70 -12.54
C GLY A 89 15.91 23.41 -13.85
ZN ZN B . -3.30 -1.90 6.92
ZN ZN C . 6.82 -0.83 -5.40
N GLY A 1 -20.82 -6.39 25.96
CA GLY A 1 -20.03 -6.17 27.16
C GLY A 1 -18.67 -5.58 26.86
N SER A 2 -17.70 -6.44 26.55
CA SER A 2 -16.35 -6.01 26.25
C SER A 2 -15.77 -6.80 25.07
N SER A 3 -14.87 -6.18 24.33
CA SER A 3 -14.25 -6.81 23.18
C SER A 3 -13.77 -8.22 23.54
N GLY A 4 -14.06 -9.17 22.66
CA GLY A 4 -13.65 -10.55 22.90
C GLY A 4 -12.40 -10.92 22.13
N SER A 5 -11.31 -10.23 22.41
CA SER A 5 -10.04 -10.50 21.74
C SER A 5 -9.18 -11.47 22.55
N SER A 6 -8.63 -12.47 21.86
CA SER A 6 -7.79 -13.47 22.52
C SER A 6 -6.70 -12.80 23.35
N GLY A 7 -6.01 -11.83 22.75
CA GLY A 7 -4.95 -11.13 23.45
C GLY A 7 -3.61 -11.83 23.33
N PRO A 8 -3.00 -11.74 22.13
CA PRO A 8 -1.71 -12.37 21.86
C PRO A 8 -0.56 -11.68 22.59
N ARG A 9 -0.66 -10.36 22.72
CA ARG A 9 0.37 -9.58 23.41
C ARG A 9 1.74 -10.25 23.26
N GLU A 10 2.09 -10.62 22.04
CA GLU A 10 3.37 -11.26 21.76
C GLU A 10 4.28 -10.34 20.96
N PRO A 11 5.52 -10.17 21.45
CA PRO A 11 6.51 -9.31 20.79
C PRO A 11 7.00 -9.91 19.47
N VAL A 12 6.93 -9.11 18.41
CA VAL A 12 7.36 -9.56 17.09
C VAL A 12 8.12 -8.45 16.36
N VAL A 13 9.02 -8.85 15.46
CA VAL A 13 9.81 -7.90 14.69
C VAL A 13 9.84 -8.27 13.22
N ASN A 14 9.35 -7.37 12.37
CA ASN A 14 9.32 -7.60 10.93
C ASN A 14 9.43 -6.28 10.17
N ASP A 15 9.41 -6.37 8.84
CA ASP A 15 9.50 -5.19 7.99
C ASP A 15 8.29 -5.09 7.07
N GLU A 16 7.79 -6.24 6.63
CA GLU A 16 6.63 -6.28 5.74
C GLU A 16 5.34 -6.10 6.52
N MET A 17 5.34 -5.15 7.44
CA MET A 17 4.16 -4.87 8.27
C MET A 17 3.51 -3.56 7.85
N CYS A 18 2.19 -3.57 7.70
CA CYS A 18 1.45 -2.38 7.31
C CYS A 18 1.81 -1.20 8.21
N ASP A 19 1.87 -0.02 7.62
CA ASP A 19 2.21 1.20 8.36
C ASP A 19 0.99 1.73 9.10
N VAL A 20 -0.14 1.04 8.97
CA VAL A 20 -1.37 1.45 9.63
C VAL A 20 -1.93 0.32 10.49
N CYS A 21 -1.53 -0.91 10.18
CA CYS A 21 -1.99 -2.08 10.92
C CYS A 21 -0.81 -2.83 11.54
N GLU A 22 0.35 -2.72 10.91
CA GLU A 22 1.55 -3.39 11.39
C GLU A 22 1.36 -4.90 11.39
N VAL A 23 0.86 -5.42 10.28
CA VAL A 23 0.63 -6.86 10.14
C VAL A 23 0.80 -7.30 8.69
N TRP A 24 1.39 -8.48 8.51
CA TRP A 24 1.61 -9.02 7.17
C TRP A 24 0.76 -10.26 6.93
N THR A 25 0.89 -10.84 5.75
CA THR A 25 0.12 -12.03 5.39
C THR A 25 0.82 -12.83 4.31
N ALA A 26 0.62 -14.15 4.31
CA ALA A 26 1.23 -15.02 3.32
C ALA A 26 1.16 -14.41 1.93
N GLU A 27 -0.06 -14.17 1.46
CA GLU A 27 -0.26 -13.59 0.14
C GLU A 27 0.53 -12.29 -0.02
N SER A 28 0.59 -11.79 -1.25
CA SER A 28 1.33 -10.56 -1.53
C SER A 28 0.66 -9.36 -0.86
N LEU A 29 1.44 -8.62 -0.07
CA LEU A 29 0.92 -7.46 0.65
C LEU A 29 0.88 -6.24 -0.28
N PHE A 30 -0.25 -5.54 -0.27
CA PHE A 30 -0.42 -4.35 -1.10
C PHE A 30 0.17 -3.12 -0.42
N PRO A 31 0.60 -2.15 -1.24
CA PRO A 31 0.52 -2.25 -2.70
C PRO A 31 1.48 -3.30 -3.27
N CYS A 32 2.73 -3.24 -2.83
CA CYS A 32 3.75 -4.17 -3.29
C CYS A 32 4.50 -4.78 -2.11
N ARG A 33 5.46 -5.66 -2.41
CA ARG A 33 6.26 -6.31 -1.38
C ARG A 33 7.73 -5.92 -1.48
N VAL A 34 8.13 -5.49 -2.68
CA VAL A 34 9.51 -5.09 -2.91
C VAL A 34 9.82 -3.77 -2.21
N CYS A 35 9.07 -2.73 -2.56
CA CYS A 35 9.27 -1.41 -1.96
C CYS A 35 9.52 -1.53 -0.47
N THR A 36 10.36 -0.65 0.06
CA THR A 36 10.68 -0.64 1.49
C THR A 36 9.56 -0.01 2.30
N ARG A 37 8.32 -0.39 2.00
CA ARG A 37 7.16 0.14 2.71
C ARG A 37 5.88 -0.56 2.26
N VAL A 38 5.28 -1.31 3.18
CA VAL A 38 4.05 -2.04 2.88
C VAL A 38 2.86 -1.40 3.59
N PHE A 39 1.80 -1.15 2.82
CA PHE A 39 0.59 -0.54 3.37
C PHE A 39 -0.65 -0.99 2.60
N HIS A 40 -1.65 -1.49 3.31
CA HIS A 40 -2.89 -1.95 2.69
C HIS A 40 -3.48 -0.86 1.81
N ASP A 41 -4.34 -1.27 0.86
CA ASP A 41 -4.97 -0.33 -0.05
C ASP A 41 -6.21 0.29 0.60
N GLY A 42 -6.82 -0.44 1.53
CA GLY A 42 -8.01 0.05 2.20
C GLY A 42 -7.67 0.99 3.35
N CYS A 43 -6.47 0.85 3.89
CA CYS A 43 -6.03 1.69 5.00
C CYS A 43 -5.89 3.14 4.56
N LEU A 44 -5.50 3.34 3.31
CA LEU A 44 -5.32 4.68 2.76
C LEU A 44 -6.67 5.33 2.48
N ARG A 45 -7.52 4.62 1.74
CA ARG A 45 -8.85 5.13 1.40
C ARG A 45 -9.67 5.38 2.65
N ARG A 46 -9.57 4.47 3.61
CA ARG A 46 -10.31 4.60 4.87
C ARG A 46 -9.95 5.90 5.59
N MET A 47 -8.67 6.05 5.90
CA MET A 47 -8.20 7.24 6.60
C MET A 47 -8.41 8.49 5.73
N GLY A 48 -7.91 8.43 4.50
CA GLY A 48 -8.06 9.56 3.59
C GLY A 48 -6.72 10.06 3.08
N TYR A 49 -5.88 9.13 2.65
CA TYR A 49 -4.56 9.49 2.13
C TYR A 49 -4.60 9.67 0.62
N ILE A 50 -5.31 8.78 -0.07
CA ILE A 50 -5.43 8.85 -1.51
C ILE A 50 -6.86 9.18 -1.93
N GLN A 51 -7.81 8.92 -1.03
CA GLN A 51 -9.22 9.20 -1.30
C GLN A 51 -10.06 8.99 -0.04
N GLY A 52 -11.20 9.66 0.01
CA GLY A 52 -12.09 9.54 1.16
C GLY A 52 -13.51 9.19 0.76
N ASP A 53 -14.12 10.05 -0.04
CA ASP A 53 -15.50 9.84 -0.49
C ASP A 53 -15.66 8.42 -1.03
N SER A 54 -16.62 7.70 -0.46
CA SER A 54 -16.88 6.32 -0.88
C SER A 54 -17.86 6.29 -2.07
N ALA A 55 -17.58 5.43 -3.03
CA ALA A 55 -18.42 5.30 -4.21
C ALA A 55 -18.52 3.85 -4.66
N ALA A 56 -19.21 3.63 -5.78
CA ALA A 56 -19.36 2.29 -6.32
C ALA A 56 -18.13 1.87 -7.12
N GLU A 57 -16.96 2.22 -6.61
CA GLU A 57 -15.70 1.87 -7.27
C GLU A 57 -14.81 1.05 -6.36
N VAL A 58 -14.50 -0.17 -6.78
CA VAL A 58 -13.65 -1.06 -6.01
C VAL A 58 -12.40 -1.46 -6.78
N THR A 59 -11.46 -2.11 -6.10
CA THR A 59 -10.22 -2.54 -6.72
C THR A 59 -9.89 -3.99 -6.35
N GLU A 60 -9.57 -4.78 -7.36
CA GLU A 60 -9.22 -6.18 -7.14
C GLU A 60 -8.20 -6.66 -8.17
N MET A 61 -7.71 -7.88 -7.98
CA MET A 61 -6.72 -8.46 -8.89
C MET A 61 -5.44 -7.62 -8.90
N ALA A 62 -4.97 -7.25 -7.72
CA ALA A 62 -3.76 -6.45 -7.59
C ALA A 62 -2.51 -7.32 -7.71
N HIS A 63 -2.40 -8.31 -6.83
CA HIS A 63 -1.25 -9.21 -6.83
C HIS A 63 -1.32 -10.17 -8.01
N THR A 64 -1.15 -9.63 -9.22
CA THR A 64 -1.20 -10.42 -10.43
C THR A 64 -0.25 -9.87 -11.50
N GLU A 65 0.01 -10.66 -12.52
CA GLU A 65 0.89 -10.25 -13.60
C GLU A 65 0.51 -8.87 -14.12
N THR A 66 1.50 -7.99 -14.24
CA THR A 66 1.27 -6.63 -14.73
C THR A 66 -0.02 -6.06 -14.16
N GLY A 67 -0.24 -6.29 -12.87
CA GLY A 67 -1.45 -5.79 -12.23
C GLY A 67 -1.32 -4.35 -11.79
N TRP A 68 -1.60 -4.09 -10.52
CA TRP A 68 -1.51 -2.73 -9.98
C TRP A 68 -0.25 -2.57 -9.14
N SER A 69 0.60 -1.63 -9.54
CA SER A 69 1.84 -1.37 -8.83
C SER A 69 1.76 -0.07 -8.03
N CYS A 70 2.43 -0.05 -6.89
CA CYS A 70 2.44 1.13 -6.04
C CYS A 70 2.72 2.40 -6.85
N HIS A 71 2.67 3.54 -6.18
CA HIS A 71 2.91 4.82 -6.85
C HIS A 71 4.38 4.95 -7.25
N TYR A 72 5.26 4.43 -6.40
CA TYR A 72 6.69 4.49 -6.67
C TYR A 72 7.32 3.10 -6.58
N CYS A 73 7.42 2.43 -7.73
CA CYS A 73 8.00 1.10 -7.79
C CYS A 73 9.40 1.14 -8.40
N ASP A 74 10.04 -0.02 -8.47
CA ASP A 74 11.38 -0.13 -9.03
C ASP A 74 11.41 0.35 -10.47
N ASN A 75 10.45 -0.12 -11.26
CA ASN A 75 10.36 0.25 -12.67
C ASN A 75 9.36 1.39 -12.87
N ILE A 76 9.83 2.49 -13.47
CA ILE A 76 8.99 3.64 -13.71
C ILE A 76 8.56 3.72 -15.18
N ASN A 77 7.35 4.22 -15.42
CA ASN A 77 6.83 4.35 -16.78
C ASN A 77 5.83 5.48 -16.87
N LEU A 78 5.35 5.75 -18.08
CA LEU A 78 4.38 6.81 -18.30
C LEU A 78 2.99 6.39 -17.84
N LEU A 79 2.15 7.37 -17.51
CA LEU A 79 0.80 7.10 -17.05
C LEU A 79 -0.23 7.55 -18.08
N LEU A 80 -0.78 6.60 -18.83
CA LEU A 80 -1.78 6.90 -19.85
C LEU A 80 -2.79 7.92 -19.34
N THR A 81 -3.53 8.52 -20.27
CA THR A 81 -4.54 9.51 -19.91
C THR A 81 -5.70 8.87 -19.16
N GLU A 82 -5.61 8.86 -17.83
CA GLU A 82 -6.65 8.28 -17.00
C GLU A 82 -7.44 9.37 -16.28
N GLU A 83 -8.74 9.43 -16.57
CA GLU A 83 -9.61 10.43 -15.95
C GLU A 83 -10.96 9.81 -15.56
N SER A 84 -11.31 9.94 -14.29
CA SER A 84 -12.56 9.41 -13.79
C SER A 84 -12.84 9.90 -12.37
N GLY A 85 -14.13 10.01 -12.04
CA GLY A 85 -14.51 10.47 -10.71
C GLY A 85 -15.89 11.09 -10.69
N PRO A 86 -16.90 10.27 -10.36
CA PRO A 86 -18.30 10.71 -10.30
C PRO A 86 -18.55 11.65 -9.12
N SER A 87 -19.38 12.67 -9.36
CA SER A 87 -19.71 13.64 -8.33
C SER A 87 -20.80 13.10 -7.40
N SER A 88 -20.37 12.44 -6.33
CA SER A 88 -21.31 11.86 -5.37
C SER A 88 -20.66 11.71 -3.99
N GLY A 89 -21.46 11.88 -2.95
CA GLY A 89 -20.94 11.76 -1.59
C GLY A 89 -20.96 10.33 -1.09
ZN ZN B . -3.34 -1.72 7.02
ZN ZN C . 6.37 -0.60 -5.31
N GLY A 1 -21.71 -3.26 21.85
CA GLY A 1 -21.14 -4.39 21.14
C GLY A 1 -20.56 -5.44 22.08
N SER A 2 -21.44 -6.21 22.70
CA SER A 2 -21.02 -7.25 23.64
C SER A 2 -19.78 -7.96 23.12
N SER A 3 -18.76 -8.06 23.97
CA SER A 3 -17.52 -8.72 23.60
C SER A 3 -16.63 -8.95 24.82
N GLY A 4 -16.14 -10.17 24.97
CA GLY A 4 -15.28 -10.49 26.10
C GLY A 4 -13.83 -10.67 25.70
N SER A 5 -13.59 -11.65 24.83
CA SER A 5 -12.24 -11.95 24.37
C SER A 5 -12.21 -12.16 22.86
N SER A 6 -11.53 -11.25 22.15
CA SER A 6 -11.43 -11.34 20.70
C SER A 6 -10.06 -10.87 20.22
N GLY A 7 -9.34 -11.76 19.54
CA GLY A 7 -8.02 -11.41 19.05
C GLY A 7 -7.26 -12.62 18.54
N PRO A 8 -7.73 -13.19 17.41
CA PRO A 8 -7.11 -14.36 16.79
C PRO A 8 -5.74 -14.04 16.19
N ARG A 9 -5.38 -12.77 16.21
CA ARG A 9 -4.10 -12.33 15.66
C ARG A 9 -3.02 -12.32 16.73
N GLU A 10 -1.78 -12.54 16.32
CA GLU A 10 -0.65 -12.56 17.25
C GLU A 10 0.23 -11.32 17.06
N PRO A 11 0.59 -10.68 18.18
CA PRO A 11 1.44 -9.48 18.17
C PRO A 11 2.87 -9.80 17.76
N VAL A 12 3.28 -9.29 16.61
CA VAL A 12 4.63 -9.50 16.11
C VAL A 12 5.18 -8.26 15.41
N VAL A 13 6.45 -7.97 15.65
CA VAL A 13 7.08 -6.81 15.04
C VAL A 13 7.79 -7.18 13.73
N ASN A 14 7.61 -6.34 12.72
CA ASN A 14 8.22 -6.59 11.42
C ASN A 14 8.28 -5.31 10.59
N ASP A 15 8.81 -5.41 9.37
CA ASP A 15 8.91 -4.26 8.49
C ASP A 15 7.90 -4.35 7.35
N GLU A 16 7.68 -5.57 6.86
CA GLU A 16 6.73 -5.79 5.77
C GLU A 16 5.31 -5.91 6.30
N MET A 17 4.88 -4.92 7.08
CA MET A 17 3.55 -4.92 7.66
C MET A 17 2.89 -3.55 7.50
N CYS A 18 1.59 -3.54 7.25
CA CYS A 18 0.84 -2.30 7.09
C CYS A 18 1.29 -1.26 8.11
N ASP A 19 1.50 -0.03 7.65
CA ASP A 19 1.93 1.06 8.52
C ASP A 19 0.74 1.61 9.31
N VAL A 20 -0.42 1.00 9.13
CA VAL A 20 -1.63 1.43 9.83
C VAL A 20 -2.22 0.31 10.67
N CYS A 21 -1.85 -0.92 10.34
CA CYS A 21 -2.33 -2.09 11.07
C CYS A 21 -1.18 -2.86 11.69
N GLU A 22 0.01 -2.73 11.10
CA GLU A 22 1.19 -3.42 11.59
C GLU A 22 1.02 -4.93 11.50
N VAL A 23 0.50 -5.39 10.37
CA VAL A 23 0.27 -6.82 10.15
C VAL A 23 0.67 -7.22 8.74
N TRP A 24 1.39 -8.34 8.63
CA TRP A 24 1.84 -8.84 7.34
C TRP A 24 1.17 -10.16 7.00
N THR A 25 1.50 -10.71 5.84
CA THR A 25 0.92 -11.98 5.41
C THR A 25 1.88 -12.73 4.48
N ALA A 26 1.79 -14.06 4.49
CA ALA A 26 2.64 -14.89 3.66
C ALA A 26 2.52 -14.49 2.19
N GLU A 27 1.30 -14.18 1.76
CA GLU A 27 1.06 -13.78 0.37
C GLU A 27 1.59 -12.37 0.11
N SER A 28 1.51 -11.95 -1.15
CA SER A 28 1.98 -10.62 -1.54
C SER A 28 1.14 -9.52 -0.89
N LEU A 29 1.79 -8.67 -0.12
CA LEU A 29 1.10 -7.57 0.55
C LEU A 29 0.93 -6.38 -0.38
N PHE A 30 -0.22 -5.73 -0.29
CA PHE A 30 -0.50 -4.56 -1.13
C PHE A 30 0.06 -3.29 -0.50
N PRO A 31 0.36 -2.30 -1.35
CA PRO A 31 0.17 -2.40 -2.79
C PRO A 31 1.14 -3.38 -3.44
N CYS A 32 2.43 -3.21 -3.14
CA CYS A 32 3.47 -4.07 -3.69
C CYS A 32 4.25 -4.75 -2.58
N ARG A 33 5.03 -5.77 -2.95
CA ARG A 33 5.84 -6.51 -1.98
C ARG A 33 7.28 -6.03 -2.01
N VAL A 34 7.74 -5.57 -3.16
CA VAL A 34 9.10 -5.07 -3.31
C VAL A 34 9.36 -3.87 -2.41
N CYS A 35 8.48 -2.88 -2.50
CA CYS A 35 8.60 -1.67 -1.69
C CYS A 35 8.59 -2.02 -0.20
N THR A 36 9.73 -1.84 0.45
CA THR A 36 9.85 -2.13 1.88
C THR A 36 8.66 -1.58 2.65
N ARG A 37 8.04 -0.54 2.11
CA ARG A 37 6.88 0.08 2.75
C ARG A 37 5.58 -0.54 2.24
N VAL A 38 4.94 -1.34 3.09
CA VAL A 38 3.69 -2.00 2.72
C VAL A 38 2.52 -1.40 3.49
N PHE A 39 1.45 -1.09 2.76
CA PHE A 39 0.25 -0.52 3.38
C PHE A 39 -1.01 -0.93 2.61
N HIS A 40 -2.00 -1.41 3.35
CA HIS A 40 -3.26 -1.84 2.74
C HIS A 40 -3.92 -0.69 1.98
N ASP A 41 -3.87 -0.76 0.66
CA ASP A 41 -4.46 0.27 -0.18
C ASP A 41 -5.74 0.82 0.44
N GLY A 42 -6.46 -0.04 1.15
CA GLY A 42 -7.70 0.37 1.78
C GLY A 42 -7.46 1.30 2.96
N CYS A 43 -6.64 0.86 3.90
CA CYS A 43 -6.34 1.67 5.08
C CYS A 43 -6.01 3.11 4.69
N LEU A 44 -5.39 3.27 3.53
CA LEU A 44 -5.03 4.60 3.03
C LEU A 44 -6.27 5.40 2.65
N ARG A 45 -7.04 4.87 1.70
CA ARG A 45 -8.26 5.53 1.25
C ARG A 45 -9.20 5.79 2.41
N ARG A 46 -9.24 4.86 3.36
CA ARG A 46 -10.10 4.99 4.53
C ARG A 46 -9.63 6.13 5.44
N MET A 47 -8.40 6.01 5.94
CA MET A 47 -7.84 7.02 6.81
C MET A 47 -7.98 8.41 6.20
N GLY A 48 -7.39 8.60 5.02
CA GLY A 48 -7.46 9.88 4.35
C GLY A 48 -6.10 10.36 3.87
N TYR A 49 -5.44 9.53 3.07
CA TYR A 49 -4.12 9.89 2.55
C TYR A 49 -4.17 10.07 1.03
N ILE A 50 -4.36 8.97 0.31
CA ILE A 50 -4.43 9.03 -1.14
C ILE A 50 -5.02 10.35 -1.62
N GLN A 51 -6.16 10.71 -1.07
CA GLN A 51 -6.83 11.95 -1.44
C GLN A 51 -7.15 12.79 -0.20
N GLY A 52 -7.33 14.09 -0.40
CA GLY A 52 -7.64 14.98 0.70
C GLY A 52 -8.44 16.20 0.27
N ASP A 53 -7.73 17.27 -0.07
CA ASP A 53 -8.38 18.50 -0.51
C ASP A 53 -8.35 18.62 -2.03
N SER A 54 -8.54 17.49 -2.72
CA SER A 54 -8.53 17.48 -4.17
C SER A 54 -9.37 16.31 -4.69
N ALA A 55 -9.72 16.38 -5.98
CA ALA A 55 -10.50 15.33 -6.61
C ALA A 55 -9.88 14.89 -7.93
N ALA A 56 -10.36 13.77 -8.46
CA ALA A 56 -9.85 13.24 -9.72
C ALA A 56 -10.69 12.07 -10.21
N GLU A 57 -10.41 11.61 -11.42
CA GLU A 57 -11.15 10.50 -12.01
C GLU A 57 -10.27 9.25 -12.10
N VAL A 58 -10.23 8.49 -11.01
CA VAL A 58 -9.43 7.26 -10.97
C VAL A 58 -10.23 6.10 -10.39
N THR A 59 -9.70 4.89 -10.55
CA THR A 59 -10.37 3.70 -10.04
C THR A 59 -9.50 2.98 -9.00
N GLU A 60 -8.20 3.21 -9.06
CA GLU A 60 -7.27 2.59 -8.13
C GLU A 60 -7.25 1.08 -8.30
N MET A 61 -7.18 0.62 -9.54
CA MET A 61 -7.15 -0.80 -9.84
C MET A 61 -5.91 -1.47 -9.26
N ALA A 62 -6.10 -2.17 -8.14
CA ALA A 62 -4.99 -2.85 -7.47
C ALA A 62 -5.30 -4.32 -7.28
N HIS A 63 -6.49 -4.61 -6.77
CA HIS A 63 -6.91 -5.99 -6.53
C HIS A 63 -7.23 -6.70 -7.84
N THR A 64 -7.95 -6.00 -8.72
CA THR A 64 -8.32 -6.56 -10.01
C THR A 64 -7.10 -7.08 -10.76
N GLU A 65 -7.34 -7.91 -11.77
CA GLU A 65 -6.26 -8.47 -12.57
C GLU A 65 -5.20 -7.42 -12.88
N THR A 66 -4.03 -7.86 -13.31
CA THR A 66 -2.93 -6.96 -13.63
C THR A 66 -2.83 -5.84 -12.60
N GLY A 67 -2.91 -6.20 -11.32
CA GLY A 67 -2.82 -5.20 -10.26
C GLY A 67 -1.86 -4.09 -10.61
N TRP A 68 -2.28 -2.86 -10.35
CA TRP A 68 -1.45 -1.69 -10.63
C TRP A 68 -0.29 -1.60 -9.64
N SER A 69 0.89 -1.26 -10.14
CA SER A 69 2.08 -1.14 -9.30
C SER A 69 2.16 0.24 -8.68
N CYS A 70 2.63 0.30 -7.44
CA CYS A 70 2.76 1.57 -6.72
C CYS A 70 3.59 2.56 -7.53
N HIS A 71 3.91 3.68 -6.90
CA HIS A 71 4.71 4.72 -7.56
C HIS A 71 6.18 4.33 -7.61
N TYR A 72 6.81 4.27 -6.45
CA TYR A 72 8.23 3.91 -6.36
C TYR A 72 8.53 2.73 -7.28
N CYS A 73 7.51 1.96 -7.61
CA CYS A 73 7.67 0.80 -8.48
C CYS A 73 8.31 1.20 -9.80
N ASP A 74 7.71 2.19 -10.46
CA ASP A 74 8.21 2.67 -11.75
C ASP A 74 8.02 4.17 -11.88
N ASN A 75 9.12 4.88 -12.08
CA ASN A 75 9.08 6.33 -12.24
C ASN A 75 8.43 6.73 -13.55
N ILE A 76 7.36 7.52 -13.47
CA ILE A 76 6.65 7.97 -14.65
C ILE A 76 7.50 8.96 -15.45
N ASN A 77 7.69 8.66 -16.73
CA ASN A 77 8.49 9.52 -17.61
C ASN A 77 7.72 10.79 -17.95
N LEU A 78 6.50 10.63 -18.42
CA LEU A 78 5.66 11.77 -18.78
C LEU A 78 4.92 12.32 -17.55
N LEU A 79 5.58 13.20 -16.83
CA LEU A 79 4.99 13.81 -15.63
C LEU A 79 4.26 15.10 -15.98
N LEU A 80 2.93 15.07 -15.87
CA LEU A 80 2.12 16.24 -16.16
C LEU A 80 2.83 17.52 -15.74
N THR A 81 3.23 18.31 -16.73
CA THR A 81 3.92 19.58 -16.47
C THR A 81 3.35 20.27 -15.24
N GLU A 82 4.19 20.48 -14.24
CA GLU A 82 3.78 21.13 -13.00
C GLU A 82 4.97 21.68 -12.23
N GLU A 83 4.98 23.00 -12.02
CA GLU A 83 6.07 23.64 -11.30
C GLU A 83 5.69 23.86 -9.84
N SER A 84 5.15 22.84 -9.20
CA SER A 84 4.74 22.92 -7.80
C SER A 84 5.43 21.85 -6.97
N GLY A 85 6.70 21.58 -7.29
CA GLY A 85 7.46 20.58 -6.57
C GLY A 85 8.80 20.29 -7.21
N PRO A 86 9.89 20.52 -6.46
CA PRO A 86 11.26 20.28 -6.93
C PRO A 86 11.56 18.80 -7.11
N SER A 87 10.62 17.95 -6.70
CA SER A 87 10.78 16.51 -6.82
C SER A 87 9.88 15.93 -7.90
N SER A 88 9.87 16.59 -9.06
CA SER A 88 9.05 16.15 -10.17
C SER A 88 9.46 16.84 -11.47
N GLY A 89 8.94 16.36 -12.59
CA GLY A 89 9.27 16.94 -13.88
C GLY A 89 8.33 16.49 -14.98
ZN ZN B . -3.89 -1.86 7.12
ZN ZN C . 6.42 -0.48 -5.26
N GLY A 1 22.70 10.14 24.20
CA GLY A 1 21.95 8.92 24.03
C GLY A 1 22.84 7.72 23.78
N SER A 2 22.44 6.56 24.30
CA SER A 2 23.21 5.33 24.12
C SER A 2 22.36 4.25 23.46
N SER A 3 23.03 3.23 22.92
CA SER A 3 22.35 2.13 22.26
C SER A 3 22.86 0.78 22.76
N GLY A 4 22.01 -0.23 22.71
CA GLY A 4 22.40 -1.56 23.16
C GLY A 4 23.44 -2.19 22.26
N SER A 5 23.19 -3.44 21.88
CA SER A 5 24.12 -4.17 21.01
C SER A 5 23.39 -4.80 19.84
N SER A 6 23.44 -4.14 18.68
CA SER A 6 22.77 -4.64 17.49
C SER A 6 23.30 -3.93 16.24
N GLY A 7 23.10 -4.57 15.09
CA GLY A 7 23.56 -3.98 13.84
C GLY A 7 22.50 -3.14 13.17
N PRO A 8 22.69 -1.80 13.19
CA PRO A 8 21.75 -0.86 12.58
C PRO A 8 21.75 -0.94 11.05
N ARG A 9 22.63 -1.77 10.51
CA ARG A 9 22.72 -1.95 9.07
C ARG A 9 22.12 -3.27 8.63
N GLU A 10 20.99 -3.63 9.23
CA GLU A 10 20.31 -4.87 8.90
C GLU A 10 18.80 -4.76 9.14
N PRO A 11 18.02 -5.53 8.38
CA PRO A 11 16.56 -5.53 8.48
C PRO A 11 16.07 -6.15 9.77
N VAL A 12 14.75 -6.23 9.93
CA VAL A 12 14.16 -6.81 11.12
C VAL A 12 12.99 -7.73 10.77
N VAL A 13 12.94 -8.90 11.42
CA VAL A 13 11.88 -9.86 11.17
C VAL A 13 10.56 -9.16 10.85
N ASN A 14 9.72 -9.82 10.06
CA ASN A 14 8.43 -9.26 9.68
C ASN A 14 8.53 -7.75 9.46
N ASP A 15 9.53 -7.34 8.69
CA ASP A 15 9.74 -5.92 8.39
C ASP A 15 8.49 -5.31 7.75
N GLU A 16 7.89 -6.05 6.83
CA GLU A 16 6.69 -5.58 6.14
C GLU A 16 5.53 -5.43 7.11
N MET A 17 5.17 -4.18 7.41
CA MET A 17 4.07 -3.90 8.32
C MET A 17 3.30 -2.66 7.88
N CYS A 18 2.00 -2.82 7.68
CA CYS A 18 1.14 -1.71 7.26
C CYS A 18 1.22 -0.56 8.26
N ASP A 19 1.12 0.66 7.75
CA ASP A 19 1.17 1.85 8.59
C ASP A 19 -0.16 2.07 9.29
N VAL A 20 -1.13 1.20 9.02
CA VAL A 20 -2.45 1.30 9.63
C VAL A 20 -2.85 -0.01 10.31
N CYS A 21 -2.27 -1.11 9.83
CA CYS A 21 -2.56 -2.42 10.39
C CYS A 21 -1.32 -3.04 11.02
N GLU A 22 -0.15 -2.56 10.58
CA GLU A 22 1.12 -3.06 11.10
C GLU A 22 1.10 -4.59 11.19
N VAL A 23 0.56 -5.23 10.16
CA VAL A 23 0.48 -6.69 10.12
C VAL A 23 0.70 -7.21 8.70
N TRP A 24 1.29 -8.39 8.61
CA TRP A 24 1.56 -9.00 7.30
C TRP A 24 0.79 -10.31 7.15
N THR A 25 1.01 -11.00 6.04
CA THR A 25 0.33 -12.27 5.78
C THR A 25 1.10 -13.09 4.73
N ALA A 26 1.02 -14.40 4.86
CA ALA A 26 1.70 -15.30 3.93
C ALA A 26 1.58 -14.79 2.49
N GLU A 27 0.35 -14.56 2.05
CA GLU A 27 0.11 -14.06 0.70
C GLU A 27 0.83 -12.74 0.46
N SER A 28 0.75 -12.25 -0.78
CA SER A 28 1.39 -10.99 -1.13
C SER A 28 0.73 -9.82 -0.42
N LEU A 29 1.53 -8.81 -0.09
CA LEU A 29 1.02 -7.62 0.60
C LEU A 29 0.95 -6.43 -0.35
N PHE A 30 -0.03 -5.56 -0.14
CA PHE A 30 -0.19 -4.37 -0.97
C PHE A 30 0.60 -3.19 -0.42
N PRO A 31 0.96 -2.26 -1.30
CA PRO A 31 0.62 -2.33 -2.73
C PRO A 31 1.38 -3.44 -3.45
N CYS A 32 2.70 -3.44 -3.28
CA CYS A 32 3.55 -4.45 -3.91
C CYS A 32 4.36 -5.22 -2.86
N ARG A 33 5.27 -6.05 -3.33
CA ARG A 33 6.11 -6.84 -2.44
C ARG A 33 7.55 -6.33 -2.45
N VAL A 34 7.93 -5.67 -3.53
CA VAL A 34 9.28 -5.14 -3.67
C VAL A 34 9.50 -3.97 -2.71
N CYS A 35 8.80 -2.87 -2.94
CA CYS A 35 8.92 -1.69 -2.10
C CYS A 35 9.30 -2.08 -0.67
N THR A 36 10.26 -1.36 -0.10
CA THR A 36 10.71 -1.63 1.26
C THR A 36 9.55 -1.57 2.25
N ARG A 37 8.75 -0.51 2.14
CA ARG A 37 7.61 -0.33 3.03
C ARG A 37 6.34 -0.91 2.40
N VAL A 38 5.37 -1.25 3.25
CA VAL A 38 4.11 -1.80 2.77
C VAL A 38 2.92 -1.10 3.41
N PHE A 39 1.92 -0.77 2.60
CA PHE A 39 0.72 -0.09 3.09
C PHE A 39 -0.49 -0.46 2.25
N HIS A 40 -1.51 -1.02 2.90
CA HIS A 40 -2.74 -1.42 2.22
C HIS A 40 -3.39 -0.22 1.55
N ASP A 41 -3.19 -0.09 0.24
CA ASP A 41 -3.77 1.01 -0.51
C ASP A 41 -5.13 1.43 0.06
N GLY A 42 -5.93 0.43 0.41
CA GLY A 42 -7.24 0.70 0.97
C GLY A 42 -7.17 1.49 2.25
N CYS A 43 -6.43 0.98 3.23
CA CYS A 43 -6.27 1.65 4.51
C CYS A 43 -6.16 3.16 4.33
N LEU A 44 -5.41 3.57 3.32
CA LEU A 44 -5.21 4.99 3.04
C LEU A 44 -6.55 5.72 2.94
N ARG A 45 -7.49 5.12 2.21
CA ARG A 45 -8.81 5.71 2.04
C ARG A 45 -9.70 5.41 3.25
N ARG A 46 -9.52 4.23 3.83
CA ARG A 46 -10.30 3.82 4.99
C ARG A 46 -10.05 4.76 6.18
N MET A 47 -8.80 5.19 6.32
CA MET A 47 -8.45 6.10 7.41
C MET A 47 -8.39 7.54 6.93
N GLY A 48 -7.74 7.76 5.79
CA GLY A 48 -7.63 9.10 5.24
C GLY A 48 -6.20 9.56 5.14
N TYR A 49 -5.49 9.07 4.13
CA TYR A 49 -4.09 9.45 3.92
C TYR A 49 -3.88 10.07 2.54
N ILE A 50 -4.45 9.42 1.53
CA ILE A 50 -4.33 9.92 0.16
C ILE A 50 -5.44 10.91 -0.17
N GLN A 51 -6.48 10.91 0.65
CA GLN A 51 -7.60 11.82 0.45
C GLN A 51 -8.15 12.31 1.78
N GLY A 52 -8.14 13.62 1.98
CA GLY A 52 -8.64 14.20 3.22
C GLY A 52 -9.95 14.93 3.03
N ASP A 53 -9.88 16.18 2.59
CA ASP A 53 -11.06 16.99 2.38
C ASP A 53 -11.91 16.42 1.24
N SER A 54 -13.06 17.04 1.01
CA SER A 54 -13.96 16.58 -0.05
C SER A 54 -13.58 17.18 -1.39
N ALA A 55 -12.28 17.18 -1.69
CA ALA A 55 -11.78 17.72 -2.94
C ALA A 55 -10.41 17.15 -3.28
N ALA A 56 -10.33 16.40 -4.38
CA ALA A 56 -9.08 15.80 -4.80
C ALA A 56 -9.21 15.22 -6.21
N GLU A 57 -8.32 15.65 -7.11
CA GLU A 57 -8.32 15.16 -8.48
C GLU A 57 -7.46 13.91 -8.63
N VAL A 58 -7.37 13.13 -7.56
CA VAL A 58 -6.58 11.91 -7.58
C VAL A 58 -7.29 10.78 -6.84
N THR A 59 -7.34 9.61 -7.47
CA THR A 59 -7.99 8.45 -6.87
C THR A 59 -7.30 7.16 -7.29
N GLU A 60 -7.32 6.17 -6.40
CA GLU A 60 -6.69 4.88 -6.68
C GLU A 60 -7.64 3.73 -6.33
N MET A 61 -7.64 2.69 -7.17
CA MET A 61 -8.49 1.53 -6.94
C MET A 61 -7.71 0.24 -7.11
N ALA A 62 -7.03 -0.18 -6.03
CA ALA A 62 -6.24 -1.40 -6.05
C ALA A 62 -7.13 -2.63 -6.10
N HIS A 63 -6.51 -3.80 -6.26
CA HIS A 63 -7.26 -5.05 -6.33
C HIS A 63 -8.46 -4.93 -7.27
N THR A 64 -8.26 -4.23 -8.38
CA THR A 64 -9.31 -4.03 -9.37
C THR A 64 -8.83 -4.34 -10.77
N GLU A 65 -7.61 -3.89 -11.08
CA GLU A 65 -7.03 -4.11 -12.40
C GLU A 65 -5.63 -4.71 -12.28
N THR A 66 -4.96 -4.88 -13.41
CA THR A 66 -3.62 -5.45 -13.43
C THR A 66 -2.82 -5.02 -12.21
N GLY A 67 -2.94 -3.75 -11.84
CA GLY A 67 -2.23 -3.23 -10.68
C GLY A 67 -1.72 -1.82 -10.90
N TRP A 68 -1.66 -1.04 -9.82
CA TRP A 68 -1.21 0.33 -9.89
C TRP A 68 0.20 0.47 -9.31
N SER A 69 0.97 1.42 -9.85
CA SER A 69 2.33 1.65 -9.38
C SER A 69 2.34 2.43 -8.08
N CYS A 70 3.22 2.04 -7.17
CA CYS A 70 3.33 2.71 -5.88
C CYS A 70 3.79 4.15 -6.04
N HIS A 71 3.83 4.89 -4.95
CA HIS A 71 4.25 6.28 -4.97
C HIS A 71 5.61 6.43 -5.66
N TYR A 72 6.55 5.58 -5.29
CA TYR A 72 7.89 5.62 -5.88
C TYR A 72 8.15 4.37 -6.72
N CYS A 73 7.19 4.03 -7.56
CA CYS A 73 7.30 2.86 -8.43
C CYS A 73 6.80 3.18 -9.84
N ASP A 74 7.47 2.62 -10.83
CA ASP A 74 7.10 2.83 -12.23
C ASP A 74 7.94 1.97 -13.16
N ASN A 75 7.46 1.82 -14.39
CA ASN A 75 8.18 1.01 -15.38
C ASN A 75 8.77 1.89 -16.48
N ILE A 76 9.56 1.29 -17.35
CA ILE A 76 10.20 2.02 -18.45
C ILE A 76 9.21 2.27 -19.58
N ASN A 77 8.62 3.45 -19.60
CA ASN A 77 7.66 3.82 -20.63
C ASN A 77 8.00 5.17 -21.24
N LEU A 78 8.08 6.19 -20.39
CA LEU A 78 8.40 7.54 -20.85
C LEU A 78 9.80 7.96 -20.38
N LEU A 79 10.66 8.29 -21.32
CA LEU A 79 12.03 8.71 -21.00
C LEU A 79 12.27 10.14 -21.45
N LEU A 80 11.29 11.01 -21.19
CA LEU A 80 11.40 12.42 -21.55
C LEU A 80 10.42 13.27 -20.75
N THR A 81 10.96 14.03 -19.80
CA THR A 81 10.13 14.88 -18.95
C THR A 81 9.28 15.82 -19.80
N GLU A 82 7.99 15.87 -19.48
CA GLU A 82 7.06 16.73 -20.21
C GLU A 82 6.37 17.72 -19.28
N GLU A 83 5.98 17.23 -18.10
CA GLU A 83 5.32 18.07 -17.11
C GLU A 83 6.12 18.12 -15.81
N SER A 84 5.80 19.09 -14.96
CA SER A 84 6.49 19.26 -13.69
C SER A 84 5.75 18.52 -12.57
N GLY A 85 6.35 18.52 -11.38
CA GLY A 85 5.74 17.85 -10.26
C GLY A 85 6.71 17.64 -9.11
N PRO A 86 7.08 18.74 -8.44
CA PRO A 86 8.01 18.71 -7.31
C PRO A 86 7.41 18.03 -6.08
N SER A 87 8.20 17.95 -5.01
CA SER A 87 7.74 17.33 -3.77
C SER A 87 8.49 17.89 -2.57
N SER A 88 7.76 18.18 -1.50
CA SER A 88 8.36 18.72 -0.29
C SER A 88 9.32 17.72 0.35
N GLY A 89 9.97 18.13 1.43
CA GLY A 89 10.90 17.26 2.12
C GLY A 89 10.49 16.97 3.54
ZN ZN B . -3.56 -1.87 6.33
ZN ZN C . 6.26 -0.77 -5.34
N GLY A 1 -21.42 -13.07 14.70
CA GLY A 1 -20.85 -14.12 15.52
C GLY A 1 -19.34 -14.00 15.66
N SER A 2 -18.68 -13.68 14.55
CA SER A 2 -17.23 -13.53 14.55
C SER A 2 -16.82 -12.13 14.96
N SER A 3 -16.10 -12.03 16.07
CA SER A 3 -15.65 -10.74 16.58
C SER A 3 -14.54 -10.92 17.60
N GLY A 4 -13.60 -9.97 17.64
CA GLY A 4 -12.50 -10.04 18.57
C GLY A 4 -11.34 -9.14 18.17
N SER A 5 -10.49 -8.81 19.13
CA SER A 5 -9.34 -7.96 18.87
C SER A 5 -8.06 -8.79 18.73
N SER A 6 -6.98 -8.14 18.34
CA SER A 6 -5.70 -8.81 18.16
C SER A 6 -4.59 -7.81 17.82
N GLY A 7 -3.35 -8.27 17.89
CA GLY A 7 -2.22 -7.41 17.60
C GLY A 7 -1.18 -7.41 18.69
N PRO A 8 -1.56 -6.86 19.86
CA PRO A 8 -0.66 -6.79 21.03
C PRO A 8 -0.39 -8.16 21.63
N ARG A 9 -1.04 -9.18 21.10
CA ARG A 9 -0.88 -10.54 21.59
C ARG A 9 0.07 -11.34 20.69
N GLU A 10 1.18 -11.80 21.26
CA GLU A 10 2.16 -12.56 20.51
C GLU A 10 2.61 -11.81 19.27
N PRO A 11 3.02 -10.55 19.46
CA PRO A 11 3.48 -9.68 18.37
C PRO A 11 4.81 -10.13 17.79
N VAL A 12 5.20 -9.55 16.67
CA VAL A 12 6.46 -9.89 16.02
C VAL A 12 7.03 -8.70 15.26
N VAL A 13 8.35 -8.56 15.28
CA VAL A 13 9.01 -7.45 14.58
C VAL A 13 9.28 -7.82 13.12
N ASN A 14 9.23 -6.82 12.25
CA ASN A 14 9.46 -7.03 10.82
C ASN A 14 9.50 -5.70 10.08
N ASP A 15 9.74 -5.77 8.77
CA ASP A 15 9.81 -4.57 7.94
C ASP A 15 8.53 -4.42 7.11
N GLU A 16 8.00 -5.54 6.63
CA GLU A 16 6.79 -5.53 5.82
C GLU A 16 5.56 -5.37 6.70
N MET A 17 5.63 -4.45 7.65
CA MET A 17 4.52 -4.20 8.56
C MET A 17 3.74 -2.96 8.14
N CYS A 18 2.47 -3.16 7.79
CA CYS A 18 1.62 -2.05 7.37
C CYS A 18 1.78 -0.86 8.29
N ASP A 19 1.83 0.34 7.70
CA ASP A 19 1.99 1.56 8.47
C ASP A 19 0.68 1.92 9.19
N VAL A 20 -0.31 1.05 9.07
CA VAL A 20 -1.60 1.27 9.70
C VAL A 20 -2.04 0.05 10.51
N CYS A 21 -1.61 -1.13 10.06
CA CYS A 21 -1.95 -2.37 10.75
C CYS A 21 -0.71 -3.00 11.39
N GLU A 22 0.45 -2.68 10.84
CA GLU A 22 1.71 -3.21 11.35
C GLU A 22 1.69 -4.75 11.35
N VAL A 23 1.12 -5.32 10.30
CA VAL A 23 1.04 -6.77 10.17
C VAL A 23 1.02 -7.19 8.71
N TRP A 24 1.49 -8.40 8.44
CA TRP A 24 1.53 -8.93 7.09
C TRP A 24 0.64 -10.15 6.95
N THR A 25 0.67 -10.76 5.77
CA THR A 25 -0.14 -11.95 5.51
C THR A 25 0.44 -12.77 4.35
N ALA A 26 0.30 -14.09 4.44
CA ALA A 26 0.81 -14.97 3.40
C ALA A 26 0.62 -14.37 2.03
N GLU A 27 -0.63 -14.10 1.66
CA GLU A 27 -0.93 -13.51 0.36
C GLU A 27 -0.04 -12.31 0.07
N SER A 28 -0.13 -11.78 -1.14
CA SER A 28 0.67 -10.62 -1.54
C SER A 28 0.14 -9.35 -0.88
N LEU A 29 1.03 -8.65 -0.20
CA LEU A 29 0.65 -7.40 0.47
C LEU A 29 0.60 -6.24 -0.52
N PHE A 30 -0.32 -5.32 -0.29
CA PHE A 30 -0.48 -4.15 -1.15
C PHE A 30 0.13 -2.91 -0.52
N PRO A 31 0.52 -1.95 -1.37
CA PRO A 31 0.40 -2.08 -2.82
C PRO A 31 1.34 -3.12 -3.40
N CYS A 32 2.62 -3.02 -3.04
CA CYS A 32 3.63 -3.95 -3.53
C CYS A 32 4.34 -4.64 -2.36
N ARG A 33 5.24 -5.56 -2.69
CA ARG A 33 5.98 -6.29 -1.67
C ARG A 33 7.46 -5.90 -1.69
N VAL A 34 7.91 -5.38 -2.84
CA VAL A 34 9.30 -4.96 -2.99
C VAL A 34 9.59 -3.71 -2.18
N CYS A 35 8.75 -2.69 -2.36
CA CYS A 35 8.92 -1.43 -1.65
C CYS A 35 8.99 -1.66 -0.14
N THR A 36 10.17 -1.45 0.43
CA THR A 36 10.37 -1.63 1.86
C THR A 36 9.11 -1.27 2.64
N ARG A 37 8.64 -0.04 2.48
CA ARG A 37 7.45 0.41 3.18
C ARG A 37 6.19 -0.18 2.54
N VAL A 38 5.40 -0.88 3.35
CA VAL A 38 4.17 -1.50 2.88
C VAL A 38 2.94 -0.89 3.55
N PHE A 39 1.88 -0.71 2.77
CA PHE A 39 0.64 -0.13 3.29
C PHE A 39 -0.56 -0.67 2.53
N HIS A 40 -1.43 -1.39 3.24
CA HIS A 40 -2.63 -1.96 2.64
C HIS A 40 -3.37 -0.91 1.81
N ASP A 41 -3.47 -1.15 0.51
CA ASP A 41 -4.15 -0.23 -0.39
C ASP A 41 -5.44 0.29 0.24
N GLY A 42 -6.12 -0.57 0.98
CA GLY A 42 -7.35 -0.17 1.63
C GLY A 42 -7.13 0.83 2.75
N CYS A 43 -6.29 0.46 3.71
CA CYS A 43 -6.00 1.33 4.85
C CYS A 43 -5.87 2.78 4.39
N LEU A 44 -5.32 2.98 3.21
CA LEU A 44 -5.14 4.32 2.66
C LEU A 44 -6.49 4.97 2.37
N ARG A 45 -7.33 4.28 1.61
CA ARG A 45 -8.65 4.79 1.26
C ARG A 45 -9.52 4.93 2.51
N ARG A 46 -9.32 4.04 3.47
CA ARG A 46 -10.10 4.06 4.71
C ARG A 46 -9.73 5.28 5.55
N MET A 47 -8.48 5.32 6.02
CA MET A 47 -8.01 6.43 6.83
C MET A 47 -8.22 7.76 6.12
N GLY A 48 -7.85 7.81 4.84
CA GLY A 48 -8.01 9.02 4.06
C GLY A 48 -6.69 9.54 3.52
N TYR A 49 -6.06 8.75 2.66
CA TYR A 49 -4.78 9.13 2.07
C TYR A 49 -4.90 9.30 0.57
N ILE A 50 -5.27 8.22 -0.12
CA ILE A 50 -5.43 8.25 -1.57
C ILE A 50 -6.88 8.52 -1.95
N GLN A 51 -7.79 8.28 -1.02
CA GLN A 51 -9.21 8.50 -1.26
C GLN A 51 -9.78 9.54 -0.29
N GLY A 52 -10.47 10.54 -0.84
CA GLY A 52 -11.04 11.57 -0.01
C GLY A 52 -12.46 11.94 -0.43
N ASP A 53 -12.61 13.11 -1.03
CA ASP A 53 -13.92 13.58 -1.48
C ASP A 53 -14.23 13.05 -2.88
N SER A 54 -13.95 11.77 -3.10
CA SER A 54 -14.20 11.13 -4.39
C SER A 54 -13.95 9.63 -4.32
N ALA A 55 -14.85 8.86 -4.92
CA ALA A 55 -14.72 7.42 -4.93
C ALA A 55 -15.61 6.79 -6.00
N ALA A 56 -15.48 5.47 -6.18
CA ALA A 56 -16.28 4.76 -7.17
C ALA A 56 -16.15 3.25 -7.00
N GLU A 57 -17.14 2.51 -7.49
CA GLU A 57 -17.13 1.06 -7.38
C GLU A 57 -16.31 0.44 -8.50
N VAL A 58 -15.01 0.31 -8.27
CA VAL A 58 -14.11 -0.27 -9.26
C VAL A 58 -13.23 -1.37 -8.65
N THR A 59 -13.02 -2.44 -9.40
CA THR A 59 -12.21 -3.55 -8.93
C THR A 59 -10.72 -3.21 -8.96
N GLU A 60 -10.12 -3.12 -7.78
CA GLU A 60 -8.70 -2.78 -7.67
C GLU A 60 -7.89 -4.01 -7.29
N MET A 61 -7.58 -4.84 -8.29
CA MET A 61 -6.80 -6.05 -8.07
C MET A 61 -5.35 -5.87 -8.53
N ALA A 62 -4.43 -5.99 -7.60
CA ALA A 62 -3.01 -5.83 -7.91
C ALA A 62 -2.38 -7.17 -8.29
N HIS A 63 -3.08 -7.93 -9.14
CA HIS A 63 -2.59 -9.23 -9.57
C HIS A 63 -2.64 -9.35 -11.09
N THR A 64 -3.79 -9.00 -11.67
CA THR A 64 -3.98 -9.06 -13.11
C THR A 64 -2.84 -8.37 -13.84
N GLU A 65 -2.83 -8.51 -15.16
CA GLU A 65 -1.78 -7.90 -15.99
C GLU A 65 -1.64 -6.41 -15.65
N THR A 66 -2.77 -5.72 -15.56
CA THR A 66 -2.77 -4.29 -15.25
C THR A 66 -2.65 -4.05 -13.75
N GLY A 67 -1.74 -4.79 -13.11
CA GLY A 67 -1.54 -4.64 -11.68
C GLY A 67 -1.30 -3.20 -11.27
N TRP A 68 -1.43 -2.92 -9.98
CA TRP A 68 -1.24 -1.58 -9.47
C TRP A 68 0.22 -1.35 -9.07
N SER A 69 0.86 -0.42 -9.77
CA SER A 69 2.26 -0.11 -9.49
C SER A 69 2.39 1.13 -8.60
N CYS A 70 2.79 0.92 -7.36
CA CYS A 70 2.95 2.01 -6.40
C CYS A 70 3.87 3.09 -6.97
N HIS A 71 3.84 4.25 -6.33
CA HIS A 71 4.67 5.38 -6.76
C HIS A 71 6.00 4.88 -7.33
N TYR A 72 6.82 4.29 -6.48
CA TYR A 72 8.12 3.78 -6.88
C TYR A 72 7.98 2.80 -8.05
N CYS A 73 7.22 1.73 -7.81
CA CYS A 73 7.00 0.72 -8.84
C CYS A 73 7.04 1.33 -10.23
N ASP A 74 7.65 0.61 -11.17
CA ASP A 74 7.76 1.08 -12.55
C ASP A 74 6.46 1.75 -13.00
N ASN A 75 6.56 2.61 -14.00
CA ASN A 75 5.40 3.32 -14.52
C ASN A 75 4.77 2.55 -15.69
N ILE A 76 3.44 2.49 -15.71
CA ILE A 76 2.73 1.78 -16.77
C ILE A 76 2.12 2.77 -17.77
N ASN A 77 1.70 2.25 -18.91
CA ASN A 77 1.11 3.08 -19.95
C ASN A 77 -0.41 3.04 -19.87
N LEU A 78 -1.02 4.20 -19.60
CA LEU A 78 -2.47 4.30 -19.49
C LEU A 78 -3.13 4.23 -20.86
N LEU A 79 -3.67 3.06 -21.20
CA LEU A 79 -4.32 2.86 -22.48
C LEU A 79 -5.83 2.70 -22.30
N LEU A 80 -6.58 3.73 -22.68
CA LEU A 80 -8.04 3.68 -22.56
C LEU A 80 -8.69 3.22 -23.86
N THR A 81 -9.73 2.41 -23.74
CA THR A 81 -10.43 1.90 -24.91
C THR A 81 -11.76 1.26 -24.52
N GLU A 82 -12.85 1.92 -24.89
CA GLU A 82 -14.19 1.41 -24.57
C GLU A 82 -14.43 1.41 -23.07
N GLU A 83 -13.92 2.45 -22.39
CA GLU A 83 -14.07 2.55 -20.95
C GLU A 83 -15.44 2.04 -20.50
N SER A 84 -15.43 0.98 -19.70
CA SER A 84 -16.68 0.39 -19.21
C SER A 84 -16.49 -0.15 -17.79
N GLY A 85 -17.61 -0.40 -17.11
CA GLY A 85 -17.56 -0.92 -15.76
C GLY A 85 -18.91 -1.38 -15.26
N PRO A 86 -19.21 -2.68 -15.43
CA PRO A 86 -20.48 -3.26 -14.99
C PRO A 86 -20.59 -3.34 -13.47
N SER A 87 -21.75 -3.79 -12.99
CA SER A 87 -21.99 -3.91 -11.56
C SER A 87 -22.16 -5.36 -11.15
N SER A 88 -22.23 -5.61 -9.85
CA SER A 88 -22.40 -6.95 -9.33
C SER A 88 -23.45 -6.99 -8.23
N GLY A 89 -23.71 -8.18 -7.70
CA GLY A 89 -24.70 -8.34 -6.65
C GLY A 89 -24.26 -9.32 -5.58
ZN ZN B . -3.19 -2.00 6.80
ZN ZN C . 6.51 -0.37 -5.22
N GLY A 1 -4.44 -7.29 19.42
CA GLY A 1 -4.89 -8.48 18.73
C GLY A 1 -4.19 -8.67 17.40
N SER A 2 -3.40 -9.72 17.28
CA SER A 2 -2.66 -10.02 16.06
C SER A 2 -3.41 -11.04 15.21
N SER A 3 -4.38 -10.57 14.44
CA SER A 3 -5.17 -11.44 13.58
C SER A 3 -4.30 -12.10 12.52
N GLY A 4 -4.42 -13.41 12.37
CA GLY A 4 -3.64 -14.13 11.39
C GLY A 4 -2.43 -14.80 12.00
N SER A 5 -2.62 -15.98 12.57
CA SER A 5 -1.54 -16.73 13.19
C SER A 5 -0.91 -17.71 12.20
N SER A 6 0.30 -17.38 11.73
CA SER A 6 1.00 -18.23 10.79
C SER A 6 1.88 -19.23 11.51
N GLY A 7 1.36 -19.78 12.60
CA GLY A 7 2.13 -20.76 13.37
C GLY A 7 3.39 -20.17 13.96
N PRO A 8 3.49 -20.18 15.30
CA PRO A 8 4.65 -19.66 16.01
C PRO A 8 5.89 -20.51 15.82
N ARG A 9 5.80 -21.49 14.93
CA ARG A 9 6.91 -22.39 14.66
C ARG A 9 7.99 -21.69 13.85
N GLU A 10 8.96 -21.09 14.54
CA GLU A 10 10.04 -20.38 13.89
C GLU A 10 9.57 -19.75 12.59
N PRO A 11 8.52 -18.93 12.67
CA PRO A 11 7.95 -18.25 11.51
C PRO A 11 8.86 -17.16 10.97
N VAL A 12 9.35 -17.34 9.75
CA VAL A 12 10.24 -16.37 9.12
C VAL A 12 9.89 -14.95 9.55
N VAL A 13 10.92 -14.11 9.66
CA VAL A 13 10.72 -12.73 10.07
C VAL A 13 9.85 -11.98 9.08
N ASN A 14 9.06 -11.03 9.57
CA ASN A 14 8.17 -10.24 8.73
C ASN A 14 8.67 -8.80 8.61
N ASP A 15 9.19 -8.46 7.44
CA ASP A 15 9.70 -7.12 7.20
C ASP A 15 8.66 -6.27 6.46
N GLU A 16 7.46 -6.82 6.32
CA GLU A 16 6.38 -6.11 5.62
C GLU A 16 5.24 -5.81 6.59
N MET A 17 5.40 -4.77 7.38
CA MET A 17 4.37 -4.38 8.35
C MET A 17 3.63 -3.12 7.89
N CYS A 18 2.33 -3.26 7.62
CA CYS A 18 1.52 -2.14 7.17
C CYS A 18 1.75 -0.92 8.05
N ASP A 19 1.69 0.26 7.43
CA ASP A 19 1.89 1.51 8.15
C ASP A 19 0.65 1.87 8.97
N VAL A 20 -0.36 1.01 8.90
CA VAL A 20 -1.60 1.24 9.64
C VAL A 20 -1.98 0.02 10.46
N CYS A 21 -1.52 -1.15 10.03
CA CYS A 21 -1.82 -2.40 10.72
C CYS A 21 -0.55 -3.02 11.29
N GLU A 22 0.60 -2.62 10.73
CA GLU A 22 1.89 -3.13 11.18
C GLU A 22 1.89 -4.67 11.21
N VAL A 23 1.28 -5.26 10.18
CA VAL A 23 1.21 -6.72 10.08
C VAL A 23 1.33 -7.17 8.63
N TRP A 24 1.58 -8.46 8.44
CA TRP A 24 1.72 -9.03 7.11
C TRP A 24 0.79 -10.23 6.93
N THR A 25 0.72 -10.73 5.70
CA THR A 25 -0.13 -11.88 5.39
C THR A 25 0.53 -12.80 4.37
N ALA A 26 0.21 -14.10 4.45
CA ALA A 26 0.78 -15.07 3.52
C ALA A 26 0.58 -14.64 2.08
N GLU A 27 -0.59 -14.10 1.78
CA GLU A 27 -0.90 -13.64 0.43
C GLU A 27 -0.07 -12.42 0.06
N SER A 28 -0.16 -12.00 -1.19
CA SER A 28 0.59 -10.84 -1.67
C SER A 28 0.13 -9.58 -0.97
N LEU A 29 1.07 -8.89 -0.31
CA LEU A 29 0.77 -7.66 0.41
C LEU A 29 0.82 -6.46 -0.53
N PHE A 30 -0.13 -5.55 -0.36
CA PHE A 30 -0.20 -4.35 -1.19
C PHE A 30 0.46 -3.17 -0.49
N PRO A 31 0.98 -2.22 -1.29
CA PRO A 31 0.92 -2.30 -2.74
C PRO A 31 1.82 -3.40 -3.31
N CYS A 32 3.09 -3.38 -2.91
CA CYS A 32 4.05 -4.38 -3.37
C CYS A 32 4.92 -4.86 -2.22
N ARG A 33 5.81 -5.81 -2.52
CA ARG A 33 6.71 -6.35 -1.51
C ARG A 33 8.06 -5.64 -1.54
N VAL A 34 8.47 -5.22 -2.75
CA VAL A 34 9.74 -4.54 -2.92
C VAL A 34 9.83 -3.32 -2.01
N CYS A 35 9.13 -2.25 -2.37
CA CYS A 35 9.14 -1.03 -1.59
C CYS A 35 9.16 -1.34 -0.09
N THR A 36 10.32 -1.17 0.54
CA THR A 36 10.46 -1.43 1.96
C THR A 36 9.17 -1.11 2.71
N ARG A 37 8.59 0.04 2.40
CA ARG A 37 7.36 0.48 3.05
C ARG A 37 6.15 -0.20 2.41
N VAL A 38 5.36 -0.88 3.23
CA VAL A 38 4.16 -1.58 2.77
C VAL A 38 2.91 -1.03 3.44
N PHE A 39 1.85 -0.88 2.65
CA PHE A 39 0.58 -0.38 3.18
C PHE A 39 -0.59 -0.94 2.39
N HIS A 40 -1.65 -1.34 3.10
CA HIS A 40 -2.83 -1.89 2.45
C HIS A 40 -3.61 -0.79 1.72
N ASP A 41 -4.14 -1.14 0.56
CA ASP A 41 -4.91 -0.20 -0.24
C ASP A 41 -6.13 0.29 0.52
N GLY A 42 -6.79 -0.62 1.23
CA GLY A 42 -7.97 -0.27 1.99
C GLY A 42 -7.67 0.72 3.11
N CYS A 43 -6.67 0.40 3.92
CA CYS A 43 -6.28 1.25 5.03
C CYS A 43 -6.23 2.72 4.59
N LEU A 44 -5.53 2.99 3.50
CA LEU A 44 -5.41 4.35 2.98
C LEU A 44 -6.78 5.00 2.84
N ARG A 45 -7.60 4.45 1.94
CA ARG A 45 -8.94 4.97 1.71
C ARG A 45 -9.69 5.17 3.03
N ARG A 46 -9.32 4.38 4.03
CA ARG A 46 -9.96 4.45 5.34
C ARG A 46 -9.76 5.83 5.95
N MET A 47 -8.51 6.23 6.13
CA MET A 47 -8.19 7.53 6.70
C MET A 47 -8.40 8.64 5.68
N GLY A 48 -7.95 8.40 4.45
CA GLY A 48 -8.11 9.39 3.40
C GLY A 48 -6.78 9.87 2.85
N TYR A 49 -5.92 8.93 2.47
CA TYR A 49 -4.61 9.26 1.94
C TYR A 49 -4.64 9.28 0.41
N ILE A 50 -5.44 8.40 -0.18
CA ILE A 50 -5.56 8.32 -1.62
C ILE A 50 -6.30 9.53 -2.18
N GLN A 51 -7.60 9.57 -1.95
CA GLN A 51 -8.43 10.68 -2.43
C GLN A 51 -7.89 11.23 -3.76
N GLY A 52 -7.59 10.33 -4.69
CA GLY A 52 -7.07 10.74 -5.98
C GLY A 52 -7.52 9.83 -7.10
N ASP A 53 -6.70 8.82 -7.39
CA ASP A 53 -7.02 7.87 -8.45
C ASP A 53 -8.50 7.50 -8.43
N SER A 54 -9.13 7.51 -9.61
CA SER A 54 -10.55 7.18 -9.71
C SER A 54 -10.76 5.68 -9.60
N ALA A 55 -11.10 5.22 -8.40
CA ALA A 55 -11.34 3.81 -8.16
C ALA A 55 -12.82 3.53 -7.92
N ALA A 56 -13.31 2.44 -8.48
CA ALA A 56 -14.72 2.06 -8.31
C ALA A 56 -14.85 0.65 -7.74
N GLU A 57 -16.08 0.26 -7.44
CA GLU A 57 -16.33 -1.07 -6.89
C GLU A 57 -15.98 -2.16 -7.88
N VAL A 58 -14.85 -2.82 -7.66
CA VAL A 58 -14.40 -3.88 -8.54
C VAL A 58 -13.14 -4.56 -7.99
N THR A 59 -13.10 -5.88 -8.06
CA THR A 59 -11.96 -6.65 -7.56
C THR A 59 -10.80 -6.62 -8.56
N GLU A 60 -9.80 -5.80 -8.26
CA GLU A 60 -8.64 -5.68 -9.13
C GLU A 60 -7.44 -6.41 -8.54
N MET A 61 -6.44 -6.70 -9.38
CA MET A 61 -5.24 -7.40 -8.94
C MET A 61 -4.02 -6.49 -9.05
N ALA A 62 -3.56 -5.99 -7.92
CA ALA A 62 -2.40 -5.11 -7.88
C ALA A 62 -1.11 -5.90 -8.05
N HIS A 63 -0.94 -6.94 -7.23
CA HIS A 63 0.25 -7.78 -7.29
C HIS A 63 0.69 -7.99 -8.74
N THR A 64 -0.18 -8.61 -9.53
CA THR A 64 0.11 -8.88 -10.93
C THR A 64 0.64 -7.63 -11.63
N GLU A 65 0.99 -7.79 -12.91
CA GLU A 65 1.51 -6.66 -13.69
C GLU A 65 0.36 -5.82 -14.26
N THR A 66 0.71 -4.83 -15.07
CA THR A 66 -0.27 -3.96 -15.67
C THR A 66 -1.43 -3.68 -14.71
N GLY A 67 -1.11 -3.55 -13.43
CA GLY A 67 -2.14 -3.29 -12.43
C GLY A 67 -1.94 -1.95 -11.74
N TRP A 68 -1.98 -1.97 -10.42
CA TRP A 68 -1.81 -0.75 -9.63
C TRP A 68 -0.51 -0.78 -8.85
N SER A 69 0.52 -0.13 -9.38
CA SER A 69 1.82 -0.09 -8.72
C SER A 69 1.89 1.05 -7.72
N CYS A 70 2.69 0.86 -6.67
CA CYS A 70 2.84 1.86 -5.63
C CYS A 70 2.86 3.26 -6.22
N HIS A 71 2.34 4.23 -5.48
CA HIS A 71 2.30 5.62 -5.93
C HIS A 71 3.61 6.01 -6.60
N TYR A 72 4.71 5.48 -6.09
CA TYR A 72 6.03 5.78 -6.62
C TYR A 72 6.82 4.50 -6.88
N CYS A 73 6.17 3.53 -7.52
CA CYS A 73 6.82 2.25 -7.82
C CYS A 73 7.63 2.34 -9.11
N ASP A 74 7.00 2.85 -10.16
CA ASP A 74 7.66 2.97 -11.45
C ASP A 74 8.66 4.13 -11.43
N ASN A 75 8.17 5.32 -11.06
CA ASN A 75 9.02 6.50 -11.00
C ASN A 75 9.50 6.76 -9.57
N ILE A 76 10.73 6.36 -9.28
CA ILE A 76 11.30 6.55 -7.95
C ILE A 76 12.10 7.84 -7.88
N ASN A 77 11.89 8.61 -6.82
CA ASN A 77 12.60 9.87 -6.64
C ASN A 77 12.30 10.47 -5.25
N LEU A 78 13.35 10.68 -4.47
CA LEU A 78 13.19 11.25 -3.14
C LEU A 78 14.23 12.33 -2.89
N LEU A 79 13.80 13.41 -2.23
CA LEU A 79 14.69 14.53 -1.93
C LEU A 79 14.55 14.96 -0.47
N LEU A 80 15.54 15.68 0.02
CA LEU A 80 15.53 16.16 1.40
C LEU A 80 14.10 16.49 1.85
N THR A 81 13.71 15.95 3.00
CA THR A 81 12.38 16.18 3.53
C THR A 81 11.88 17.57 3.18
N GLU A 82 10.83 17.62 2.35
CA GLU A 82 10.25 18.89 1.93
C GLU A 82 9.16 19.34 2.89
N GLU A 83 8.44 18.37 3.46
CA GLU A 83 7.38 18.66 4.40
C GLU A 83 7.59 17.93 5.73
N SER A 84 6.97 18.45 6.78
CA SER A 84 7.10 17.85 8.11
C SER A 84 6.89 16.34 8.05
N GLY A 85 7.98 15.59 8.19
CA GLY A 85 7.89 14.14 8.15
C GLY A 85 9.24 13.49 7.91
N PRO A 86 10.18 13.68 8.85
CA PRO A 86 11.52 13.11 8.75
C PRO A 86 11.53 11.60 8.92
N SER A 87 12.10 10.89 7.95
CA SER A 87 12.17 9.44 8.00
C SER A 87 13.62 8.97 7.92
N SER A 88 14.23 8.75 9.09
CA SER A 88 15.61 8.29 9.15
C SER A 88 15.68 6.80 9.48
N GLY A 89 16.17 6.01 8.53
CA GLY A 89 16.27 4.58 8.74
C GLY A 89 17.37 4.21 9.71
ZN ZN B . -3.24 -2.03 6.73
ZN ZN C . 6.57 -0.77 -5.10
N GLY A 1 3.77 -7.20 25.20
CA GLY A 1 3.09 -7.20 26.47
C GLY A 1 1.60 -6.99 26.33
N SER A 2 0.83 -7.98 26.75
CA SER A 2 -0.63 -7.90 26.67
C SER A 2 -1.07 -7.22 25.38
N SER A 3 -0.40 -7.57 24.28
CA SER A 3 -0.71 -6.99 22.98
C SER A 3 -2.04 -7.53 22.45
N GLY A 4 -2.22 -8.84 22.56
CA GLY A 4 -3.45 -9.46 22.08
C GLY A 4 -3.19 -10.48 20.99
N SER A 5 -2.19 -11.32 21.19
CA SER A 5 -1.86 -12.35 20.20
C SER A 5 -1.09 -13.50 20.86
N SER A 6 -1.52 -14.72 20.55
CA SER A 6 -0.88 -15.92 21.10
C SER A 6 0.21 -16.44 20.17
N GLY A 7 1.46 -16.15 20.52
CA GLY A 7 2.58 -16.59 19.70
C GLY A 7 3.71 -17.17 20.54
N PRO A 8 4.19 -18.35 20.15
CA PRO A 8 5.28 -19.03 20.85
C PRO A 8 6.63 -18.32 20.67
N ARG A 9 6.60 -17.22 19.93
CA ARG A 9 7.82 -16.44 19.68
C ARG A 9 7.97 -15.33 20.72
N GLU A 10 9.03 -15.43 21.53
CA GLU A 10 9.29 -14.43 22.56
C GLU A 10 9.52 -13.05 21.94
N PRO A 11 10.56 -12.96 21.10
CA PRO A 11 10.91 -11.70 20.42
C PRO A 11 9.88 -11.30 19.37
N VAL A 12 9.95 -10.05 18.92
CA VAL A 12 9.03 -9.54 17.91
C VAL A 12 9.76 -9.25 16.60
N VAL A 13 9.43 -10.01 15.57
CA VAL A 13 10.06 -9.83 14.25
C VAL A 13 9.10 -9.16 13.29
N ASN A 14 9.55 -8.05 12.70
CA ASN A 14 8.74 -7.30 11.74
C ASN A 14 9.58 -6.84 10.55
N ASP A 15 9.02 -7.00 9.35
CA ASP A 15 9.71 -6.59 8.13
C ASP A 15 8.80 -5.76 7.23
N GLU A 16 7.65 -6.33 6.89
CA GLU A 16 6.69 -5.64 6.03
C GLU A 16 5.33 -5.55 6.71
N MET A 17 5.11 -4.48 7.45
CA MET A 17 3.84 -4.26 8.15
C MET A 17 3.14 -3.02 7.64
N CYS A 18 1.81 -3.03 7.70
CA CYS A 18 1.02 -1.90 7.24
C CYS A 18 1.20 -0.70 8.15
N ASP A 19 1.08 0.50 7.58
CA ASP A 19 1.23 1.73 8.35
C ASP A 19 -0.05 2.07 9.10
N VAL A 20 -1.04 1.18 9.00
CA VAL A 20 -2.31 1.37 9.68
C VAL A 20 -2.72 0.13 10.46
N CYS A 21 -2.27 -1.03 9.99
CA CYS A 21 -2.58 -2.29 10.64
C CYS A 21 -1.33 -2.90 11.29
N GLU A 22 -0.17 -2.55 10.74
CA GLU A 22 1.09 -3.06 11.27
C GLU A 22 1.09 -4.59 11.31
N VAL A 23 0.64 -5.20 10.23
CA VAL A 23 0.58 -6.66 10.13
C VAL A 23 0.86 -7.13 8.71
N TRP A 24 1.48 -8.28 8.59
CA TRP A 24 1.81 -8.85 7.28
C TRP A 24 1.12 -10.19 7.07
N THR A 25 1.07 -10.65 5.83
CA THR A 25 0.43 -11.92 5.50
C THR A 25 1.29 -12.73 4.54
N ALA A 26 1.23 -14.06 4.68
CA ALA A 26 2.01 -14.95 3.83
C ALA A 26 2.00 -14.47 2.39
N GLU A 27 0.80 -14.35 1.81
CA GLU A 27 0.66 -13.90 0.43
C GLU A 27 1.32 -12.53 0.23
N SER A 28 1.21 -12.02 -0.99
CA SER A 28 1.79 -10.72 -1.32
C SER A 28 1.08 -9.59 -0.58
N LEU A 29 1.85 -8.64 -0.07
CA LEU A 29 1.28 -7.51 0.65
C LEU A 29 1.16 -6.29 -0.25
N PHE A 30 0.05 -5.55 -0.10
CA PHE A 30 -0.19 -4.37 -0.90
C PHE A 30 0.54 -3.16 -0.31
N PRO A 31 0.86 -2.18 -1.18
CA PRO A 31 0.52 -2.24 -2.61
C PRO A 31 1.34 -3.30 -3.34
N CYS A 32 2.66 -3.24 -3.17
CA CYS A 32 3.56 -4.18 -3.82
C CYS A 32 4.42 -4.91 -2.79
N ARG A 33 5.25 -5.84 -3.26
CA ARG A 33 6.13 -6.61 -2.38
C ARG A 33 7.51 -5.98 -2.32
N VAL A 34 8.25 -6.07 -3.42
CA VAL A 34 9.59 -5.50 -3.50
C VAL A 34 9.70 -4.23 -2.66
N CYS A 35 8.72 -3.34 -2.82
CA CYS A 35 8.70 -2.09 -2.08
C CYS A 35 8.61 -2.33 -0.58
N THR A 36 9.73 -2.12 0.11
CA THR A 36 9.77 -2.32 1.56
C THR A 36 8.50 -1.80 2.23
N ARG A 37 8.30 -0.49 2.16
CA ARG A 37 7.14 0.14 2.76
C ARG A 37 5.84 -0.50 2.23
N VAL A 38 5.18 -1.26 3.10
CA VAL A 38 3.93 -1.92 2.72
C VAL A 38 2.74 -1.29 3.42
N PHE A 39 1.70 -0.97 2.64
CA PHE A 39 0.50 -0.36 3.18
C PHE A 39 -0.72 -0.75 2.37
N HIS A 40 -1.74 -1.28 3.05
CA HIS A 40 -2.97 -1.70 2.39
C HIS A 40 -3.65 -0.51 1.71
N ASP A 41 -3.52 -0.42 0.40
CA ASP A 41 -4.12 0.67 -0.37
C ASP A 41 -5.42 1.11 0.27
N GLY A 42 -6.22 0.15 0.73
CA GLY A 42 -7.49 0.47 1.37
C GLY A 42 -7.33 1.35 2.58
N CYS A 43 -6.60 0.85 3.57
CA CYS A 43 -6.36 1.59 4.81
C CYS A 43 -6.09 3.06 4.51
N LEU A 44 -5.37 3.31 3.43
CA LEU A 44 -5.04 4.69 3.03
C LEU A 44 -6.30 5.52 2.83
N ARG A 45 -7.22 4.99 2.01
CA ARG A 45 -8.47 5.68 1.73
C ARG A 45 -9.41 5.63 2.93
N ARG A 46 -9.32 4.53 3.69
CA ARG A 46 -10.17 4.36 4.87
C ARG A 46 -9.83 5.40 5.94
N MET A 47 -8.58 5.43 6.35
CA MET A 47 -8.13 6.37 7.37
C MET A 47 -8.17 7.81 6.83
N GLY A 48 -7.53 8.03 5.69
CA GLY A 48 -7.50 9.34 5.09
C GLY A 48 -6.11 9.75 4.63
N TYR A 49 -5.60 9.07 3.62
CA TYR A 49 -4.27 9.37 3.09
C TYR A 49 -4.33 9.70 1.61
N ILE A 50 -5.15 8.96 0.87
CA ILE A 50 -5.31 9.19 -0.56
C ILE A 50 -6.15 10.43 -0.83
N GLN A 51 -7.43 10.37 -0.48
CA GLN A 51 -8.33 11.49 -0.69
C GLN A 51 -9.69 11.23 -0.04
N GLY A 52 -10.35 12.29 0.38
CA GLY A 52 -11.65 12.15 1.02
C GLY A 52 -12.46 11.00 0.44
N ASP A 53 -12.44 9.87 1.13
CA ASP A 53 -13.17 8.69 0.68
C ASP A 53 -14.64 8.79 1.07
N SER A 54 -15.22 9.98 0.93
CA SER A 54 -16.61 10.20 1.27
C SER A 54 -17.45 10.40 0.01
N ALA A 55 -16.91 11.15 -0.95
CA ALA A 55 -17.60 11.41 -2.20
C ALA A 55 -16.79 10.90 -3.39
N ALA A 56 -15.69 10.23 -3.11
CA ALA A 56 -14.83 9.69 -4.16
C ALA A 56 -14.73 8.17 -4.06
N GLU A 57 -14.89 7.51 -5.20
CA GLU A 57 -14.82 6.05 -5.25
C GLU A 57 -13.66 5.59 -6.14
N VAL A 58 -12.56 5.20 -5.50
CA VAL A 58 -11.39 4.74 -6.24
C VAL A 58 -11.17 3.24 -6.04
N THR A 59 -10.81 2.55 -7.12
CA THR A 59 -10.58 1.11 -7.07
C THR A 59 -9.16 0.77 -7.49
N GLU A 60 -8.38 0.23 -6.55
CA GLU A 60 -7.00 -0.15 -6.83
C GLU A 60 -6.89 -1.64 -7.11
N MET A 61 -6.67 -1.98 -8.38
CA MET A 61 -6.53 -3.38 -8.79
C MET A 61 -5.08 -3.79 -8.87
N ALA A 62 -4.50 -4.12 -7.71
CA ALA A 62 -3.10 -4.53 -7.65
C ALA A 62 -2.96 -6.04 -7.85
N HIS A 63 -3.86 -6.80 -7.23
CA HIS A 63 -3.84 -8.25 -7.35
C HIS A 63 -3.66 -8.69 -8.80
N THR A 64 -4.61 -8.29 -9.65
CA THR A 64 -4.57 -8.63 -11.06
C THR A 64 -3.13 -8.68 -11.57
N GLU A 65 -2.75 -9.81 -12.16
CA GLU A 65 -1.40 -9.98 -12.68
C GLU A 65 -0.91 -8.69 -13.35
N THR A 66 0.38 -8.41 -13.21
CA THR A 66 0.97 -7.22 -13.79
C THR A 66 -0.01 -6.05 -13.78
N GLY A 67 -0.78 -5.95 -12.70
CA GLY A 67 -1.75 -4.89 -12.57
C GLY A 67 -1.10 -3.51 -12.61
N TRP A 68 -1.35 -2.72 -11.56
CA TRP A 68 -0.80 -1.37 -11.47
C TRP A 68 0.32 -1.32 -10.44
N SER A 69 1.44 -0.71 -10.81
CA SER A 69 2.58 -0.60 -9.93
C SER A 69 2.46 0.64 -9.03
N CYS A 70 2.86 0.50 -7.78
CA CYS A 70 2.79 1.59 -6.82
C CYS A 70 3.58 2.81 -7.32
N HIS A 71 3.41 3.94 -6.64
CA HIS A 71 4.11 5.16 -7.02
C HIS A 71 5.57 5.12 -6.58
N TYR A 72 5.80 4.69 -5.34
CA TYR A 72 7.15 4.60 -4.80
C TYR A 72 7.82 3.30 -5.22
N CYS A 73 7.75 3.00 -6.52
CA CYS A 73 8.36 1.79 -7.05
C CYS A 73 9.83 2.00 -7.37
N ASP A 74 10.49 0.94 -7.82
CA ASP A 74 11.91 1.02 -8.16
C ASP A 74 12.12 0.86 -9.66
N ASN A 75 11.37 -0.05 -10.27
CA ASN A 75 11.48 -0.29 -11.71
C ASN A 75 10.65 0.73 -12.50
N ILE A 76 10.65 1.98 -12.02
CA ILE A 76 9.91 3.03 -12.69
C ILE A 76 10.66 3.57 -13.90
N ASN A 77 10.11 3.31 -15.08
CA ASN A 77 10.73 3.77 -16.33
C ASN A 77 9.74 4.56 -17.18
N LEU A 78 8.54 3.99 -17.36
CA LEU A 78 7.51 4.63 -18.16
C LEU A 78 6.19 4.70 -17.37
N LEU A 79 5.66 5.91 -17.24
CA LEU A 79 4.40 6.13 -16.52
C LEU A 79 3.39 6.85 -17.40
N LEU A 80 2.73 6.09 -18.27
CA LEU A 80 1.73 6.65 -19.17
C LEU A 80 2.13 8.06 -19.63
N THR A 81 3.42 8.21 -19.95
CA THR A 81 3.93 9.50 -20.41
C THR A 81 5.06 9.32 -21.40
N GLU A 82 5.15 10.23 -22.37
CA GLU A 82 6.20 10.16 -23.38
C GLU A 82 7.01 11.45 -23.41
N GLU A 83 6.35 12.57 -23.10
CA GLU A 83 7.00 13.87 -23.09
C GLU A 83 7.71 14.12 -21.77
N SER A 84 8.91 14.66 -21.83
CA SER A 84 9.69 14.95 -20.63
C SER A 84 8.91 15.85 -19.68
N GLY A 85 8.93 15.50 -18.40
CA GLY A 85 8.22 16.28 -17.40
C GLY A 85 7.95 15.49 -16.12
N PRO A 86 8.99 15.39 -15.27
CA PRO A 86 8.88 14.66 -14.01
C PRO A 86 8.00 15.37 -12.99
N SER A 87 7.39 16.47 -13.43
CA SER A 87 6.52 17.26 -12.55
C SER A 87 5.18 16.55 -12.36
N SER A 88 5.23 15.35 -11.81
CA SER A 88 4.02 14.56 -11.56
C SER A 88 4.19 13.67 -10.34
N GLY A 89 3.28 13.83 -9.37
CA GLY A 89 3.34 13.03 -8.17
C GLY A 89 1.99 12.91 -7.49
ZN ZN B . -3.64 -1.99 6.56
ZN ZN C . 6.31 -0.63 -5.79
N GLY A 1 -7.93 -10.62 35.38
CA GLY A 1 -7.86 -10.82 33.94
C GLY A 1 -6.45 -11.15 33.48
N SER A 2 -6.30 -12.30 32.84
CA SER A 2 -4.99 -12.73 32.34
C SER A 2 -5.07 -13.14 30.88
N SER A 3 -4.45 -12.35 30.01
CA SER A 3 -4.46 -12.62 28.58
C SER A 3 -3.05 -12.97 28.09
N GLY A 4 -2.91 -14.16 27.52
CA GLY A 4 -1.62 -14.60 27.02
C GLY A 4 -1.07 -15.78 27.79
N SER A 5 -1.85 -16.85 27.87
CA SER A 5 -1.43 -18.05 28.58
C SER A 5 -1.48 -19.27 27.67
N SER A 6 -1.05 -19.09 26.43
CA SER A 6 -1.04 -20.17 25.45
C SER A 6 0.36 -20.39 24.89
N GLY A 7 0.94 -21.55 25.21
CA GLY A 7 2.28 -21.86 24.74
C GLY A 7 3.23 -20.69 24.87
N PRO A 8 3.89 -20.57 26.03
CA PRO A 8 4.84 -19.49 26.30
C PRO A 8 6.11 -19.63 25.48
N ARG A 9 6.18 -20.67 24.66
CA ARG A 9 7.35 -20.92 23.83
C ARG A 9 7.04 -20.63 22.36
N GLU A 10 7.11 -19.36 21.98
CA GLU A 10 6.84 -18.95 20.62
C GLU A 10 7.75 -17.80 20.19
N PRO A 11 8.47 -18.00 19.08
CA PRO A 11 9.41 -17.00 18.55
C PRO A 11 8.67 -15.78 17.97
N VAL A 12 9.44 -14.85 17.43
CA VAL A 12 8.87 -13.64 16.84
C VAL A 12 9.68 -13.18 15.63
N VAL A 13 8.98 -12.78 14.58
CA VAL A 13 9.64 -12.31 13.36
C VAL A 13 8.82 -11.22 12.68
N ASN A 14 9.51 -10.23 12.13
CA ASN A 14 8.84 -9.12 11.45
C ASN A 14 9.67 -8.66 10.25
N ASP A 15 8.99 -8.48 9.11
CA ASP A 15 9.64 -8.03 7.89
C ASP A 15 8.92 -6.84 7.29
N GLU A 16 7.62 -7.00 7.03
CA GLU A 16 6.81 -5.93 6.45
C GLU A 16 5.52 -5.74 7.23
N MET A 17 5.49 -4.70 8.07
CA MET A 17 4.31 -4.41 8.88
C MET A 17 3.59 -3.18 8.35
N CYS A 18 2.31 -3.34 8.02
CA CYS A 18 1.51 -2.23 7.52
C CYS A 18 1.71 -0.97 8.35
N ASP A 19 1.63 0.18 7.69
CA ASP A 19 1.82 1.46 8.37
C ASP A 19 0.54 1.88 9.10
N VAL A 20 -0.49 1.04 8.98
CA VAL A 20 -1.77 1.32 9.63
C VAL A 20 -2.23 0.14 10.47
N CYS A 21 -1.71 -1.05 10.17
CA CYS A 21 -2.06 -2.25 10.89
C CYS A 21 -0.82 -2.91 11.50
N GLU A 22 0.34 -2.62 10.92
CA GLU A 22 1.59 -3.18 11.40
C GLU A 22 1.56 -4.70 11.35
N VAL A 23 0.93 -5.24 10.30
CA VAL A 23 0.83 -6.69 10.14
C VAL A 23 1.04 -7.09 8.68
N TRP A 24 1.50 -8.32 8.47
CA TRP A 24 1.74 -8.82 7.13
C TRP A 24 0.87 -10.04 6.83
N THR A 25 1.03 -10.61 5.65
CA THR A 25 0.26 -11.78 5.25
C THR A 25 1.02 -12.61 4.22
N ALA A 26 0.84 -13.92 4.28
CA ALA A 26 1.50 -14.83 3.34
C ALA A 26 1.25 -14.40 1.90
N GLU A 27 0.03 -14.01 1.60
CA GLU A 27 -0.33 -13.58 0.26
C GLU A 27 0.31 -12.24 -0.08
N SER A 28 0.12 -11.79 -1.32
CA SER A 28 0.69 -10.52 -1.76
C SER A 28 0.18 -9.36 -0.91
N LEU A 29 1.11 -8.55 -0.42
CA LEU A 29 0.76 -7.41 0.42
C LEU A 29 0.73 -6.12 -0.41
N PHE A 30 -0.37 -5.37 -0.30
CA PHE A 30 -0.52 -4.13 -1.03
C PHE A 30 0.17 -2.98 -0.29
N PRO A 31 0.59 -1.96 -1.05
CA PRO A 31 0.42 -1.93 -2.51
C PRO A 31 1.29 -2.95 -3.22
N CYS A 32 2.58 -2.94 -2.92
CA CYS A 32 3.52 -3.87 -3.53
C CYS A 32 4.46 -4.46 -2.49
N ARG A 33 5.43 -5.24 -2.94
CA ARG A 33 6.40 -5.86 -2.05
C ARG A 33 7.76 -5.19 -2.16
N VAL A 34 8.29 -5.12 -3.38
CA VAL A 34 9.59 -4.51 -3.61
C VAL A 34 9.80 -3.30 -2.70
N CYS A 35 8.75 -2.52 -2.50
CA CYS A 35 8.82 -1.35 -1.64
C CYS A 35 8.74 -1.74 -0.17
N THR A 36 9.86 -1.59 0.53
CA THR A 36 9.93 -1.92 1.95
C THR A 36 8.67 -1.47 2.68
N ARG A 37 8.25 -0.24 2.40
CA ARG A 37 7.06 0.32 3.04
C ARG A 37 5.79 -0.34 2.50
N VAL A 38 5.18 -1.19 3.33
CA VAL A 38 3.97 -1.88 2.94
C VAL A 38 2.74 -1.29 3.63
N PHE A 39 1.67 -1.10 2.87
CA PHE A 39 0.44 -0.53 3.41
C PHE A 39 -0.78 -1.04 2.64
N HIS A 40 -1.71 -1.66 3.35
CA HIS A 40 -2.92 -2.20 2.73
C HIS A 40 -3.70 -1.09 2.02
N ASP A 41 -4.26 -1.42 0.87
CA ASP A 41 -5.02 -0.46 0.09
C ASP A 41 -6.21 0.07 0.89
N GLY A 42 -6.99 -0.84 1.46
CA GLY A 42 -8.14 -0.45 2.26
C GLY A 42 -7.78 0.50 3.38
N CYS A 43 -6.51 0.49 3.78
CA CYS A 43 -6.04 1.34 4.85
C CYS A 43 -5.80 2.78 4.35
N LEU A 44 -5.30 2.89 3.13
CA LEU A 44 -5.03 4.19 2.53
C LEU A 44 -6.33 4.92 2.22
N ARG A 45 -7.30 4.20 1.67
CA ARG A 45 -8.59 4.78 1.33
C ARG A 45 -9.35 5.19 2.58
N ARG A 46 -9.20 4.39 3.64
CA ARG A 46 -9.87 4.66 4.90
C ARG A 46 -9.32 5.91 5.56
N MET A 47 -8.01 5.94 5.77
CA MET A 47 -7.35 7.09 6.39
C MET A 47 -7.43 8.31 5.48
N GLY A 48 -7.25 8.08 4.18
CA GLY A 48 -7.30 9.18 3.23
C GLY A 48 -5.93 9.53 2.68
N TYR A 49 -5.27 8.55 2.06
CA TYR A 49 -3.95 8.76 1.50
C TYR A 49 -4.00 8.77 -0.03
N ILE A 50 -5.05 8.17 -0.58
CA ILE A 50 -5.23 8.11 -2.03
C ILE A 50 -6.63 8.57 -2.44
N GLN A 51 -7.61 8.26 -1.59
CA GLN A 51 -8.99 8.64 -1.87
C GLN A 51 -9.91 8.23 -0.72
N GLY A 52 -10.82 9.12 -0.35
CA GLY A 52 -11.74 8.83 0.74
C GLY A 52 -12.57 7.58 0.48
N ASP A 53 -13.49 7.29 1.39
CA ASP A 53 -14.35 6.12 1.25
C ASP A 53 -15.57 6.45 0.40
N SER A 54 -15.35 7.11 -0.73
CA SER A 54 -16.44 7.47 -1.63
C SER A 54 -16.07 7.17 -3.08
N ALA A 55 -16.46 5.99 -3.55
CA ALA A 55 -16.18 5.57 -4.91
C ALA A 55 -16.84 4.24 -5.23
N ALA A 56 -17.68 4.23 -6.26
CA ALA A 56 -18.37 3.02 -6.67
C ALA A 56 -18.04 2.65 -8.10
N GLU A 57 -17.10 3.39 -8.70
CA GLU A 57 -16.71 3.14 -10.08
C GLU A 57 -15.24 2.73 -10.15
N VAL A 58 -14.83 1.84 -9.24
CA VAL A 58 -13.45 1.37 -9.19
C VAL A 58 -13.34 -0.04 -9.77
N THR A 59 -12.29 -0.28 -10.54
CA THR A 59 -12.06 -1.57 -11.16
C THR A 59 -10.57 -1.89 -11.23
N GLU A 60 -10.13 -2.80 -10.37
CA GLU A 60 -8.72 -3.20 -10.32
C GLU A 60 -8.54 -4.48 -9.52
N MET A 61 -7.36 -5.10 -9.66
CA MET A 61 -7.06 -6.33 -8.93
C MET A 61 -5.77 -6.20 -8.15
N ALA A 62 -5.88 -6.23 -6.82
CA ALA A 62 -4.72 -6.11 -5.95
C ALA A 62 -4.25 -7.48 -5.48
N HIS A 63 -5.13 -8.18 -4.77
CA HIS A 63 -4.80 -9.52 -4.26
C HIS A 63 -3.96 -10.30 -5.26
N THR A 64 -4.48 -10.42 -6.48
CA THR A 64 -3.78 -11.14 -7.54
C THR A 64 -2.29 -10.80 -7.55
N GLU A 65 -1.47 -11.77 -7.93
CA GLU A 65 -0.02 -11.57 -7.99
C GLU A 65 0.32 -10.38 -8.86
N THR A 66 1.36 -9.65 -8.47
CA THR A 66 1.80 -8.48 -9.23
C THR A 66 0.60 -7.69 -9.76
N GLY A 67 -0.44 -7.58 -8.94
CA GLY A 67 -1.63 -6.85 -9.35
C GLY A 67 -1.31 -5.45 -9.83
N TRP A 68 -1.54 -4.46 -8.99
CA TRP A 68 -1.28 -3.06 -9.34
C TRP A 68 0.01 -2.58 -8.70
N SER A 69 0.73 -1.71 -9.41
CA SER A 69 1.98 -1.17 -8.92
C SER A 69 1.76 0.08 -8.09
N CYS A 70 2.46 0.18 -6.97
CA CYS A 70 2.34 1.33 -6.08
C CYS A 70 2.86 2.60 -6.75
N HIS A 71 2.55 3.74 -6.13
CA HIS A 71 2.99 5.03 -6.67
C HIS A 71 4.49 5.18 -6.58
N TYR A 72 5.06 4.72 -5.46
CA TYR A 72 6.50 4.80 -5.25
C TYR A 72 7.21 3.59 -5.84
N CYS A 73 6.73 3.13 -6.99
CA CYS A 73 7.32 1.97 -7.66
C CYS A 73 8.39 2.41 -8.65
N ASP A 74 9.07 1.44 -9.25
CA ASP A 74 10.11 1.71 -10.23
C ASP A 74 9.64 1.41 -11.65
N ASN A 75 9.27 2.47 -12.37
CA ASN A 75 8.80 2.32 -13.74
C ASN A 75 9.28 3.48 -14.61
N ILE A 76 9.30 3.27 -15.92
CA ILE A 76 9.74 4.29 -16.86
C ILE A 76 8.82 5.51 -16.80
N ASN A 77 9.21 6.49 -15.99
CA ASN A 77 8.42 7.72 -15.85
C ASN A 77 8.43 8.52 -17.14
N LEU A 78 7.42 8.32 -17.97
CA LEU A 78 7.31 9.03 -19.24
C LEU A 78 7.62 10.51 -19.06
N LEU A 79 8.36 11.08 -20.00
CA LEU A 79 8.72 12.49 -19.95
C LEU A 79 7.55 13.37 -20.38
N LEU A 80 7.62 14.66 -20.03
CA LEU A 80 6.58 15.60 -20.38
C LEU A 80 7.16 16.94 -20.81
N THR A 81 6.53 17.56 -21.81
CA THR A 81 7.00 18.84 -22.32
C THR A 81 6.81 19.95 -21.29
N GLU A 82 7.90 20.33 -20.63
CA GLU A 82 7.85 21.37 -19.61
C GLU A 82 9.26 21.81 -19.21
N GLU A 83 9.51 23.11 -19.27
CA GLU A 83 10.81 23.65 -18.91
C GLU A 83 10.67 24.86 -17.98
N SER A 84 10.45 24.59 -16.70
CA SER A 84 10.29 25.64 -15.71
C SER A 84 10.93 25.25 -14.38
N GLY A 85 12.03 25.92 -14.05
CA GLY A 85 12.72 25.63 -12.80
C GLY A 85 14.07 26.31 -12.71
N PRO A 86 14.15 27.36 -11.88
CA PRO A 86 15.39 28.12 -11.69
C PRO A 86 16.46 27.32 -10.94
N SER A 87 17.51 26.94 -11.66
CA SER A 87 18.60 26.17 -11.08
C SER A 87 18.05 25.02 -10.24
N SER A 88 17.01 24.37 -10.75
CA SER A 88 16.40 23.24 -10.04
C SER A 88 17.10 21.94 -10.39
N GLY A 89 17.59 21.25 -9.37
CA GLY A 89 18.27 19.98 -9.59
C GLY A 89 19.44 19.78 -8.63
ZN ZN B . -3.27 -2.08 6.87
ZN ZN C . 6.19 -0.22 -5.16
N GLY A 1 -7.54 -25.59 17.29
CA GLY A 1 -7.09 -24.29 16.84
C GLY A 1 -6.99 -23.29 17.97
N SER A 2 -5.77 -23.01 18.41
CA SER A 2 -5.55 -22.07 19.50
C SER A 2 -5.18 -20.69 18.96
N SER A 3 -5.69 -19.64 19.60
CA SER A 3 -5.41 -18.28 19.17
C SER A 3 -3.92 -18.07 18.92
N GLY A 4 -3.60 -17.30 17.88
CA GLY A 4 -2.21 -17.05 17.55
C GLY A 4 -1.86 -17.50 16.15
N SER A 5 -0.58 -17.40 15.79
CA SER A 5 -0.12 -17.80 14.47
C SER A 5 1.05 -18.77 14.58
N SER A 6 0.73 -20.07 14.59
CA SER A 6 1.75 -21.11 14.69
C SER A 6 1.34 -22.35 13.90
N GLY A 7 2.25 -22.86 13.08
CA GLY A 7 1.96 -24.04 12.29
C GLY A 7 3.08 -24.36 11.31
N PRO A 8 2.74 -25.09 10.23
CA PRO A 8 3.71 -25.49 9.21
C PRO A 8 4.20 -24.31 8.39
N ARG A 9 3.67 -23.11 8.69
CA ARG A 9 4.06 -21.91 7.98
C ARG A 9 4.97 -21.03 8.84
N GLU A 10 6.12 -20.66 8.29
CA GLU A 10 7.07 -19.82 9.01
C GLU A 10 7.01 -18.38 8.52
N PRO A 11 6.67 -17.45 9.42
CA PRO A 11 6.56 -16.04 9.09
C PRO A 11 7.92 -15.40 8.83
N VAL A 12 8.15 -14.97 7.59
CA VAL A 12 9.40 -14.34 7.21
C VAL A 12 9.21 -12.87 6.87
N VAL A 13 8.45 -12.17 7.71
CA VAL A 13 8.18 -10.75 7.49
C VAL A 13 8.11 -10.00 8.82
N ASN A 14 9.00 -9.02 8.98
CA ASN A 14 9.04 -8.22 10.19
C ASN A 14 9.13 -6.74 9.87
N ASP A 15 9.99 -6.39 8.92
CA ASP A 15 10.17 -5.01 8.52
C ASP A 15 8.99 -4.52 7.69
N GLU A 16 8.44 -5.41 6.87
CA GLU A 16 7.30 -5.07 6.02
C GLU A 16 5.99 -5.22 6.79
N MET A 17 5.50 -4.11 7.33
CA MET A 17 4.26 -4.11 8.08
C MET A 17 3.42 -2.88 7.77
N CYS A 18 2.11 -3.06 7.65
CA CYS A 18 1.20 -1.97 7.34
C CYS A 18 1.41 -0.81 8.31
N ASP A 19 1.46 0.40 7.77
CA ASP A 19 1.65 1.60 8.58
C ASP A 19 0.37 1.96 9.33
N VAL A 20 -0.65 1.11 9.18
CA VAL A 20 -1.93 1.35 9.85
C VAL A 20 -2.36 0.13 10.67
N CYS A 21 -1.90 -1.04 10.25
CA CYS A 21 -2.23 -2.28 10.95
C CYS A 21 -0.98 -2.91 11.56
N GLU A 22 0.18 -2.57 11.01
CA GLU A 22 1.45 -3.10 11.49
C GLU A 22 1.42 -4.62 11.52
N VAL A 23 0.75 -5.21 10.54
CA VAL A 23 0.65 -6.67 10.46
C VAL A 23 0.73 -7.14 9.00
N TRP A 24 0.86 -8.45 8.83
CA TRP A 24 0.95 -9.03 7.49
C TRP A 24 -0.06 -10.15 7.32
N THR A 25 -0.20 -10.64 6.08
CA THR A 25 -1.13 -11.72 5.79
C THR A 25 -0.55 -12.68 4.75
N ALA A 26 -0.90 -13.96 4.87
CA ALA A 26 -0.42 -14.97 3.95
C ALA A 26 -0.47 -14.47 2.50
N GLU A 27 -1.50 -13.70 2.18
CA GLU A 27 -1.66 -13.16 0.83
C GLU A 27 -0.58 -12.12 0.54
N SER A 28 -0.59 -11.60 -0.69
CA SER A 28 0.39 -10.60 -1.10
C SER A 28 0.16 -9.28 -0.36
N LEU A 29 1.25 -8.68 0.10
CA LEU A 29 1.17 -7.41 0.82
C LEU A 29 1.46 -6.24 -0.09
N PHE A 30 0.42 -5.50 -0.46
CA PHE A 30 0.56 -4.35 -1.34
C PHE A 30 1.00 -3.11 -0.55
N PRO A 31 1.72 -2.21 -1.23
CA PRO A 31 2.07 -2.36 -2.64
C PRO A 31 3.09 -3.48 -2.87
N CYS A 32 3.60 -3.58 -4.09
CA CYS A 32 4.58 -4.60 -4.43
C CYS A 32 5.66 -4.68 -3.36
N ARG A 33 6.54 -5.68 -3.50
CA ARG A 33 7.62 -5.87 -2.54
C ARG A 33 8.71 -4.83 -2.74
N VAL A 34 9.20 -4.71 -3.98
CA VAL A 34 10.25 -3.76 -4.30
C VAL A 34 10.21 -2.56 -3.36
N CYS A 35 8.99 -2.07 -3.10
CA CYS A 35 8.82 -0.92 -2.21
C CYS A 35 8.73 -1.37 -0.76
N THR A 36 9.88 -1.41 -0.09
CA THR A 36 9.94 -1.82 1.30
C THR A 36 8.69 -1.39 2.05
N ARG A 37 8.25 -0.16 1.80
CA ARG A 37 7.07 0.39 2.45
C ARG A 37 5.83 -0.41 2.06
N VAL A 38 5.25 -1.12 3.03
CA VAL A 38 4.06 -1.91 2.80
C VAL A 38 2.85 -1.34 3.53
N PHE A 39 1.77 -1.12 2.80
CA PHE A 39 0.55 -0.57 3.39
C PHE A 39 -0.68 -1.06 2.64
N HIS A 40 -1.64 -1.60 3.38
CA HIS A 40 -2.87 -2.11 2.78
C HIS A 40 -3.55 -1.03 1.94
N ASP A 41 -3.39 -1.12 0.63
CA ASP A 41 -4.00 -0.15 -0.27
C ASP A 41 -5.34 0.34 0.27
N GLY A 42 -6.07 -0.55 0.93
CA GLY A 42 -7.36 -0.19 1.50
C GLY A 42 -7.23 0.75 2.67
N CYS A 43 -6.47 0.35 3.68
CA CYS A 43 -6.27 1.15 4.87
C CYS A 43 -6.09 2.63 4.51
N LEU A 44 -5.37 2.88 3.42
CA LEU A 44 -5.13 4.25 2.97
C LEU A 44 -6.44 4.97 2.69
N ARG A 45 -7.35 4.29 2.00
CA ARG A 45 -8.65 4.87 1.68
C ARG A 45 -9.58 4.82 2.89
N ARG A 46 -9.40 3.81 3.74
CA ARG A 46 -10.23 3.66 4.92
C ARG A 46 -9.93 4.77 5.94
N MET A 47 -8.65 5.09 6.10
CA MET A 47 -8.23 6.12 7.03
C MET A 47 -8.08 7.47 6.32
N GLY A 48 -7.50 7.44 5.13
CA GLY A 48 -7.31 8.66 4.37
C GLY A 48 -5.84 8.98 4.17
N TYR A 49 -5.25 8.42 3.13
CA TYR A 49 -3.84 8.66 2.83
C TYR A 49 -3.65 9.06 1.37
N ILE A 50 -4.38 8.40 0.48
CA ILE A 50 -4.30 8.70 -0.95
C ILE A 50 -5.48 9.54 -1.40
N GLN A 51 -6.62 9.37 -0.73
CA GLN A 51 -7.82 10.12 -1.07
C GLN A 51 -8.79 10.16 0.11
N GLY A 52 -9.97 10.74 -0.11
CA GLY A 52 -10.96 10.83 0.94
C GLY A 52 -12.30 11.30 0.43
N ASP A 53 -12.73 10.75 -0.72
CA ASP A 53 -14.00 11.13 -1.31
C ASP A 53 -14.72 9.90 -1.88
N SER A 54 -15.92 9.65 -1.37
CA SER A 54 -16.71 8.50 -1.83
C SER A 54 -17.57 8.87 -3.03
N ALA A 55 -16.95 9.50 -4.02
CA ALA A 55 -17.66 9.92 -5.22
C ALA A 55 -17.66 8.80 -6.27
N ALA A 56 -17.14 7.64 -5.88
CA ALA A 56 -17.09 6.49 -6.77
C ALA A 56 -16.84 5.20 -6.01
N GLU A 57 -17.20 4.08 -6.61
CA GLU A 57 -17.02 2.77 -5.98
C GLU A 57 -15.85 2.02 -6.59
N VAL A 58 -14.77 2.76 -6.88
CA VAL A 58 -13.58 2.15 -7.48
C VAL A 58 -13.12 0.94 -6.68
N THR A 59 -13.31 -0.24 -7.25
CA THR A 59 -12.91 -1.48 -6.58
C THR A 59 -11.40 -1.68 -6.66
N GLU A 60 -10.90 -2.68 -5.95
CA GLU A 60 -9.48 -2.97 -5.93
C GLU A 60 -9.11 -3.95 -7.05
N MET A 61 -8.36 -3.45 -8.03
CA MET A 61 -7.95 -4.28 -9.16
C MET A 61 -6.43 -4.44 -9.18
N ALA A 62 -5.84 -4.61 -8.00
CA ALA A 62 -4.39 -4.77 -7.90
C ALA A 62 -3.98 -6.20 -8.22
N HIS A 63 -4.64 -7.16 -7.60
CA HIS A 63 -4.34 -8.57 -7.82
C HIS A 63 -5.27 -9.17 -8.87
N THR A 64 -5.34 -8.51 -10.03
CA THR A 64 -6.19 -8.98 -11.12
C THR A 64 -5.48 -8.89 -12.46
N GLU A 65 -6.15 -9.34 -13.51
CA GLU A 65 -5.57 -9.32 -14.85
C GLU A 65 -4.78 -8.03 -15.08
N THR A 66 -5.48 -6.90 -15.07
CA THR A 66 -4.83 -5.61 -15.27
C THR A 66 -4.30 -5.05 -13.95
N GLY A 67 -3.03 -5.32 -13.67
CA GLY A 67 -2.43 -4.84 -12.44
C GLY A 67 -2.13 -3.35 -12.50
N TRP A 68 -2.15 -2.71 -11.34
CA TRP A 68 -1.88 -1.28 -11.25
C TRP A 68 -0.55 -1.01 -10.56
N SER A 69 0.19 -0.03 -11.06
CA SER A 69 1.49 0.32 -10.49
C SER A 69 1.31 1.16 -9.22
N CYS A 70 2.23 0.99 -8.28
CA CYS A 70 2.19 1.73 -7.03
C CYS A 70 2.27 3.23 -7.29
N HIS A 71 1.70 4.02 -6.37
CA HIS A 71 1.71 5.47 -6.49
C HIS A 71 3.09 5.97 -6.91
N TYR A 72 4.11 5.54 -6.18
CA TYR A 72 5.48 5.96 -6.48
C TYR A 72 6.07 5.13 -7.62
N CYS A 73 5.96 3.81 -7.50
CA CYS A 73 6.47 2.90 -8.52
C CYS A 73 5.81 3.17 -9.86
N ASP A 74 6.62 3.26 -10.91
CA ASP A 74 6.11 3.50 -12.25
C ASP A 74 7.21 3.28 -13.29
N ASN A 75 6.95 2.37 -14.23
CA ASN A 75 7.92 2.07 -15.27
C ASN A 75 8.69 3.32 -15.69
N ILE A 76 7.96 4.39 -15.99
CA ILE A 76 8.57 5.65 -16.40
C ILE A 76 8.50 6.68 -15.28
N ASN A 77 9.15 7.81 -15.48
CA ASN A 77 9.17 8.88 -14.49
C ASN A 77 7.99 9.84 -14.71
N LEU A 78 6.91 9.61 -13.98
CA LEU A 78 5.73 10.46 -14.09
C LEU A 78 5.91 11.77 -13.33
N LEU A 79 5.17 12.79 -13.73
CA LEU A 79 5.25 14.10 -13.09
C LEU A 79 3.86 14.70 -12.91
N LEU A 80 3.78 15.77 -12.12
CA LEU A 80 2.51 16.44 -11.86
C LEU A 80 2.74 17.92 -11.59
N THR A 81 1.85 18.75 -12.14
CA THR A 81 1.95 20.20 -11.95
C THR A 81 0.95 20.68 -10.90
N GLU A 82 1.38 21.65 -10.09
CA GLU A 82 0.52 22.20 -9.05
C GLU A 82 0.37 23.72 -9.21
N GLU A 83 -0.58 24.13 -10.04
CA GLU A 83 -0.82 25.54 -10.29
C GLU A 83 -2.28 25.89 -10.06
N SER A 84 -2.64 26.15 -8.81
CA SER A 84 -4.02 26.48 -8.46
C SER A 84 -4.06 27.48 -7.32
N GLY A 85 -5.26 27.96 -7.00
CA GLY A 85 -5.41 28.93 -5.91
C GLY A 85 -6.71 29.70 -6.01
N PRO A 86 -7.75 29.20 -5.33
CA PRO A 86 -9.07 29.85 -5.32
C PRO A 86 -9.07 31.17 -4.55
N SER A 87 -9.21 32.27 -5.29
CA SER A 87 -9.22 33.59 -4.67
C SER A 87 -10.28 33.67 -3.57
N SER A 88 -9.83 33.98 -2.36
CA SER A 88 -10.72 34.09 -1.22
C SER A 88 -11.81 35.13 -1.47
N GLY A 89 -12.71 35.28 -0.51
CA GLY A 89 -13.79 36.24 -0.64
C GLY A 89 -15.15 35.58 -0.64
ZN ZN B . -3.59 -2.15 7.02
ZN ZN C . 5.94 -0.87 -5.48
N GLY A 1 -11.89 -10.43 30.71
CA GLY A 1 -11.35 -9.65 29.62
C GLY A 1 -9.98 -10.13 29.19
N SER A 2 -9.94 -10.99 28.17
CA SER A 2 -8.68 -11.54 27.67
C SER A 2 -8.88 -12.21 26.33
N SER A 3 -8.01 -11.87 25.37
CA SER A 3 -8.09 -12.44 24.03
C SER A 3 -6.73 -12.40 23.34
N GLY A 4 -6.62 -13.10 22.22
CA GLY A 4 -5.38 -13.14 21.48
C GLY A 4 -4.88 -14.55 21.24
N SER A 5 -3.60 -14.67 20.88
CA SER A 5 -3.01 -15.98 20.61
C SER A 5 -2.11 -16.41 21.77
N SER A 6 -1.69 -17.67 21.74
CA SER A 6 -0.83 -18.22 22.78
C SER A 6 0.24 -17.20 23.19
N GLY A 7 0.17 -16.75 24.44
CA GLY A 7 1.14 -15.78 24.93
C GLY A 7 1.23 -14.56 24.05
N PRO A 8 0.41 -13.55 24.35
CA PRO A 8 0.37 -12.29 23.59
C PRO A 8 1.63 -11.45 23.80
N ARG A 9 2.57 -12.00 24.56
CA ARG A 9 3.82 -11.29 24.85
C ARG A 9 4.98 -11.93 24.07
N GLU A 10 5.16 -11.51 22.82
CA GLU A 10 6.23 -12.03 21.98
C GLU A 10 6.41 -11.18 20.74
N PRO A 11 7.62 -10.60 20.58
CA PRO A 11 7.95 -9.75 19.44
C PRO A 11 8.06 -10.53 18.15
N VAL A 12 7.14 -10.27 17.22
CA VAL A 12 7.13 -10.95 15.93
C VAL A 12 8.20 -10.39 15.00
N VAL A 13 8.93 -11.28 14.35
CA VAL A 13 9.99 -10.87 13.43
C VAL A 13 9.49 -10.88 11.98
N ASN A 14 9.47 -9.71 11.37
CA ASN A 14 9.03 -9.58 9.98
C ASN A 14 9.25 -8.16 9.46
N ASP A 15 9.50 -8.05 8.16
CA ASP A 15 9.72 -6.76 7.53
C ASP A 15 8.41 -6.10 7.12
N GLU A 16 7.60 -6.85 6.39
CA GLU A 16 6.30 -6.35 5.92
C GLU A 16 5.40 -6.02 7.10
N MET A 17 5.17 -4.72 7.33
CA MET A 17 4.32 -4.27 8.43
C MET A 17 3.52 -3.04 8.01
N CYS A 18 2.21 -3.23 7.85
CA CYS A 18 1.32 -2.14 7.46
C CYS A 18 1.56 -0.91 8.32
N ASP A 19 1.59 0.26 7.69
CA ASP A 19 1.81 1.51 8.40
C ASP A 19 0.58 1.90 9.21
N VAL A 20 -0.44 1.04 9.18
CA VAL A 20 -1.67 1.30 9.91
C VAL A 20 -2.07 0.10 10.77
N CYS A 21 -1.64 -1.09 10.35
CA CYS A 21 -1.94 -2.31 11.07
C CYS A 21 -0.67 -3.02 11.50
N GLU A 22 0.45 -2.68 10.85
CA GLU A 22 1.73 -3.29 11.17
C GLU A 22 1.63 -4.80 11.20
N VAL A 23 0.97 -5.36 10.18
CA VAL A 23 0.81 -6.80 10.07
C VAL A 23 1.02 -7.28 8.64
N TRP A 24 1.40 -8.55 8.50
CA TRP A 24 1.64 -9.13 7.18
C TRP A 24 0.69 -10.28 6.91
N THR A 25 0.82 -10.90 5.74
CA THR A 25 -0.04 -12.02 5.36
C THR A 25 0.64 -12.89 4.31
N ALA A 26 0.43 -14.20 4.42
CA ALA A 26 1.01 -15.14 3.49
C ALA A 26 0.71 -14.75 2.05
N GLU A 27 -0.47 -14.19 1.83
CA GLU A 27 -0.89 -13.76 0.49
C GLU A 27 -0.15 -12.50 0.07
N SER A 28 -0.37 -12.07 -1.17
CA SER A 28 0.27 -10.88 -1.70
C SER A 28 -0.16 -9.64 -0.92
N LEU A 29 0.82 -8.90 -0.41
CA LEU A 29 0.55 -7.69 0.35
C LEU A 29 0.74 -6.45 -0.50
N PHE A 30 -0.25 -5.58 -0.51
CA PHE A 30 -0.19 -4.35 -1.30
C PHE A 30 0.40 -3.21 -0.47
N PRO A 31 1.00 -2.22 -1.16
CA PRO A 31 1.10 -2.23 -2.62
C PRO A 31 2.06 -3.30 -3.13
N CYS A 32 3.26 -3.32 -2.58
CA CYS A 32 4.26 -4.31 -2.98
C CYS A 32 5.38 -4.40 -1.94
N ARG A 33 5.98 -5.58 -1.82
CA ARG A 33 7.05 -5.80 -0.86
C ARG A 33 8.40 -5.45 -1.48
N VAL A 34 8.38 -4.61 -2.52
CA VAL A 34 9.60 -4.20 -3.19
C VAL A 34 9.86 -2.70 -2.99
N CYS A 35 8.81 -1.97 -2.63
CA CYS A 35 8.92 -0.53 -2.41
C CYS A 35 9.35 -0.24 -0.98
N THR A 36 10.13 -1.15 -0.40
CA THR A 36 10.62 -0.99 0.97
C THR A 36 9.52 -0.41 1.87
N ARG A 37 8.28 -0.80 1.61
CA ARG A 37 7.15 -0.32 2.39
C ARG A 37 5.86 -1.05 2.00
N VAL A 38 5.04 -1.35 2.99
CA VAL A 38 3.78 -2.04 2.74
C VAL A 38 2.65 -1.42 3.56
N PHE A 39 1.53 -1.14 2.88
CA PHE A 39 0.38 -0.54 3.54
C PHE A 39 -0.92 -0.95 2.84
N HIS A 40 -1.77 -1.68 3.56
CA HIS A 40 -3.04 -2.13 3.01
C HIS A 40 -3.76 -0.99 2.29
N ASP A 41 -3.82 -1.08 0.97
CA ASP A 41 -4.47 -0.06 0.17
C ASP A 41 -5.77 0.41 0.82
N GLY A 42 -6.50 -0.53 1.41
CA GLY A 42 -7.75 -0.19 2.07
C GLY A 42 -7.54 0.75 3.25
N CYS A 43 -6.49 0.50 4.03
CA CYS A 43 -6.19 1.32 5.19
C CYS A 43 -5.99 2.78 4.79
N LEU A 44 -5.21 2.98 3.72
CA LEU A 44 -4.94 4.33 3.23
C LEU A 44 -6.22 5.00 2.74
N ARG A 45 -6.89 4.37 1.79
CA ARG A 45 -8.12 4.90 1.23
C ARG A 45 -9.16 5.13 2.33
N ARG A 46 -9.03 4.39 3.43
CA ARG A 46 -9.95 4.51 4.55
C ARG A 46 -9.80 5.85 5.24
N MET A 47 -8.61 6.11 5.78
CA MET A 47 -8.34 7.37 6.47
C MET A 47 -8.53 8.55 5.52
N GLY A 48 -8.06 8.40 4.28
CA GLY A 48 -8.20 9.46 3.32
C GLY A 48 -6.87 10.16 3.03
N TYR A 49 -5.85 9.38 2.73
CA TYR A 49 -4.53 9.91 2.45
C TYR A 49 -4.24 9.93 0.95
N ILE A 50 -4.62 8.84 0.28
CA ILE A 50 -4.40 8.71 -1.16
C ILE A 50 -5.60 9.25 -1.93
N GLN A 51 -5.89 10.54 -1.78
CA GLN A 51 -7.01 11.16 -2.47
C GLN A 51 -7.04 12.66 -2.19
N GLY A 52 -7.65 13.42 -3.10
CA GLY A 52 -7.75 14.85 -2.94
C GLY A 52 -7.65 15.59 -4.25
N ASP A 53 -8.49 15.20 -5.21
CA ASP A 53 -8.50 15.83 -6.53
C ASP A 53 -9.72 15.39 -7.34
N SER A 54 -9.98 16.09 -8.44
CA SER A 54 -11.12 15.78 -9.29
C SER A 54 -11.20 14.27 -9.57
N ALA A 55 -12.29 13.65 -9.16
CA ALA A 55 -12.49 12.23 -9.37
C ALA A 55 -12.01 11.81 -10.76
N ALA A 56 -10.99 10.96 -10.80
CA ALA A 56 -10.44 10.48 -12.05
C ALA A 56 -9.46 9.33 -11.83
N GLU A 57 -9.19 8.57 -12.89
CA GLU A 57 -8.27 7.44 -12.80
C GLU A 57 -8.34 6.79 -11.43
N VAL A 58 -9.56 6.64 -10.91
CA VAL A 58 -9.77 6.02 -9.60
C VAL A 58 -9.76 4.50 -9.70
N THR A 59 -8.88 3.87 -8.93
CA THR A 59 -8.77 2.42 -8.93
C THR A 59 -9.72 1.80 -7.91
N GLU A 60 -10.20 0.59 -8.21
CA GLU A 60 -11.12 -0.11 -7.33
C GLU A 60 -10.65 -1.53 -7.08
N MET A 61 -10.03 -2.14 -8.08
CA MET A 61 -9.53 -3.51 -7.98
C MET A 61 -8.04 -3.57 -8.28
N ALA A 62 -7.23 -3.60 -7.23
CA ALA A 62 -5.79 -3.65 -7.38
C ALA A 62 -5.34 -5.03 -7.89
N HIS A 63 -5.72 -6.08 -7.15
CA HIS A 63 -5.36 -7.44 -7.53
C HIS A 63 -5.86 -7.77 -8.93
N THR A 64 -5.03 -7.51 -9.93
CA THR A 64 -5.39 -7.79 -11.32
C THR A 64 -4.18 -8.20 -12.13
N GLU A 65 -4.40 -8.55 -13.39
CA GLU A 65 -3.32 -8.98 -14.27
C GLU A 65 -2.27 -7.88 -14.42
N THR A 66 -2.72 -6.68 -14.79
CA THR A 66 -1.82 -5.54 -14.95
C THR A 66 -1.63 -4.79 -13.63
N GLY A 67 -2.53 -5.02 -12.69
CA GLY A 67 -2.43 -4.37 -11.40
C GLY A 67 -2.20 -2.88 -11.53
N TRP A 68 -1.78 -2.25 -10.44
CA TRP A 68 -1.52 -0.81 -10.43
C TRP A 68 -0.14 -0.51 -9.86
N SER A 69 0.56 0.42 -10.50
CA SER A 69 1.90 0.81 -10.06
C SER A 69 1.83 1.78 -8.88
N CYS A 70 2.76 1.63 -7.94
CA CYS A 70 2.80 2.50 -6.78
C CYS A 70 3.24 3.91 -7.14
N HIS A 71 2.70 4.90 -6.44
CA HIS A 71 3.04 6.30 -6.70
C HIS A 71 4.54 6.46 -6.90
N TYR A 72 5.32 5.68 -6.16
CA TYR A 72 6.78 5.74 -6.26
C TYR A 72 7.37 4.36 -6.53
N CYS A 73 6.76 3.64 -7.47
CA CYS A 73 7.22 2.30 -7.83
C CYS A 73 8.28 2.37 -8.91
N ASP A 74 9.38 1.65 -8.71
CA ASP A 74 10.47 1.63 -9.67
C ASP A 74 10.31 0.47 -10.65
N ASN A 75 10.17 0.80 -11.93
CA ASN A 75 10.01 -0.21 -12.97
C ASN A 75 10.13 0.41 -14.36
N ILE A 76 10.01 -0.43 -15.39
CA ILE A 76 10.10 0.04 -16.76
C ILE A 76 8.73 0.42 -17.30
N ASN A 77 8.71 0.89 -18.55
CA ASN A 77 7.45 1.29 -19.17
C ASN A 77 6.99 0.25 -20.19
N LEU A 78 5.85 -0.35 -19.92
CA LEU A 78 5.29 -1.37 -20.80
C LEU A 78 4.44 -0.74 -21.89
N LEU A 79 3.64 0.25 -21.51
CA LEU A 79 2.77 0.94 -22.46
C LEU A 79 3.04 2.44 -22.45
N LEU A 80 2.47 3.15 -23.42
CA LEU A 80 2.64 4.60 -23.51
C LEU A 80 1.30 5.29 -23.65
N THR A 81 1.01 6.20 -22.72
CA THR A 81 -0.25 6.94 -22.74
C THR A 81 -0.13 8.24 -21.94
N GLU A 82 -0.57 9.34 -22.54
CA GLU A 82 -0.51 10.64 -21.88
C GLU A 82 -1.82 11.40 -22.06
N GLU A 83 -2.69 11.31 -21.05
CA GLU A 83 -3.98 11.99 -21.10
C GLU A 83 -4.09 13.03 -20.00
N SER A 84 -3.34 14.12 -20.15
CA SER A 84 -3.35 15.20 -19.16
C SER A 84 -4.38 16.25 -19.52
N GLY A 85 -5.62 16.04 -19.07
CA GLY A 85 -6.69 16.98 -19.35
C GLY A 85 -8.06 16.38 -19.14
N PRO A 86 -8.38 16.04 -17.89
CA PRO A 86 -9.66 15.43 -17.54
C PRO A 86 -10.82 16.42 -17.66
N SER A 87 -11.94 15.96 -18.19
CA SER A 87 -13.12 16.81 -18.36
C SER A 87 -14.39 15.97 -18.45
N SER A 88 -15.48 16.49 -17.91
CA SER A 88 -16.76 15.79 -17.93
C SER A 88 -17.91 16.75 -17.61
N GLY A 89 -18.95 16.69 -18.43
CA GLY A 89 -20.10 17.55 -18.22
C GLY A 89 -21.33 16.79 -17.75
ZN ZN B . -3.51 -2.13 7.23
ZN ZN C . 5.92 -0.84 -5.63
N GLY A 1 -4.26 -2.23 31.05
CA GLY A 1 -5.45 -3.04 31.07
C GLY A 1 -5.25 -4.35 31.81
N SER A 2 -4.30 -5.15 31.33
CA SER A 2 -3.99 -6.44 31.95
C SER A 2 -5.22 -7.34 31.94
N SER A 3 -5.93 -7.36 30.81
CA SER A 3 -7.13 -8.18 30.67
C SER A 3 -6.89 -9.58 31.20
N GLY A 4 -5.83 -10.22 30.72
CA GLY A 4 -5.51 -11.57 31.15
C GLY A 4 -4.96 -12.42 30.03
N SER A 5 -5.66 -12.42 28.89
CA SER A 5 -5.24 -13.20 27.73
C SER A 5 -3.72 -13.24 27.62
N SER A 6 -3.15 -14.43 27.80
CA SER A 6 -1.71 -14.60 27.72
C SER A 6 -1.35 -16.07 27.57
N GLY A 7 -0.49 -16.37 26.58
CA GLY A 7 -0.09 -17.74 26.35
C GLY A 7 0.53 -17.93 24.98
N PRO A 8 -0.27 -17.75 23.93
CA PRO A 8 0.17 -17.90 22.54
C PRO A 8 1.12 -16.79 22.12
N ARG A 9 1.51 -15.94 23.07
CA ARG A 9 2.42 -14.84 22.80
C ARG A 9 3.77 -15.36 22.34
N GLU A 10 4.21 -14.90 21.16
CA GLU A 10 5.48 -15.32 20.61
C GLU A 10 6.23 -14.14 19.98
N PRO A 11 7.44 -13.86 20.47
CA PRO A 11 8.26 -12.76 19.97
C PRO A 11 8.79 -13.03 18.57
N VAL A 12 8.38 -12.20 17.62
CA VAL A 12 8.80 -12.34 16.24
C VAL A 12 8.88 -10.97 15.54
N VAL A 13 9.88 -10.81 14.69
CA VAL A 13 10.06 -9.56 13.97
C VAL A 13 9.64 -9.70 12.50
N ASN A 14 9.02 -8.66 11.97
CA ASN A 14 8.58 -8.68 10.58
C ASN A 14 9.08 -7.44 9.83
N ASP A 15 9.33 -7.60 8.53
CA ASP A 15 9.81 -6.50 7.71
C ASP A 15 8.64 -5.79 7.04
N GLU A 16 7.83 -6.53 6.30
CA GLU A 16 6.68 -5.96 5.60
C GLU A 16 5.48 -5.88 6.53
N MET A 17 5.24 -4.69 7.08
CA MET A 17 4.11 -4.47 7.98
C MET A 17 3.36 -3.20 7.61
N CYS A 18 2.06 -3.33 7.34
CA CYS A 18 1.24 -2.19 6.99
C CYS A 18 1.53 -1.01 7.90
N ASP A 19 1.71 0.17 7.29
CA ASP A 19 2.00 1.38 8.04
C ASP A 19 0.75 1.86 8.80
N VAL A 20 -0.34 1.14 8.63
CA VAL A 20 -1.60 1.48 9.30
C VAL A 20 -2.06 0.36 10.22
N CYS A 21 -1.77 -0.88 9.84
CA CYS A 21 -2.15 -2.04 10.63
C CYS A 21 -0.93 -2.70 11.25
N GLU A 22 0.21 -2.58 10.58
CA GLU A 22 1.45 -3.17 11.06
C GLU A 22 1.32 -4.68 11.19
N VAL A 23 0.76 -5.31 10.16
CA VAL A 23 0.59 -6.75 10.15
C VAL A 23 0.73 -7.32 8.74
N TRP A 24 1.56 -8.34 8.59
CA TRP A 24 1.79 -8.97 7.29
C TRP A 24 0.92 -10.21 7.13
N THR A 25 0.93 -10.79 5.94
CA THR A 25 0.15 -11.99 5.65
C THR A 25 0.83 -12.86 4.61
N ALA A 26 0.67 -14.17 4.76
CA ALA A 26 1.28 -15.12 3.82
C ALA A 26 1.07 -14.68 2.37
N GLU A 27 -0.12 -14.16 2.08
CA GLU A 27 -0.45 -13.69 0.75
C GLU A 27 0.32 -12.43 0.40
N SER A 28 0.20 -11.99 -0.86
CA SER A 28 0.89 -10.79 -1.31
C SER A 28 0.44 -9.57 -0.53
N LEU A 29 1.41 -8.76 -0.11
CA LEU A 29 1.12 -7.55 0.66
C LEU A 29 1.11 -6.32 -0.24
N PHE A 30 0.04 -5.55 -0.18
CA PHE A 30 -0.08 -4.34 -0.99
C PHE A 30 0.61 -3.16 -0.31
N PRO A 31 1.05 -2.19 -1.13
CA PRO A 31 0.88 -2.23 -2.59
C PRO A 31 1.75 -3.31 -3.23
N CYS A 32 3.04 -3.29 -2.92
CA CYS A 32 3.97 -4.26 -3.48
C CYS A 32 4.84 -4.86 -2.38
N ARG A 33 5.78 -5.72 -2.77
CA ARG A 33 6.68 -6.36 -1.83
C ARG A 33 8.08 -5.75 -1.91
N VAL A 34 8.48 -5.35 -3.11
CA VAL A 34 9.80 -4.76 -3.32
C VAL A 34 9.96 -3.50 -2.48
N CYS A 35 8.91 -2.68 -2.43
CA CYS A 35 8.93 -1.44 -1.67
C CYS A 35 8.71 -1.71 -0.19
N THR A 36 9.80 -1.72 0.57
CA THR A 36 9.73 -1.96 2.01
C THR A 36 8.45 -1.40 2.60
N ARG A 37 8.23 -0.10 2.40
CA ARG A 37 7.03 0.55 2.92
C ARG A 37 5.77 -0.13 2.39
N VAL A 38 5.12 -0.92 3.25
CA VAL A 38 3.90 -1.62 2.86
C VAL A 38 2.68 -0.95 3.47
N PHE A 39 1.66 -0.74 2.64
CA PHE A 39 0.42 -0.11 3.08
C PHE A 39 -0.78 -0.60 2.27
N HIS A 40 -1.75 -1.20 2.96
CA HIS A 40 -2.94 -1.71 2.29
C HIS A 40 -3.68 -0.60 1.56
N ASP A 41 -3.86 -0.77 0.26
CA ASP A 41 -4.55 0.22 -0.55
C ASP A 41 -5.77 0.78 0.18
N GLY A 42 -6.61 -0.12 0.68
CA GLY A 42 -7.80 0.30 1.40
C GLY A 42 -7.48 1.20 2.58
N CYS A 43 -6.66 0.70 3.50
CA CYS A 43 -6.27 1.46 4.67
C CYS A 43 -6.06 2.93 4.33
N LEU A 44 -5.61 3.19 3.11
CA LEU A 44 -5.36 4.55 2.65
C LEU A 44 -6.67 5.35 2.61
N ARG A 45 -7.70 4.77 2.01
CA ARG A 45 -9.00 5.41 1.90
C ARG A 45 -9.76 5.32 3.23
N ARG A 46 -9.57 4.22 3.93
CA ARG A 46 -10.25 3.99 5.21
C ARG A 46 -9.83 5.06 6.23
N MET A 47 -8.54 5.41 6.23
CA MET A 47 -8.02 6.41 7.15
C MET A 47 -8.02 7.79 6.50
N GLY A 48 -7.33 7.92 5.37
CA GLY A 48 -7.27 9.19 4.69
C GLY A 48 -5.87 9.52 4.20
N TYR A 49 -5.44 8.83 3.15
CA TYR A 49 -4.11 9.05 2.59
C TYR A 49 -4.19 9.52 1.14
N ILE A 50 -5.10 8.92 0.38
CA ILE A 50 -5.29 9.27 -1.01
C ILE A 50 -6.65 9.93 -1.24
N GLN A 51 -7.67 9.42 -0.55
CA GLN A 51 -9.01 9.96 -0.67
C GLN A 51 -9.87 9.58 0.54
N GLY A 52 -10.35 10.59 1.25
CA GLY A 52 -11.17 10.34 2.42
C GLY A 52 -12.63 10.15 2.08
N ASP A 53 -12.98 8.96 1.59
CA ASP A 53 -14.35 8.66 1.22
C ASP A 53 -14.83 7.37 1.90
N SER A 54 -15.29 7.51 3.14
CA SER A 54 -15.77 6.36 3.90
C SER A 54 -17.20 5.99 3.49
N ALA A 55 -17.62 4.78 3.83
CA ALA A 55 -18.95 4.31 3.50
C ALA A 55 -19.12 4.13 1.99
N ALA A 56 -18.00 3.91 1.30
CA ALA A 56 -18.02 3.73 -0.14
C ALA A 56 -17.47 2.35 -0.52
N GLU A 57 -18.22 1.64 -1.37
CA GLU A 57 -17.81 0.32 -1.82
C GLU A 57 -16.67 0.41 -2.83
N VAL A 58 -15.45 0.48 -2.32
CA VAL A 58 -14.27 0.57 -3.19
C VAL A 58 -13.08 -0.16 -2.56
N THR A 59 -12.45 -1.01 -3.37
CA THR A 59 -11.29 -1.77 -2.90
C THR A 59 -10.02 -1.35 -3.63
N GLU A 60 -10.13 -1.21 -4.95
CA GLU A 60 -8.99 -0.81 -5.77
C GLU A 60 -7.91 -1.89 -5.76
N MET A 61 -8.34 -3.15 -5.75
CA MET A 61 -7.42 -4.27 -5.73
C MET A 61 -6.37 -4.13 -6.84
N ALA A 62 -5.20 -3.62 -6.46
CA ALA A 62 -4.11 -3.43 -7.41
C ALA A 62 -3.48 -4.76 -7.80
N HIS A 63 -3.01 -4.85 -9.05
CA HIS A 63 -2.39 -6.07 -9.53
C HIS A 63 -1.36 -6.60 -8.54
N THR A 64 -1.77 -7.55 -7.72
CA THR A 64 -0.89 -8.14 -6.72
C THR A 64 0.55 -8.17 -7.21
N GLU A 65 0.73 -8.58 -8.47
CA GLU A 65 2.06 -8.66 -9.06
C GLU A 65 2.60 -7.27 -9.39
N THR A 66 2.04 -6.67 -10.45
CA THR A 66 2.46 -5.34 -10.87
C THR A 66 1.28 -4.53 -11.38
N GLY A 67 0.90 -3.49 -10.64
CA GLY A 67 -0.21 -2.66 -11.04
C GLY A 67 -0.01 -1.20 -10.66
N TRP A 68 -0.47 -0.83 -9.48
CA TRP A 68 -0.34 0.54 -9.00
C TRP A 68 1.11 0.86 -8.66
N SER A 69 1.55 2.08 -8.97
CA SER A 69 2.91 2.50 -8.70
C SER A 69 2.96 3.43 -7.49
N CYS A 70 3.57 2.95 -6.41
CA CYS A 70 3.68 3.73 -5.19
C CYS A 70 4.39 5.05 -5.45
N HIS A 71 4.29 5.98 -4.49
CA HIS A 71 4.91 7.29 -4.62
C HIS A 71 6.36 7.16 -5.08
N TYR A 72 7.10 6.22 -4.48
CA TYR A 72 8.49 6.00 -4.83
C TYR A 72 8.67 4.64 -5.52
N CYS A 73 7.72 4.30 -6.39
CA CYS A 73 7.77 3.03 -7.11
C CYS A 73 7.64 3.26 -8.61
N ASP A 74 8.29 4.32 -9.10
CA ASP A 74 8.24 4.65 -10.53
C ASP A 74 9.61 4.44 -11.17
N ASN A 75 9.63 3.68 -12.26
CA ASN A 75 10.87 3.40 -12.98
C ASN A 75 10.80 3.89 -14.42
N ILE A 76 9.68 3.58 -15.08
CA ILE A 76 9.47 3.98 -16.46
C ILE A 76 9.85 5.45 -16.67
N ASN A 77 10.62 5.72 -17.72
CA ASN A 77 11.05 7.08 -18.02
C ASN A 77 10.35 7.60 -19.28
N LEU A 78 9.21 8.25 -19.08
CA LEU A 78 8.44 8.80 -20.19
C LEU A 78 8.16 10.28 -19.99
N LEU A 79 8.26 11.07 -21.06
CA LEU A 79 8.02 12.50 -20.99
C LEU A 79 6.52 12.79 -21.06
N LEU A 80 5.75 12.08 -20.24
CA LEU A 80 4.30 12.27 -20.21
C LEU A 80 3.95 13.75 -20.30
N THR A 81 2.84 14.05 -20.99
CA THR A 81 2.39 15.43 -21.15
C THR A 81 2.70 16.25 -19.91
N GLU A 82 3.46 17.32 -20.09
CA GLU A 82 3.82 18.20 -18.98
C GLU A 82 3.46 19.65 -19.29
N GLU A 83 2.67 20.25 -18.41
CA GLU A 83 2.24 21.63 -18.59
C GLU A 83 2.66 22.49 -17.40
N SER A 84 3.88 22.25 -16.90
CA SER A 84 4.39 22.99 -15.76
C SER A 84 5.90 22.83 -15.65
N GLY A 85 6.64 23.90 -15.97
CA GLY A 85 8.08 23.85 -15.90
C GLY A 85 8.74 24.59 -17.05
N PRO A 86 9.27 25.79 -16.76
CA PRO A 86 9.94 26.61 -17.77
C PRO A 86 11.27 26.02 -18.22
N SER A 87 11.59 24.84 -17.69
CA SER A 87 12.84 24.18 -18.03
C SER A 87 12.63 23.15 -19.14
N SER A 88 13.45 23.24 -20.18
CA SER A 88 13.35 22.32 -21.32
C SER A 88 13.98 20.98 -20.98
N GLY A 89 15.20 21.01 -20.44
CA GLY A 89 15.89 19.79 -20.08
C GLY A 89 14.96 18.74 -19.51
ZN ZN B . -3.57 -1.98 6.74
ZN ZN C . 5.43 -0.40 -4.55
N GLY A 1 9.79 0.15 27.65
CA GLY A 1 10.11 -0.07 26.25
C GLY A 1 11.12 -1.18 26.06
N SER A 2 10.98 -1.93 24.98
CA SER A 2 11.89 -3.04 24.69
C SER A 2 12.70 -2.75 23.42
N SER A 3 14.01 -2.62 23.58
CA SER A 3 14.89 -2.34 22.46
C SER A 3 16.34 -2.56 22.84
N GLY A 4 17.10 -3.16 21.93
CA GLY A 4 18.51 -3.43 22.20
C GLY A 4 19.11 -4.39 21.19
N SER A 5 19.00 -5.69 21.49
CA SER A 5 19.55 -6.71 20.60
C SER A 5 19.02 -6.55 19.18
N SER A 6 19.90 -6.75 18.21
CA SER A 6 19.54 -6.61 16.80
C SER A 6 18.87 -7.89 16.30
N GLY A 7 17.91 -8.40 17.06
CA GLY A 7 17.21 -9.61 16.67
C GLY A 7 18.00 -10.86 16.97
N PRO A 8 17.52 -11.67 17.92
CA PRO A 8 18.18 -12.91 18.31
C PRO A 8 18.10 -13.98 17.24
N ARG A 9 17.43 -13.66 16.14
CA ARG A 9 17.27 -14.59 15.03
C ARG A 9 18.06 -14.13 13.81
N GLU A 10 18.91 -15.01 13.29
CA GLU A 10 19.72 -14.68 12.12
C GLU A 10 18.86 -14.12 10.99
N PRO A 11 17.83 -14.90 10.60
CA PRO A 11 16.91 -14.50 9.52
C PRO A 11 16.01 -13.34 9.93
N VAL A 12 15.56 -12.58 8.93
CA VAL A 12 14.69 -11.44 9.18
C VAL A 12 13.27 -11.88 9.48
N VAL A 13 12.49 -11.01 10.12
CA VAL A 13 11.11 -11.31 10.46
C VAL A 13 10.24 -10.06 10.41
N ASN A 14 8.95 -10.25 10.17
CA ASN A 14 8.02 -9.14 10.09
C ASN A 14 8.67 -7.92 9.43
N ASP A 15 9.34 -8.15 8.30
CA ASP A 15 10.00 -7.07 7.57
C ASP A 15 8.98 -6.16 6.89
N GLU A 16 7.70 -6.52 7.01
CA GLU A 16 6.63 -5.73 6.41
C GLU A 16 5.45 -5.60 7.36
N MET A 17 5.12 -4.36 7.73
CA MET A 17 4.01 -4.10 8.63
C MET A 17 3.22 -2.89 8.18
N CYS A 18 1.95 -3.10 7.83
CA CYS A 18 1.08 -2.02 7.38
C CYS A 18 1.25 -0.78 8.26
N ASP A 19 1.17 0.39 7.63
CA ASP A 19 1.32 1.65 8.35
C ASP A 19 0.05 1.97 9.14
N VAL A 20 -0.96 1.12 9.00
CA VAL A 20 -2.22 1.32 9.70
C VAL A 20 -2.62 0.08 10.48
N CYS A 21 -2.08 -1.06 10.08
CA CYS A 21 -2.38 -2.33 10.74
C CYS A 21 -1.09 -3.01 11.20
N GLU A 22 0.03 -2.57 10.65
CA GLU A 22 1.34 -3.15 10.99
C GLU A 22 1.26 -4.67 11.03
N VAL A 23 0.68 -5.25 9.99
CA VAL A 23 0.55 -6.71 9.89
C VAL A 23 0.88 -7.20 8.50
N TRP A 24 1.36 -8.44 8.41
CA TRP A 24 1.71 -9.03 7.12
C TRP A 24 0.88 -10.27 6.84
N THR A 25 1.15 -10.93 5.72
CA THR A 25 0.42 -12.13 5.34
C THR A 25 1.23 -12.98 4.38
N ALA A 26 1.11 -14.30 4.53
CA ALA A 26 1.84 -15.23 3.67
C ALA A 26 1.65 -14.89 2.20
N GLU A 27 0.43 -14.45 1.85
CA GLU A 27 0.11 -14.10 0.48
C GLU A 27 0.70 -12.72 0.13
N SER A 28 0.52 -12.32 -1.12
CA SER A 28 1.03 -11.04 -1.59
C SER A 28 0.46 -9.89 -0.78
N LEU A 29 1.30 -8.93 -0.43
CA LEU A 29 0.87 -7.77 0.36
C LEU A 29 0.90 -6.50 -0.48
N PHE A 30 -0.19 -5.74 -0.44
CA PHE A 30 -0.28 -4.50 -1.19
C PHE A 30 0.38 -3.35 -0.45
N PRO A 31 0.86 -2.35 -1.20
CA PRO A 31 0.74 -2.34 -2.66
C PRO A 31 1.63 -3.39 -3.32
N CYS A 32 2.91 -3.38 -2.96
CA CYS A 32 3.87 -4.32 -3.53
C CYS A 32 4.78 -4.88 -2.44
N ARG A 33 5.66 -5.80 -2.82
CA ARG A 33 6.59 -6.41 -1.88
C ARG A 33 8.00 -5.85 -2.06
N VAL A 34 8.28 -5.36 -3.26
CA VAL A 34 9.59 -4.78 -3.56
C VAL A 34 9.89 -3.58 -2.66
N CYS A 35 9.17 -2.49 -2.88
CA CYS A 35 9.35 -1.28 -2.10
C CYS A 35 9.54 -1.61 -0.62
N THR A 36 10.29 -0.77 0.07
CA THR A 36 10.56 -0.97 1.49
C THR A 36 9.43 -0.42 2.35
N ARG A 37 8.21 -0.53 1.85
CA ARG A 37 7.04 -0.04 2.57
C ARG A 37 5.77 -0.78 2.13
N VAL A 38 5.05 -1.34 3.09
CA VAL A 38 3.82 -2.08 2.80
C VAL A 38 2.62 -1.44 3.51
N PHE A 39 1.57 -1.20 2.74
CA PHE A 39 0.36 -0.59 3.29
C PHE A 39 -0.88 -1.05 2.51
N HIS A 40 -1.91 -1.44 3.24
CA HIS A 40 -3.16 -1.89 2.62
C HIS A 40 -3.91 -0.73 2.00
N ASP A 41 -4.22 -0.83 0.71
CA ASP A 41 -4.94 0.22 0.00
C ASP A 41 -6.13 0.70 0.83
N GLY A 42 -7.02 -0.23 1.18
CA GLY A 42 -8.19 0.12 1.96
C GLY A 42 -7.86 1.04 3.13
N CYS A 43 -6.78 0.71 3.85
CA CYS A 43 -6.36 1.50 4.99
C CYS A 43 -6.02 2.93 4.57
N LEU A 44 -5.49 3.07 3.36
CA LEU A 44 -5.12 4.38 2.84
C LEU A 44 -6.35 5.25 2.61
N ARG A 45 -7.32 4.70 1.88
CA ARG A 45 -8.56 5.42 1.59
C ARG A 45 -9.37 5.66 2.86
N ARG A 46 -9.23 4.73 3.81
CA ARG A 46 -9.95 4.83 5.08
C ARG A 46 -9.47 6.02 5.89
N MET A 47 -8.19 5.99 6.27
CA MET A 47 -7.59 7.07 7.04
C MET A 47 -7.67 8.39 6.30
N GLY A 48 -7.16 8.41 5.07
CA GLY A 48 -7.17 9.62 4.26
C GLY A 48 -5.84 9.90 3.61
N TYR A 49 -5.29 8.90 2.93
CA TYR A 49 -4.01 9.04 2.26
C TYR A 49 -4.20 9.16 0.75
N ILE A 50 -5.18 8.44 0.22
CA ILE A 50 -5.47 8.47 -1.21
C ILE A 50 -6.48 9.57 -1.55
N GLN A 51 -7.72 9.37 -1.13
CA GLN A 51 -8.77 10.34 -1.39
C GLN A 51 -8.57 11.02 -2.75
N GLY A 52 -8.21 10.23 -3.75
CA GLY A 52 -8.00 10.76 -5.08
C GLY A 52 -9.24 10.71 -5.94
N ASP A 53 -10.06 11.75 -5.85
CA ASP A 53 -11.30 11.82 -6.62
C ASP A 53 -11.06 11.38 -8.06
N SER A 54 -9.96 11.85 -8.65
CA SER A 54 -9.63 11.49 -10.02
C SER A 54 -8.76 10.24 -10.07
N ALA A 55 -9.03 9.39 -11.06
CA ALA A 55 -8.27 8.16 -11.22
C ALA A 55 -7.63 8.08 -12.61
N ALA A 56 -6.37 7.65 -12.64
CA ALA A 56 -5.64 7.52 -13.90
C ALA A 56 -6.31 6.50 -14.81
N GLU A 57 -5.78 6.37 -16.03
CA GLU A 57 -6.31 5.43 -17.01
C GLU A 57 -5.55 4.11 -16.97
N VAL A 58 -5.22 3.65 -15.77
CA VAL A 58 -4.49 2.41 -15.59
C VAL A 58 -5.42 1.20 -15.67
N THR A 59 -6.70 1.43 -15.35
CA THR A 59 -7.69 0.37 -15.38
C THR A 59 -7.09 -0.96 -14.95
N GLU A 60 -6.29 -0.93 -13.88
CA GLU A 60 -5.65 -2.14 -13.37
C GLU A 60 -5.93 -2.31 -11.88
N MET A 61 -5.57 -3.47 -11.35
CA MET A 61 -5.78 -3.77 -9.94
C MET A 61 -5.11 -5.08 -9.56
N ALA A 62 -4.80 -5.23 -8.26
CA ALA A 62 -4.16 -6.43 -7.77
C ALA A 62 -4.96 -7.69 -8.13
N HIS A 63 -4.33 -8.84 -8.02
CA HIS A 63 -4.98 -10.11 -8.34
C HIS A 63 -5.20 -10.24 -9.85
N THR A 64 -4.21 -9.79 -10.62
CA THR A 64 -4.30 -9.86 -12.08
C THR A 64 -3.00 -10.37 -12.68
N GLU A 65 -2.96 -10.47 -14.01
CA GLU A 65 -1.78 -10.95 -14.71
C GLU A 65 -0.59 -10.02 -14.49
N THR A 66 -0.80 -8.73 -14.73
CA THR A 66 0.24 -7.73 -14.56
C THR A 66 0.47 -7.42 -13.09
N GLY A 67 -0.56 -7.63 -12.28
CA GLY A 67 -0.45 -7.36 -10.85
C GLY A 67 -0.68 -5.91 -10.51
N TRP A 68 -0.34 -5.52 -9.29
CA TRP A 68 -0.52 -4.14 -8.84
C TRP A 68 0.83 -3.44 -8.73
N SER A 69 0.88 -2.19 -9.18
CA SER A 69 2.10 -1.41 -9.12
C SER A 69 1.94 -0.20 -8.21
N CYS A 70 2.58 -0.25 -7.05
CA CYS A 70 2.51 0.83 -6.08
C CYS A 70 2.88 2.17 -6.72
N HIS A 71 2.81 3.24 -5.95
CA HIS A 71 3.14 4.57 -6.44
C HIS A 71 4.65 4.73 -6.63
N TYR A 72 5.41 4.15 -5.71
CA TYR A 72 6.87 4.23 -5.77
C TYR A 72 7.44 3.01 -6.47
N CYS A 73 6.69 2.49 -7.44
CA CYS A 73 7.13 1.31 -8.19
C CYS A 73 7.92 1.73 -9.43
N ASP A 74 8.68 2.82 -9.30
CA ASP A 74 9.48 3.32 -10.40
C ASP A 74 8.61 3.66 -11.60
N ASN A 75 7.52 4.38 -11.35
CA ASN A 75 6.60 4.77 -12.41
C ASN A 75 6.01 6.15 -12.14
N ILE A 76 5.19 6.63 -13.07
CA ILE A 76 4.56 7.94 -12.93
C ILE A 76 3.07 7.80 -12.69
N ASN A 77 2.42 8.92 -12.38
CA ASN A 77 0.98 8.92 -12.13
C ASN A 77 0.24 9.69 -13.23
N LEU A 78 0.54 10.98 -13.34
CA LEU A 78 -0.11 11.82 -14.34
C LEU A 78 0.73 11.87 -15.62
N LEU A 79 0.08 11.66 -16.75
CA LEU A 79 0.75 11.68 -18.05
C LEU A 79 0.19 12.78 -18.94
N LEU A 80 0.62 14.01 -18.70
CA LEU A 80 0.16 15.14 -19.48
C LEU A 80 1.34 15.99 -19.96
N THR A 81 1.10 16.82 -20.97
CA THR A 81 2.14 17.68 -21.52
C THR A 81 2.25 18.98 -20.73
N GLU A 82 1.11 19.49 -20.27
CA GLU A 82 1.09 20.73 -19.50
C GLU A 82 -0.20 20.83 -18.68
N GLU A 83 -0.06 21.20 -17.41
CA GLU A 83 -1.21 21.35 -16.53
C GLU A 83 -1.20 22.70 -15.83
N SER A 84 -0.14 22.98 -15.08
CA SER A 84 -0.01 24.24 -14.37
C SER A 84 1.29 24.95 -14.74
N GLY A 85 1.34 25.46 -15.97
CA GLY A 85 2.53 26.15 -16.42
C GLY A 85 2.77 25.98 -17.91
N PRO A 86 2.60 27.07 -18.67
CA PRO A 86 2.80 27.07 -20.12
C PRO A 86 4.25 26.89 -20.52
N SER A 87 5.14 26.92 -19.52
CA SER A 87 6.56 26.77 -19.76
C SER A 87 6.88 25.40 -20.35
N SER A 88 7.88 25.34 -21.22
CA SER A 88 8.27 24.09 -21.85
C SER A 88 9.62 24.25 -22.57
N GLY A 89 10.51 23.29 -22.34
CA GLY A 89 11.82 23.33 -22.96
C GLY A 89 12.12 22.09 -23.78
ZN ZN B . -3.69 -2.14 6.81
ZN ZN C . 6.48 -0.71 -5.35
N GLY A 1 -18.81 -8.06 5.36
CA GLY A 1 -17.72 -9.01 5.53
C GLY A 1 -16.39 -8.46 5.02
N SER A 2 -15.52 -9.35 4.58
CA SER A 2 -14.21 -8.95 4.07
C SER A 2 -13.56 -7.93 5.00
N SER A 3 -13.67 -8.17 6.30
CA SER A 3 -13.09 -7.26 7.29
C SER A 3 -11.57 -7.42 7.36
N GLY A 4 -10.91 -6.40 7.88
CA GLY A 4 -9.46 -6.44 7.99
C GLY A 4 -8.95 -7.80 8.44
N SER A 5 -7.81 -8.22 7.90
CA SER A 5 -7.22 -9.50 8.24
C SER A 5 -7.00 -9.61 9.75
N SER A 6 -7.41 -10.75 10.31
CA SER A 6 -7.26 -10.98 11.74
C SER A 6 -6.39 -12.20 12.01
N GLY A 7 -5.07 -11.99 12.01
CA GLY A 7 -4.15 -13.08 12.26
C GLY A 7 -3.46 -12.97 13.61
N PRO A 8 -4.09 -13.54 14.64
CA PRO A 8 -3.56 -13.52 16.00
C PRO A 8 -2.33 -14.40 16.16
N ARG A 9 -1.88 -14.98 15.05
CA ARG A 9 -0.71 -15.85 15.06
C ARG A 9 0.53 -15.09 15.52
N GLU A 10 1.35 -15.74 16.35
CA GLU A 10 2.56 -15.13 16.86
C GLU A 10 3.50 -14.75 15.73
N PRO A 11 3.81 -13.44 15.63
CA PRO A 11 4.70 -12.92 14.59
C PRO A 11 6.15 -13.34 14.80
N VAL A 12 6.86 -13.62 13.70
CA VAL A 12 8.25 -14.04 13.78
C VAL A 12 9.05 -13.48 12.60
N VAL A 13 10.30 -13.10 12.87
CA VAL A 13 11.16 -12.55 11.84
C VAL A 13 10.36 -11.82 10.77
N ASN A 14 9.31 -11.11 11.20
CA ASN A 14 8.45 -10.36 10.29
C ASN A 14 8.97 -8.94 10.11
N ASP A 15 9.03 -8.49 8.86
CA ASP A 15 9.51 -7.14 8.55
C ASP A 15 8.40 -6.32 7.91
N GLU A 16 7.94 -6.75 6.74
CA GLU A 16 6.89 -6.06 6.02
C GLU A 16 5.61 -5.98 6.85
N MET A 17 5.36 -4.81 7.43
CA MET A 17 4.17 -4.61 8.25
C MET A 17 3.46 -3.31 7.88
N CYS A 18 2.15 -3.38 7.74
CA CYS A 18 1.35 -2.22 7.38
C CYS A 18 1.67 -1.04 8.29
N ASP A 19 1.47 0.17 7.79
CA ASP A 19 1.74 1.38 8.55
C ASP A 19 0.52 1.78 9.38
N VAL A 20 -0.61 1.12 9.13
CA VAL A 20 -1.84 1.40 9.85
C VAL A 20 -2.30 0.20 10.66
N CYS A 21 -1.72 -0.97 10.37
CA CYS A 21 -2.06 -2.19 11.07
C CYS A 21 -0.82 -2.85 11.66
N GLU A 22 0.32 -2.67 11.00
CA GLU A 22 1.57 -3.24 11.46
C GLU A 22 1.50 -4.77 11.48
N VAL A 23 0.93 -5.34 10.43
CA VAL A 23 0.79 -6.79 10.33
C VAL A 23 1.07 -7.27 8.91
N TRP A 24 1.20 -8.58 8.74
CA TRP A 24 1.46 -9.17 7.43
C TRP A 24 0.55 -10.35 7.17
N THR A 25 0.58 -10.87 5.95
CA THR A 25 -0.26 -12.00 5.57
C THR A 25 0.48 -12.92 4.59
N ALA A 26 0.16 -14.21 4.65
CA ALA A 26 0.79 -15.18 3.77
C ALA A 26 0.73 -14.74 2.32
N GLU A 27 -0.41 -14.16 1.94
CA GLU A 27 -0.60 -13.69 0.57
C GLU A 27 0.25 -12.45 0.30
N SER A 28 0.29 -12.04 -0.97
CA SER A 28 1.07 -10.88 -1.36
C SER A 28 0.61 -9.63 -0.61
N LEU A 29 1.57 -8.79 -0.23
CA LEU A 29 1.26 -7.56 0.50
C LEU A 29 1.53 -6.34 -0.36
N PHE A 30 0.50 -5.54 -0.60
CA PHE A 30 0.63 -4.34 -1.41
C PHE A 30 1.08 -3.15 -0.56
N PRO A 31 1.77 -2.20 -1.18
CA PRO A 31 2.10 -2.27 -2.62
C PRO A 31 3.11 -3.36 -2.93
N CYS A 32 3.55 -3.42 -4.19
CA CYS A 32 4.51 -4.41 -4.63
C CYS A 32 5.49 -4.74 -3.50
N ARG A 33 5.93 -5.99 -3.45
CA ARG A 33 6.86 -6.44 -2.43
C ARG A 33 8.14 -5.61 -2.46
N VAL A 34 8.56 -5.23 -3.66
CA VAL A 34 9.78 -4.44 -3.84
C VAL A 34 9.72 -3.17 -3.00
N CYS A 35 8.52 -2.63 -2.81
CA CYS A 35 8.34 -1.42 -2.04
C CYS A 35 8.55 -1.69 -0.55
N THR A 36 9.79 -1.47 -0.09
CA THR A 36 10.13 -1.69 1.31
C THR A 36 8.95 -1.38 2.22
N ARG A 37 8.34 -0.22 2.02
CA ARG A 37 7.20 0.20 2.82
C ARG A 37 5.92 -0.50 2.35
N VAL A 38 5.28 -1.23 3.27
CA VAL A 38 4.06 -1.95 2.95
C VAL A 38 2.86 -1.32 3.65
N PHE A 39 1.80 -1.07 2.88
CA PHE A 39 0.59 -0.46 3.43
C PHE A 39 -0.64 -0.89 2.64
N HIS A 40 -1.69 -1.28 3.36
CA HIS A 40 -2.93 -1.71 2.73
C HIS A 40 -3.61 -0.55 2.01
N ASP A 41 -4.05 -0.80 0.78
CA ASP A 41 -4.71 0.23 -0.02
C ASP A 41 -5.96 0.74 0.70
N GLY A 42 -6.66 -0.17 1.38
CA GLY A 42 -7.86 0.21 2.10
C GLY A 42 -7.58 1.12 3.27
N CYS A 43 -6.57 0.76 4.07
CA CYS A 43 -6.19 1.55 5.23
C CYS A 43 -6.05 3.02 4.87
N LEU A 44 -5.63 3.29 3.63
CA LEU A 44 -5.44 4.65 3.15
C LEU A 44 -6.78 5.29 2.81
N ARG A 45 -7.47 4.74 1.81
CA ARG A 45 -8.76 5.27 1.40
C ARG A 45 -9.69 5.43 2.59
N ARG A 46 -9.61 4.49 3.53
CA ARG A 46 -10.45 4.54 4.72
C ARG A 46 -10.23 5.83 5.50
N MET A 47 -9.02 5.99 6.05
CA MET A 47 -8.67 7.17 6.81
C MET A 47 -8.85 8.43 5.98
N GLY A 48 -8.32 8.40 4.75
CA GLY A 48 -8.43 9.55 3.87
C GLY A 48 -7.07 10.05 3.41
N TYR A 49 -6.31 9.19 2.75
CA TYR A 49 -5.00 9.55 2.25
C TYR A 49 -5.02 9.79 0.75
N ILE A 50 -5.65 8.88 0.02
CA ILE A 50 -5.75 8.99 -1.43
C ILE A 50 -6.37 10.33 -1.84
N GLN A 51 -7.64 10.51 -1.49
CA GLN A 51 -8.35 11.74 -1.83
C GLN A 51 -9.12 12.26 -0.62
N GLY A 52 -9.70 11.35 0.15
CA GLY A 52 -10.45 11.74 1.33
C GLY A 52 -11.67 10.86 1.55
N ASP A 53 -12.73 11.12 0.79
CA ASP A 53 -13.97 10.35 0.92
C ASP A 53 -13.74 8.91 0.47
N SER A 54 -14.45 7.98 1.11
CA SER A 54 -14.33 6.57 0.78
C SER A 54 -14.43 6.34 -0.72
N ALA A 55 -14.26 5.09 -1.14
CA ALA A 55 -14.35 4.75 -2.56
C ALA A 55 -14.93 3.35 -2.75
N ALA A 56 -15.38 3.07 -3.97
CA ALA A 56 -15.96 1.77 -4.28
C ALA A 56 -15.00 0.93 -5.11
N GLU A 57 -15.43 -0.28 -5.46
CA GLU A 57 -14.61 -1.19 -6.26
C GLU A 57 -14.81 -0.95 -7.75
N VAL A 58 -14.75 0.32 -8.15
CA VAL A 58 -14.92 0.67 -9.55
C VAL A 58 -13.70 0.30 -10.38
N THR A 59 -12.62 1.05 -10.19
CA THR A 59 -11.37 0.79 -10.91
C THR A 59 -10.17 0.85 -9.99
N GLU A 60 -10.42 0.71 -8.69
CA GLU A 60 -9.37 0.75 -7.69
C GLU A 60 -8.85 -0.66 -7.39
N MET A 61 -7.98 -1.16 -8.26
CA MET A 61 -7.42 -2.49 -8.08
C MET A 61 -6.07 -2.62 -8.79
N ALA A 62 -5.06 -3.05 -8.05
CA ALA A 62 -3.71 -3.21 -8.61
C ALA A 62 -3.58 -4.53 -9.35
N HIS A 63 -3.73 -5.63 -8.60
CA HIS A 63 -3.62 -6.97 -9.19
C HIS A 63 -4.82 -7.27 -10.08
N THR A 64 -4.69 -6.95 -11.36
CA THR A 64 -5.77 -7.19 -12.32
C THR A 64 -5.27 -8.00 -13.52
N GLU A 65 -4.27 -7.47 -14.21
CA GLU A 65 -3.71 -8.14 -15.38
C GLU A 65 -2.20 -8.28 -15.24
N THR A 66 -1.51 -7.15 -15.14
CA THR A 66 -0.06 -7.15 -15.00
C THR A 66 0.38 -6.52 -13.69
N GLY A 67 -0.19 -5.36 -13.38
CA GLY A 67 0.15 -4.68 -12.15
C GLY A 67 0.15 -3.17 -12.29
N TRP A 68 -0.22 -2.47 -11.24
CA TRP A 68 -0.27 -1.00 -11.26
C TRP A 68 0.96 -0.41 -10.58
N SER A 69 1.38 0.75 -11.05
CA SER A 69 2.55 1.43 -10.48
C SER A 69 2.20 2.13 -9.18
N CYS A 70 2.80 1.68 -8.09
CA CYS A 70 2.55 2.27 -6.78
C CYS A 70 2.65 3.79 -6.83
N HIS A 71 2.39 4.43 -5.70
CA HIS A 71 2.45 5.88 -5.62
C HIS A 71 3.85 6.39 -5.95
N TYR A 72 4.85 5.78 -5.33
CA TYR A 72 6.24 6.17 -5.55
C TYR A 72 6.97 5.11 -6.37
N CYS A 73 6.31 4.60 -7.41
CA CYS A 73 6.89 3.59 -8.27
C CYS A 73 6.62 3.91 -9.74
N ASP A 74 6.85 5.17 -10.12
CA ASP A 74 6.63 5.61 -11.49
C ASP A 74 7.19 7.01 -11.71
N ASN A 75 7.22 7.45 -12.96
CA ASN A 75 7.74 8.77 -13.30
C ASN A 75 6.59 9.71 -13.68
N ILE A 76 5.77 9.27 -14.63
CA ILE A 76 4.64 10.07 -15.09
C ILE A 76 3.42 9.85 -14.21
N ASN A 77 3.23 10.75 -13.24
CA ASN A 77 2.11 10.67 -12.32
C ASN A 77 0.89 11.41 -12.88
N LEU A 78 -0.15 10.65 -13.23
CA LEU A 78 -1.36 11.24 -13.78
C LEU A 78 -2.31 11.67 -12.66
N LEU A 79 -3.28 12.50 -13.01
CA LEU A 79 -4.26 12.98 -12.03
C LEU A 79 -5.66 12.51 -12.39
N LEU A 80 -6.41 12.08 -11.37
CA LEU A 80 -7.78 11.61 -11.58
C LEU A 80 -8.55 12.56 -12.49
N THR A 81 -9.75 12.14 -12.88
CA THR A 81 -10.59 12.95 -13.76
C THR A 81 -11.23 14.10 -12.99
N GLU A 82 -11.85 15.02 -13.72
CA GLU A 82 -12.50 16.17 -13.11
C GLU A 82 -13.74 15.74 -12.33
N GLU A 83 -13.63 15.75 -11.01
CA GLU A 83 -14.74 15.36 -10.15
C GLU A 83 -14.49 15.80 -8.71
N SER A 84 -15.53 16.33 -8.07
CA SER A 84 -15.43 16.79 -6.69
C SER A 84 -15.32 15.61 -5.73
N GLY A 85 -16.24 14.66 -5.86
CA GLY A 85 -16.23 13.49 -5.00
C GLY A 85 -17.59 13.20 -4.41
N PRO A 86 -18.53 12.76 -5.25
CA PRO A 86 -19.90 12.43 -4.83
C PRO A 86 -19.94 11.17 -3.97
N SER A 87 -20.98 11.08 -3.14
CA SER A 87 -21.15 9.92 -2.26
C SER A 87 -22.63 9.65 -2.00
N SER A 88 -23.06 8.43 -2.32
CA SER A 88 -24.45 8.05 -2.12
C SER A 88 -24.75 7.85 -0.64
N GLY A 89 -26.04 7.94 -0.29
CA GLY A 89 -26.44 7.76 1.09
C GLY A 89 -27.94 7.89 1.29
ZN ZN B . -3.43 -1.91 7.08
ZN ZN C . 6.24 -0.52 -5.70
#